data_1E91
#
_entry.id   1E91
#
_cell.length_a   1.000
_cell.length_b   1.000
_cell.length_c   1.000
_cell.angle_alpha   90.00
_cell.angle_beta   90.00
_cell.angle_gamma   90.00
#
_symmetry.space_group_name_H-M   'P 1'
#
loop_
_entity.id
_entity.type
_entity.pdbx_description
1 polymer 'PAIRED AMPHIPATHIC HELIX PROTEIN SIN3B'
2 polymer 'MAD PROTEIN (MAX DIMERIZER)'
#
loop_
_entity_poly.entity_id
_entity_poly.type
_entity_poly.pdbx_seq_one_letter_code
_entity_poly.pdbx_strand_id
1 'polypeptide(L)'
;ESDSVEFNNAISYVNKIKTRFLDHPEIYRSFLEILHTYQKEQLHTKGRPFRGMSEEEVFTEVANLFRGQEDLLSEFGQFL
PEAKR
;
A
2 'polypeptide(L)' NIQMLLEAADYLE B
#
# COMPACT_ATOMS: atom_id res chain seq x y z
N GLU A 1 13.98 13.37 -7.75
CA GLU A 1 12.72 12.60 -7.88
C GLU A 1 11.52 13.53 -8.05
N SER A 2 11.67 14.52 -8.94
CA SER A 2 10.62 15.48 -9.20
C SER A 2 9.36 14.78 -9.70
N ASP A 3 9.54 13.76 -10.53
CA ASP A 3 8.43 13.00 -11.08
C ASP A 3 8.92 11.71 -11.73
N SER A 4 9.79 11.00 -11.02
CA SER A 4 10.33 9.74 -11.52
C SER A 4 9.24 8.77 -11.91
N VAL A 5 9.64 7.80 -12.73
CA VAL A 5 8.73 6.78 -13.20
C VAL A 5 8.07 6.09 -12.01
N GLU A 6 8.82 5.97 -10.92
CA GLU A 6 8.33 5.34 -9.70
C GLU A 6 7.08 6.06 -9.18
N PHE A 7 7.07 7.39 -9.30
CA PHE A 7 5.95 8.18 -8.84
C PHE A 7 4.67 7.78 -9.57
N ASN A 8 4.70 7.88 -10.90
CA ASN A 8 3.55 7.50 -11.72
C ASN A 8 3.32 6.00 -11.57
N ASN A 9 4.40 5.29 -11.31
CA ASN A 9 4.37 3.85 -11.12
C ASN A 9 3.45 3.51 -9.97
N ALA A 10 3.56 4.29 -8.90
CA ALA A 10 2.74 4.11 -7.71
C ALA A 10 1.30 4.52 -7.97
N ILE A 11 1.13 5.67 -8.62
CA ILE A 11 -0.20 6.18 -8.93
C ILE A 11 -1.00 5.14 -9.71
N SER A 12 -0.34 4.51 -10.68
CA SER A 12 -0.97 3.49 -11.49
C SER A 12 -1.50 2.35 -10.63
N TYR A 13 -0.76 2.02 -9.57
CA TYR A 13 -1.16 0.94 -8.67
C TYR A 13 -2.49 1.28 -7.98
N VAL A 14 -2.51 2.45 -7.35
CA VAL A 14 -3.70 2.90 -6.63
C VAL A 14 -4.89 3.06 -7.59
N ASN A 15 -4.62 3.63 -8.76
CA ASN A 15 -5.66 3.85 -9.76
C ASN A 15 -6.32 2.54 -10.14
N LYS A 16 -5.50 1.61 -10.61
CA LYS A 16 -5.97 0.31 -11.04
C LYS A 16 -6.80 -0.35 -9.95
N ILE A 17 -6.35 -0.19 -8.71
CA ILE A 17 -7.07 -0.77 -7.56
C ILE A 17 -8.47 -0.16 -7.46
N LYS A 18 -8.55 1.16 -7.68
CA LYS A 18 -9.82 1.87 -7.63
C LYS A 18 -10.76 1.39 -8.73
N THR A 19 -10.27 1.47 -9.96
CA THR A 19 -11.05 1.06 -11.13
C THR A 19 -11.42 -0.42 -11.05
N ARG A 20 -10.58 -1.21 -10.40
CA ARG A 20 -10.82 -2.64 -10.27
C ARG A 20 -12.04 -2.90 -9.39
N PHE A 21 -12.01 -2.38 -8.18
CA PHE A 21 -13.10 -2.57 -7.23
C PHE A 21 -14.12 -1.43 -7.30
N LEU A 22 -14.43 -0.96 -8.51
CA LEU A 22 -15.41 0.12 -8.66
C LEU A 22 -16.73 -0.26 -8.01
N ASP A 23 -17.07 -1.54 -8.07
CA ASP A 23 -18.31 -2.04 -7.48
C ASP A 23 -18.18 -2.13 -5.96
N HIS A 24 -17.01 -2.55 -5.50
CA HIS A 24 -16.74 -2.70 -4.08
C HIS A 24 -15.83 -1.58 -3.57
N PRO A 25 -16.39 -0.38 -3.33
CA PRO A 25 -15.62 0.77 -2.83
C PRO A 25 -14.98 0.50 -1.48
N GLU A 26 -15.67 -0.27 -0.65
CA GLU A 26 -15.18 -0.61 0.69
C GLU A 26 -13.75 -1.16 0.64
N ILE A 27 -13.41 -1.81 -0.46
CA ILE A 27 -12.07 -2.39 -0.62
C ILE A 27 -11.01 -1.29 -0.65
N TYR A 28 -11.29 -0.24 -1.41
CA TYR A 28 -10.37 0.88 -1.54
C TYR A 28 -10.02 1.47 -0.18
N ARG A 29 -11.05 1.69 0.64
CA ARG A 29 -10.86 2.23 1.99
C ARG A 29 -9.89 1.39 2.80
N SER A 30 -10.15 0.08 2.85
CA SER A 30 -9.32 -0.85 3.60
C SER A 30 -7.84 -0.76 3.21
N PHE A 31 -7.55 -0.95 1.93
CA PHE A 31 -6.17 -0.90 1.43
C PHE A 31 -5.47 0.36 1.93
N LEU A 32 -6.11 1.50 1.74
CA LEU A 32 -5.55 2.78 2.17
C LEU A 32 -5.34 2.79 3.67
N GLU A 33 -6.29 2.23 4.41
CA GLU A 33 -6.20 2.16 5.86
C GLU A 33 -4.99 1.31 6.26
N ILE A 34 -4.65 0.32 5.45
CA ILE A 34 -3.53 -0.55 5.72
C ILE A 34 -2.23 0.25 5.70
N LEU A 35 -1.94 0.86 4.55
CA LEU A 35 -0.74 1.68 4.41
C LEU A 35 -0.74 2.77 5.47
N HIS A 36 -1.92 3.31 5.73
CA HIS A 36 -2.12 4.34 6.74
C HIS A 36 -1.76 3.82 8.13
N THR A 37 -2.25 2.63 8.46
CA THR A 37 -1.97 2.01 9.75
C THR A 37 -0.48 2.00 10.02
N TYR A 38 0.29 1.73 8.98
CA TYR A 38 1.74 1.72 9.08
C TYR A 38 2.24 3.00 9.71
N GLN A 39 1.77 4.12 9.18
CA GLN A 39 2.16 5.43 9.67
C GLN A 39 1.81 5.60 11.14
N LYS A 40 0.63 5.12 11.53
CA LYS A 40 0.18 5.21 12.91
C LYS A 40 1.17 4.54 13.85
N GLU A 41 1.55 3.31 13.54
CA GLU A 41 2.49 2.55 14.36
C GLU A 41 3.92 2.98 14.08
N GLN A 42 4.17 4.28 14.06
CA GLN A 42 5.50 4.81 13.80
C GLN A 42 5.76 6.03 14.67
N LEU A 43 4.80 6.95 14.70
CA LEU A 43 4.93 8.17 15.49
C LEU A 43 4.85 7.86 16.98
N HIS A 44 4.25 8.79 17.75
CA HIS A 44 4.11 8.61 19.19
C HIS A 44 5.46 8.76 19.87
N THR A 45 6.20 9.79 19.45
CA THR A 45 7.51 10.08 19.97
C THR A 45 8.41 8.84 19.93
N LYS A 46 9.10 8.56 21.03
CA LYS A 46 9.99 7.41 21.10
C LYS A 46 9.26 6.13 20.71
N GLY A 47 9.92 5.31 19.89
CA GLY A 47 9.33 4.07 19.43
C GLY A 47 9.37 2.96 20.47
N ARG A 48 8.77 3.22 21.64
CA ARG A 48 8.75 2.23 22.71
C ARG A 48 8.13 0.91 22.22
N PRO A 49 8.73 -0.23 22.63
CA PRO A 49 8.24 -1.55 22.22
C PRO A 49 6.84 -1.84 22.73
N PHE A 50 5.97 -2.31 21.83
CA PHE A 50 4.59 -2.63 22.18
C PHE A 50 3.85 -3.16 20.95
N ARG A 51 4.45 -4.16 20.32
CA ARG A 51 3.88 -4.78 19.14
C ARG A 51 3.55 -3.75 18.08
N GLY A 52 4.57 -3.03 17.64
CA GLY A 52 4.40 -2.01 16.63
C GLY A 52 3.93 -2.56 15.30
N MET A 53 4.57 -2.10 14.23
CA MET A 53 4.20 -2.53 12.89
C MET A 53 5.21 -2.05 11.85
N SER A 54 5.21 -2.67 10.68
CA SER A 54 6.13 -2.30 9.61
C SER A 54 5.62 -2.77 8.26
N GLU A 55 6.53 -3.07 7.34
CA GLU A 55 6.18 -3.52 6.01
C GLU A 55 5.57 -4.92 6.04
N GLU A 56 6.09 -5.77 6.93
CA GLU A 56 5.61 -7.14 7.05
C GLU A 56 4.10 -7.21 7.24
N GLU A 57 3.57 -6.40 8.17
CA GLU A 57 2.14 -6.39 8.43
C GLU A 57 1.35 -5.89 7.22
N VAL A 58 1.78 -4.76 6.67
CA VAL A 58 1.11 -4.17 5.53
C VAL A 58 0.97 -5.18 4.40
N PHE A 59 2.02 -5.96 4.17
CA PHE A 59 2.01 -6.98 3.14
C PHE A 59 0.91 -8.00 3.40
N THR A 60 0.72 -8.34 4.68
CA THR A 60 -0.29 -9.31 5.07
C THR A 60 -1.70 -8.75 4.92
N GLU A 61 -1.93 -7.57 5.48
CA GLU A 61 -3.24 -6.92 5.40
C GLU A 61 -3.68 -6.73 3.95
N VAL A 62 -2.79 -6.22 3.12
CA VAL A 62 -3.10 -6.02 1.71
C VAL A 62 -3.36 -7.36 1.04
N ALA A 63 -2.54 -8.35 1.37
CA ALA A 63 -2.68 -9.69 0.81
C ALA A 63 -4.04 -10.27 1.19
N ASN A 64 -4.45 -10.02 2.42
CA ASN A 64 -5.73 -10.50 2.92
C ASN A 64 -6.88 -9.91 2.09
N LEU A 65 -6.75 -8.64 1.75
CA LEU A 65 -7.75 -7.95 0.95
C LEU A 65 -7.84 -8.57 -0.45
N PHE A 66 -6.74 -8.47 -1.17
CA PHE A 66 -6.66 -9.00 -2.53
C PHE A 66 -6.52 -10.52 -2.55
N ARG A 67 -7.28 -11.20 -1.69
CA ARG A 67 -7.23 -12.66 -1.62
C ARG A 67 -7.59 -13.28 -2.97
N GLY A 68 -6.76 -14.20 -3.44
CA GLY A 68 -6.99 -14.85 -4.71
C GLY A 68 -6.58 -13.97 -5.88
N GLN A 69 -6.89 -12.68 -5.78
CA GLN A 69 -6.55 -11.72 -6.83
C GLN A 69 -5.10 -11.26 -6.66
N GLU A 70 -4.18 -12.21 -6.61
CA GLU A 70 -2.76 -11.91 -6.44
C GLU A 70 -2.19 -11.12 -7.62
N ASP A 71 -3.04 -10.78 -8.59
CA ASP A 71 -2.60 -10.02 -9.75
C ASP A 71 -2.06 -8.66 -9.30
N LEU A 72 -2.87 -7.98 -8.49
CA LEU A 72 -2.50 -6.67 -7.94
C LEU A 72 -1.42 -6.83 -6.89
N LEU A 73 -1.49 -7.96 -6.18
CA LEU A 73 -0.53 -8.28 -5.15
C LEU A 73 0.88 -8.24 -5.69
N SER A 74 1.02 -8.72 -6.92
CA SER A 74 2.32 -8.74 -7.59
C SER A 74 2.91 -7.34 -7.65
N GLU A 75 2.07 -6.35 -7.94
CA GLU A 75 2.52 -4.97 -8.02
C GLU A 75 3.02 -4.49 -6.66
N PHE A 76 2.20 -4.70 -5.64
CA PHE A 76 2.56 -4.30 -4.28
C PHE A 76 3.88 -4.96 -3.85
N GLY A 77 4.01 -6.24 -4.18
CA GLY A 77 5.20 -6.99 -3.83
C GLY A 77 6.47 -6.39 -4.43
N GLN A 78 6.34 -5.84 -5.63
CA GLN A 78 7.48 -5.23 -6.31
C GLN A 78 8.16 -4.18 -5.43
N PHE A 79 7.36 -3.36 -4.76
CA PHE A 79 7.89 -2.32 -3.88
C PHE A 79 8.55 -2.95 -2.66
N LEU A 80 7.85 -3.88 -2.04
CA LEU A 80 8.36 -4.58 -0.86
C LEU A 80 9.57 -5.45 -1.23
N PRO A 81 10.53 -5.61 -0.30
CA PRO A 81 11.72 -6.43 -0.55
C PRO A 81 11.37 -7.86 -0.96
N GLU A 82 11.94 -8.31 -2.07
CA GLU A 82 11.68 -9.66 -2.57
C GLU A 82 12.26 -10.71 -1.62
N ALA A 83 11.46 -11.72 -1.29
CA ALA A 83 11.88 -12.79 -0.40
C ALA A 83 12.82 -13.76 -1.11
N LYS A 84 12.73 -15.04 -0.77
CA LYS A 84 13.56 -16.07 -1.37
C LYS A 84 13.17 -16.31 -2.82
N ARG A 85 14.17 -16.53 -3.67
CA ARG A 85 13.95 -16.78 -5.10
C ARG A 85 13.29 -15.56 -5.75
N ASN B 1 9.49 2.98 -0.40
CA ASN B 1 8.55 2.50 -1.45
C ASN B 1 7.10 2.74 -1.05
N ILE B 2 6.80 2.54 0.23
CA ILE B 2 5.46 2.73 0.75
C ILE B 2 5.05 4.20 0.65
N GLN B 3 6.02 5.09 0.78
CA GLN B 3 5.78 6.53 0.70
C GLN B 3 5.07 6.89 -0.61
N MET B 4 5.50 6.27 -1.70
CA MET B 4 4.93 6.53 -3.01
C MET B 4 3.47 6.08 -3.09
N LEU B 5 3.19 4.86 -2.63
CA LEU B 5 1.83 4.32 -2.67
C LEU B 5 0.91 5.10 -1.73
N LEU B 6 1.36 5.27 -0.49
CA LEU B 6 0.59 6.00 0.52
C LEU B 6 0.26 7.41 0.03
N GLU B 7 1.26 8.07 -0.54
CA GLU B 7 1.07 9.43 -1.06
C GLU B 7 0.19 9.41 -2.31
N ALA B 8 0.36 8.39 -3.13
CA ALA B 8 -0.41 8.24 -4.36
C ALA B 8 -1.90 8.34 -4.11
N ALA B 9 -2.35 7.70 -3.04
CA ALA B 9 -3.77 7.71 -2.68
C ALA B 9 -4.31 9.14 -2.57
N ASP B 10 -3.55 10.00 -1.90
CA ASP B 10 -3.95 11.39 -1.73
C ASP B 10 -4.05 12.10 -3.08
N TYR B 11 -3.11 11.79 -3.97
CA TYR B 11 -3.08 12.39 -5.30
C TYR B 11 -4.39 12.14 -6.05
N LEU B 12 -4.76 10.87 -6.18
CA LEU B 12 -5.98 10.50 -6.88
C LEU B 12 -7.21 11.06 -6.18
N GLU B 13 -7.25 10.91 -4.86
CA GLU B 13 -8.38 11.40 -4.07
C GLU B 13 -8.48 12.92 -4.15
N GLU A 1 11.95 15.53 -14.84
CA GLU A 1 11.99 16.93 -14.36
C GLU A 1 11.62 17.02 -12.89
N SER A 2 10.59 16.29 -12.49
CA SER A 2 10.13 16.28 -11.11
C SER A 2 9.25 15.07 -10.84
N ASP A 3 8.24 14.88 -11.68
CA ASP A 3 7.32 13.75 -11.53
C ASP A 3 7.99 12.45 -11.97
N SER A 4 8.85 11.92 -11.11
CA SER A 4 9.56 10.67 -11.40
C SER A 4 8.61 9.57 -11.84
N VAL A 5 9.13 8.72 -12.69
CA VAL A 5 8.37 7.59 -13.21
C VAL A 5 7.85 6.76 -12.05
N GLU A 6 8.67 6.61 -11.02
CA GLU A 6 8.31 5.84 -9.84
C GLU A 6 7.07 6.42 -9.16
N PHE A 7 6.96 7.75 -9.17
CA PHE A 7 5.81 8.41 -8.56
C PHE A 7 4.52 8.00 -9.25
N ASN A 8 4.43 8.27 -10.55
CA ASN A 8 3.26 7.90 -11.32
C ASN A 8 3.11 6.38 -11.31
N ASN A 9 4.25 5.72 -11.21
CA ASN A 9 4.31 4.26 -11.17
C ASN A 9 3.46 3.76 -10.01
N ALA A 10 3.59 4.42 -8.87
CA ALA A 10 2.83 4.06 -7.68
C ALA A 10 1.36 4.41 -7.86
N ILE A 11 1.10 5.60 -8.41
CA ILE A 11 -0.26 6.07 -8.65
C ILE A 11 -1.07 5.01 -9.38
N SER A 12 -0.47 4.44 -10.42
CA SER A 12 -1.14 3.43 -11.23
C SER A 12 -1.59 2.25 -10.38
N TYR A 13 -0.77 1.83 -9.41
CA TYR A 13 -1.15 0.71 -8.57
C TYR A 13 -2.42 1.03 -7.80
N VAL A 14 -2.40 2.18 -7.13
CA VAL A 14 -3.55 2.62 -6.36
C VAL A 14 -4.75 2.86 -7.26
N ASN A 15 -4.46 3.36 -8.46
CA ASN A 15 -5.50 3.66 -9.45
C ASN A 15 -6.19 2.39 -9.93
N LYS A 16 -5.40 1.36 -10.28
CA LYS A 16 -5.98 0.11 -10.75
C LYS A 16 -6.84 -0.52 -9.66
N ILE A 17 -6.35 -0.45 -8.43
CA ILE A 17 -7.08 -0.99 -7.29
C ILE A 17 -8.43 -0.29 -7.17
N LYS A 18 -8.42 1.00 -7.46
CA LYS A 18 -9.64 1.80 -7.39
C LYS A 18 -10.63 1.39 -8.47
N THR A 19 -10.15 1.29 -9.71
CA THR A 19 -10.99 0.91 -10.85
C THR A 19 -11.38 -0.56 -10.80
N ARG A 20 -10.53 -1.38 -10.19
CA ARG A 20 -10.79 -2.80 -10.09
C ARG A 20 -12.02 -3.09 -9.24
N PHE A 21 -11.97 -2.66 -7.99
CA PHE A 21 -13.07 -2.87 -7.06
C PHE A 21 -14.03 -1.69 -7.04
N LEU A 22 -14.33 -1.12 -8.20
CA LEU A 22 -15.25 0.01 -8.29
C LEU A 22 -16.58 -0.32 -7.62
N ASP A 23 -16.99 -1.58 -7.73
CA ASP A 23 -18.23 -2.04 -7.14
C ASP A 23 -18.07 -2.19 -5.63
N HIS A 24 -16.91 -2.67 -5.21
CA HIS A 24 -16.61 -2.87 -3.81
C HIS A 24 -15.63 -1.81 -3.30
N PRO A 25 -16.12 -0.59 -3.02
CA PRO A 25 -15.29 0.51 -2.52
C PRO A 25 -14.57 0.16 -1.23
N GLU A 26 -15.22 -0.65 -0.40
CA GLU A 26 -14.65 -1.08 0.88
C GLU A 26 -13.25 -1.63 0.68
N ILE A 27 -13.02 -2.30 -0.44
CA ILE A 27 -11.71 -2.89 -0.75
C ILE A 27 -10.66 -1.80 -0.92
N TYR A 28 -11.00 -0.78 -1.69
CA TYR A 28 -10.09 0.33 -1.95
C TYR A 28 -9.75 1.05 -0.66
N ARG A 29 -10.78 1.55 -0.01
CA ARG A 29 -10.64 2.29 1.23
C ARG A 29 -9.79 1.53 2.25
N SER A 30 -10.16 0.28 2.51
CA SER A 30 -9.42 -0.56 3.47
C SER A 30 -7.93 -0.57 3.14
N PHE A 31 -7.60 -0.87 1.89
CA PHE A 31 -6.21 -0.91 1.45
C PHE A 31 -5.49 0.39 1.84
N LEU A 32 -6.11 1.51 1.50
CA LEU A 32 -5.55 2.82 1.82
C LEU A 32 -5.32 2.94 3.31
N GLU A 33 -6.28 2.45 4.09
CA GLU A 33 -6.19 2.49 5.54
C GLU A 33 -5.04 1.62 6.02
N ILE A 34 -4.73 0.56 5.28
CA ILE A 34 -3.63 -0.33 5.65
C ILE A 34 -2.32 0.44 5.63
N LEU A 35 -2.03 1.08 4.50
CA LEU A 35 -0.83 1.89 4.36
C LEU A 35 -0.88 3.03 5.38
N HIS A 36 -2.08 3.57 5.53
CA HIS A 36 -2.34 4.66 6.47
C HIS A 36 -1.99 4.23 7.90
N THR A 37 -2.38 3.02 8.26
CA THR A 37 -2.11 2.49 9.59
C THR A 37 -0.61 2.39 9.82
N TYR A 38 0.11 1.98 8.78
CA TYR A 38 1.55 1.85 8.84
C TYR A 38 2.20 3.15 9.31
N GLN A 39 1.92 4.22 8.57
CA GLN A 39 2.47 5.53 8.89
C GLN A 39 2.03 6.02 10.27
N LYS A 40 0.75 5.81 10.58
CA LYS A 40 0.22 6.24 11.87
C LYS A 40 0.97 5.62 13.04
N GLU A 41 1.20 4.31 12.96
CA GLU A 41 1.91 3.59 14.01
C GLU A 41 3.37 4.03 14.11
N GLN A 42 4.05 4.11 12.96
CA GLN A 42 5.45 4.51 12.93
C GLN A 42 5.64 5.91 13.49
N LEU A 43 4.83 6.85 13.03
CA LEU A 43 4.91 8.24 13.48
C LEU A 43 4.63 8.34 14.98
N HIS A 44 5.45 9.12 15.68
CA HIS A 44 5.34 9.31 17.12
C HIS A 44 5.99 8.15 17.83
N THR A 45 6.98 8.44 18.65
CA THR A 45 7.69 7.40 19.35
C THR A 45 6.81 6.69 20.38
N LYS A 46 7.36 6.37 21.55
CA LYS A 46 6.61 5.69 22.59
C LYS A 46 6.01 4.38 22.07
N GLY A 47 6.88 3.46 21.66
CA GLY A 47 6.43 2.19 21.16
C GLY A 47 7.51 1.12 21.20
N ARG A 48 7.11 -0.11 21.52
CA ARG A 48 8.05 -1.22 21.61
C ARG A 48 8.87 -1.35 20.33
N PRO A 49 10.19 -1.61 20.46
CA PRO A 49 11.08 -1.76 19.32
C PRO A 49 10.77 -3.01 18.50
N PHE A 50 10.53 -2.82 17.20
CA PHE A 50 10.23 -3.93 16.30
C PHE A 50 9.09 -4.78 16.86
N ARG A 51 8.04 -4.10 17.30
CA ARG A 51 6.89 -4.76 17.88
C ARG A 51 5.62 -3.96 17.59
N GLY A 52 5.34 -3.79 16.31
CA GLY A 52 4.17 -3.05 15.90
C GLY A 52 3.74 -3.37 14.49
N MET A 53 3.98 -2.42 13.58
CA MET A 53 3.60 -2.59 12.19
C MET A 53 4.69 -2.10 11.26
N SER A 54 4.84 -2.79 10.13
CA SER A 54 5.85 -2.43 9.13
C SER A 54 5.51 -3.07 7.79
N GLU A 55 6.52 -3.27 6.96
CA GLU A 55 6.33 -3.86 5.64
C GLU A 55 5.74 -5.27 5.75
N GLU A 56 6.10 -5.98 6.80
CA GLU A 56 5.61 -7.34 7.01
C GLU A 56 4.09 -7.40 7.17
N GLU A 57 3.54 -6.58 8.06
CA GLU A 57 2.10 -6.57 8.29
C GLU A 57 1.33 -5.93 7.15
N VAL A 58 1.82 -4.80 6.64
CA VAL A 58 1.16 -4.11 5.54
C VAL A 58 0.93 -5.08 4.38
N PHE A 59 1.95 -5.87 4.08
CA PHE A 59 1.87 -6.86 3.01
C PHE A 59 0.79 -7.90 3.33
N THR A 60 0.65 -8.22 4.60
CA THR A 60 -0.34 -9.20 5.05
C THR A 60 -1.77 -8.72 4.85
N GLU A 61 -2.09 -7.56 5.42
CA GLU A 61 -3.43 -7.00 5.32
C GLU A 61 -3.85 -6.80 3.86
N VAL A 62 -2.94 -6.28 3.04
CA VAL A 62 -3.22 -6.05 1.63
C VAL A 62 -3.46 -7.39 0.93
N ALA A 63 -2.64 -8.38 1.27
CA ALA A 63 -2.78 -9.72 0.68
C ALA A 63 -4.15 -10.29 1.01
N ASN A 64 -4.56 -10.13 2.26
CA ASN A 64 -5.85 -10.62 2.72
C ASN A 64 -6.98 -9.94 1.95
N LEU A 65 -6.83 -8.65 1.71
CA LEU A 65 -7.81 -7.87 0.97
C LEU A 65 -7.98 -8.38 -0.45
N PHE A 66 -6.90 -8.27 -1.22
CA PHE A 66 -6.89 -8.69 -2.62
C PHE A 66 -6.83 -10.20 -2.75
N ARG A 67 -7.59 -10.91 -1.92
CA ARG A 67 -7.61 -12.36 -1.97
C ARG A 67 -8.10 -12.84 -3.33
N GLY A 68 -7.39 -13.80 -3.91
CA GLY A 68 -7.76 -14.31 -5.22
C GLY A 68 -7.23 -13.44 -6.33
N GLN A 69 -7.39 -12.12 -6.18
CA GLN A 69 -6.93 -11.16 -7.17
C GLN A 69 -5.45 -10.85 -6.94
N GLU A 70 -4.64 -11.89 -6.79
CA GLU A 70 -3.20 -11.72 -6.54
C GLU A 70 -2.48 -11.07 -7.72
N ASP A 71 -3.23 -10.62 -8.73
CA ASP A 71 -2.62 -9.97 -9.88
C ASP A 71 -2.01 -8.64 -9.45
N LEU A 72 -2.77 -7.89 -8.67
CA LEU A 72 -2.32 -6.60 -8.15
C LEU A 72 -1.27 -6.83 -7.06
N LEU A 73 -1.49 -7.91 -6.31
CA LEU A 73 -0.61 -8.28 -5.21
C LEU A 73 0.85 -8.32 -5.67
N SER A 74 1.06 -8.91 -6.84
CA SER A 74 2.40 -9.05 -7.40
C SER A 74 3.07 -7.68 -7.53
N GLU A 75 2.30 -6.68 -7.94
CA GLU A 75 2.81 -5.33 -8.10
C GLU A 75 3.23 -4.75 -6.75
N PHE A 76 2.38 -4.93 -5.74
CA PHE A 76 2.67 -4.43 -4.40
C PHE A 76 3.97 -5.02 -3.86
N GLY A 77 4.15 -6.32 -4.09
CA GLY A 77 5.36 -7.00 -3.62
C GLY A 77 6.61 -6.56 -4.34
N GLN A 78 6.47 -6.04 -5.55
CA GLN A 78 7.61 -5.60 -6.35
C GLN A 78 8.62 -4.81 -5.50
N PHE A 79 8.13 -3.76 -4.84
CA PHE A 79 9.00 -2.94 -3.99
C PHE A 79 9.30 -3.65 -2.67
N LEU A 80 8.30 -4.34 -2.15
CA LEU A 80 8.45 -5.07 -0.90
C LEU A 80 9.52 -6.16 -1.02
N PRO A 81 10.18 -6.51 0.09
CA PRO A 81 11.23 -7.55 0.10
C PRO A 81 10.73 -8.88 -0.47
N GLU A 82 11.58 -9.52 -1.27
CA GLU A 82 11.24 -10.79 -1.89
C GLU A 82 10.88 -11.84 -0.84
N ALA A 83 11.63 -11.85 0.26
CA ALA A 83 11.41 -12.80 1.34
C ALA A 83 9.96 -12.76 1.84
N LYS A 84 9.42 -13.92 2.20
CA LYS A 84 8.05 -14.01 2.70
C LYS A 84 7.83 -15.33 3.42
N ARG A 85 8.00 -16.44 2.69
CA ARG A 85 7.81 -17.77 3.27
C ARG A 85 6.44 -17.89 3.92
N ASN B 1 8.71 3.43 -2.03
CA ASN B 1 8.09 2.25 -1.37
C ASN B 1 6.69 2.58 -0.86
N ILE B 2 6.41 2.24 0.40
CA ILE B 2 5.11 2.50 1.00
C ILE B 2 4.82 4.00 1.08
N GLN B 3 5.88 4.79 1.24
CA GLN B 3 5.75 6.24 1.33
C GLN B 3 5.12 6.82 0.07
N MET B 4 5.65 6.43 -1.09
CA MET B 4 5.14 6.91 -2.36
C MET B 4 3.79 6.28 -2.69
N LEU B 5 3.66 4.98 -2.42
CA LEU B 5 2.42 4.26 -2.69
C LEU B 5 1.25 4.87 -1.90
N LEU B 6 1.45 5.04 -0.60
CA LEU B 6 0.42 5.61 0.25
C LEU B 6 0.13 7.04 -0.17
N GLU B 7 1.19 7.78 -0.49
CA GLU B 7 1.07 9.16 -0.93
C GLU B 7 0.22 9.23 -2.20
N ALA B 8 0.36 8.20 -3.04
CA ALA B 8 -0.38 8.12 -4.29
C ALA B 8 -1.89 8.21 -4.04
N ALA B 9 -2.35 7.52 -3.01
CA ALA B 9 -3.76 7.51 -2.66
C ALA B 9 -4.27 8.93 -2.39
N ASP B 10 -3.47 9.69 -1.65
CA ASP B 10 -3.83 11.07 -1.33
C ASP B 10 -3.98 11.91 -2.60
N TYR B 11 -3.05 11.72 -3.52
CA TYR B 11 -3.07 12.46 -4.78
C TYR B 11 -4.33 12.16 -5.59
N LEU B 12 -4.58 10.88 -5.84
CA LEU B 12 -5.75 10.46 -6.59
C LEU B 12 -7.04 10.88 -5.87
N GLU B 13 -7.00 10.85 -4.54
CA GLU B 13 -8.16 11.22 -3.73
C GLU B 13 -8.61 12.64 -4.05
N GLU A 1 11.61 11.08 -16.04
CA GLU A 1 12.31 12.40 -15.91
C GLU A 1 12.65 12.70 -14.46
N SER A 2 12.42 13.94 -14.04
CA SER A 2 12.72 14.35 -12.67
C SER A 2 11.95 13.50 -11.66
N ASP A 3 10.64 13.36 -11.87
CA ASP A 3 9.81 12.56 -10.98
C ASP A 3 10.18 11.09 -11.08
N SER A 4 10.43 10.47 -9.93
CA SER A 4 10.80 9.07 -9.88
C SER A 4 9.69 8.17 -10.41
N VAL A 5 10.12 7.12 -11.09
CA VAL A 5 9.21 6.14 -11.64
C VAL A 5 8.33 5.56 -10.54
N GLU A 6 8.94 5.30 -9.39
CA GLU A 6 8.22 4.75 -8.24
C GLU A 6 7.00 5.60 -7.91
N PHE A 7 7.12 6.91 -8.09
CA PHE A 7 6.03 7.83 -7.79
C PHE A 7 4.83 7.60 -8.72
N ASN A 8 5.03 7.84 -10.01
CA ASN A 8 3.97 7.65 -10.99
C ASN A 8 3.50 6.21 -10.99
N ASN A 9 4.46 5.29 -10.93
CA ASN A 9 4.18 3.87 -10.88
C ASN A 9 3.25 3.58 -9.71
N ALA A 10 3.53 4.22 -8.59
CA ALA A 10 2.71 4.07 -7.40
C ALA A 10 1.29 4.57 -7.66
N ILE A 11 1.20 5.68 -8.39
CA ILE A 11 -0.10 6.25 -8.73
C ILE A 11 -0.93 5.27 -9.55
N SER A 12 -0.27 4.64 -10.53
CA SER A 12 -0.94 3.67 -11.39
C SER A 12 -1.51 2.51 -10.59
N TYR A 13 -0.74 2.03 -9.61
CA TYR A 13 -1.19 0.92 -8.78
C TYR A 13 -2.47 1.28 -8.05
N VAL A 14 -2.46 2.42 -7.38
CA VAL A 14 -3.63 2.89 -6.64
C VAL A 14 -4.84 3.03 -7.55
N ASN A 15 -4.63 3.60 -8.73
CA ASN A 15 -5.71 3.79 -9.69
C ASN A 15 -6.33 2.46 -10.07
N LYS A 16 -5.50 1.56 -10.59
CA LYS A 16 -5.96 0.24 -11.01
C LYS A 16 -6.70 -0.46 -9.89
N ILE A 17 -6.20 -0.29 -8.66
CA ILE A 17 -6.85 -0.90 -7.50
C ILE A 17 -8.26 -0.36 -7.33
N LYS A 18 -8.41 0.95 -7.55
CA LYS A 18 -9.70 1.61 -7.44
C LYS A 18 -10.67 1.09 -8.49
N THR A 19 -10.24 1.19 -9.75
CA THR A 19 -11.05 0.76 -10.89
C THR A 19 -11.36 -0.73 -10.82
N ARG A 20 -10.47 -1.50 -10.23
CA ARG A 20 -10.66 -2.94 -10.11
C ARG A 20 -11.88 -3.26 -9.25
N PHE A 21 -11.86 -2.78 -8.01
CA PHE A 21 -12.96 -3.02 -7.09
C PHE A 21 -13.97 -1.87 -7.07
N LEU A 22 -14.33 -1.37 -8.26
CA LEU A 22 -15.30 -0.28 -8.36
C LEU A 22 -16.61 -0.65 -7.67
N ASP A 23 -16.97 -1.92 -7.75
CA ASP A 23 -18.19 -2.42 -7.13
C ASP A 23 -18.02 -2.54 -5.62
N HIS A 24 -16.83 -2.95 -5.20
CA HIS A 24 -16.52 -3.11 -3.79
C HIS A 24 -15.59 -2.00 -3.30
N PRO A 25 -16.13 -0.79 -3.06
CA PRO A 25 -15.33 0.35 -2.57
C PRO A 25 -14.64 0.06 -1.24
N GLU A 26 -15.32 -0.73 -0.40
CA GLU A 26 -14.77 -1.09 0.90
C GLU A 26 -13.35 -1.63 0.78
N ILE A 27 -13.07 -2.29 -0.33
CA ILE A 27 -11.75 -2.85 -0.58
C ILE A 27 -10.70 -1.74 -0.67
N TYR A 28 -11.02 -0.72 -1.47
CA TYR A 28 -10.12 0.41 -1.67
C TYR A 28 -9.82 1.11 -0.35
N ARG A 29 -10.87 1.42 0.40
CA ARG A 29 -10.73 2.09 1.68
C ARG A 29 -9.81 1.32 2.62
N SER A 30 -10.11 0.04 2.81
CA SER A 30 -9.32 -0.80 3.70
C SER A 30 -7.84 -0.75 3.31
N PHE A 31 -7.56 -0.89 2.02
CA PHE A 31 -6.19 -0.83 1.52
C PHE A 31 -5.48 0.43 1.98
N LEU A 32 -6.16 1.56 1.78
CA LEU A 32 -5.61 2.85 2.17
C LEU A 32 -5.31 2.88 3.66
N GLU A 33 -6.27 2.42 4.46
CA GLU A 33 -6.11 2.38 5.90
C GLU A 33 -4.91 1.53 6.29
N ILE A 34 -4.61 0.52 5.47
CA ILE A 34 -3.46 -0.35 5.71
C ILE A 34 -2.17 0.46 5.69
N LEU A 35 -1.91 1.07 4.54
CA LEU A 35 -0.71 1.89 4.37
C LEU A 35 -0.76 3.04 5.38
N HIS A 36 -1.98 3.53 5.62
CA HIS A 36 -2.23 4.61 6.56
C HIS A 36 -1.81 4.20 7.97
N THR A 37 -2.16 2.97 8.36
CA THR A 37 -1.81 2.45 9.67
C THR A 37 -0.30 2.38 9.84
N TYR A 38 0.37 2.03 8.75
CA TYR A 38 1.82 1.91 8.74
C TYR A 38 2.49 3.24 9.13
N GLN A 39 2.25 4.26 8.33
CA GLN A 39 2.83 5.58 8.56
C GLN A 39 2.39 6.19 9.89
N LYS A 40 1.09 6.11 10.19
CA LYS A 40 0.57 6.68 11.43
C LYS A 40 1.28 6.09 12.65
N GLU A 41 1.38 4.76 12.70
CA GLU A 41 2.03 4.09 13.83
C GLU A 41 3.55 4.12 13.67
N GLN A 42 4.08 5.28 13.28
CA GLN A 42 5.51 5.44 13.09
C GLN A 42 5.93 6.89 13.30
N LEU A 43 5.25 7.80 12.61
CA LEU A 43 5.54 9.23 12.73
C LEU A 43 5.06 9.77 14.06
N HIS A 44 3.76 9.65 14.31
CA HIS A 44 3.17 10.12 15.57
C HIS A 44 3.09 8.99 16.58
N THR A 45 2.73 7.80 16.11
CA THR A 45 2.61 6.62 16.96
C THR A 45 1.48 6.76 17.97
N LYS A 46 0.64 5.73 18.03
CA LYS A 46 -0.49 5.70 18.96
C LYS A 46 -1.23 4.38 18.86
N GLY A 47 -1.25 3.62 19.95
CA GLY A 47 -1.93 2.34 19.96
C GLY A 47 -1.35 1.37 20.96
N ARG A 48 -2.18 0.44 21.44
CA ARG A 48 -1.75 -0.56 22.41
C ARG A 48 -0.46 -1.24 21.96
N PRO A 49 0.40 -1.62 22.91
CA PRO A 49 1.68 -2.28 22.62
C PRO A 49 1.53 -3.44 21.65
N PHE A 50 2.53 -3.61 20.79
CA PHE A 50 2.53 -4.70 19.80
C PHE A 50 3.96 -4.99 19.35
N ARG A 51 4.14 -6.14 18.71
CA ARG A 51 5.46 -6.56 18.24
C ARG A 51 5.88 -5.78 16.99
N GLY A 52 5.65 -4.49 16.99
CA GLY A 52 6.02 -3.65 15.87
C GLY A 52 5.27 -3.97 14.59
N MET A 53 5.34 -3.05 13.65
CA MET A 53 4.66 -3.21 12.37
C MET A 53 5.46 -2.56 11.24
N SER A 54 5.41 -3.17 10.07
CA SER A 54 6.13 -2.66 8.91
C SER A 54 5.69 -3.40 7.64
N GLU A 55 6.63 -3.62 6.73
CA GLU A 55 6.34 -4.32 5.48
C GLU A 55 5.75 -5.70 5.76
N GLU A 56 6.16 -6.30 6.86
CA GLU A 56 5.69 -7.63 7.25
C GLU A 56 4.17 -7.67 7.39
N GLU A 57 3.60 -6.73 8.14
CA GLU A 57 2.16 -6.68 8.35
C GLU A 57 1.43 -6.06 7.17
N VAL A 58 1.96 -4.95 6.65
CA VAL A 58 1.34 -4.27 5.52
C VAL A 58 1.11 -5.23 4.37
N PHE A 59 2.08 -6.10 4.12
CA PHE A 59 1.98 -7.09 3.05
C PHE A 59 0.80 -8.02 3.31
N THR A 60 0.61 -8.39 4.57
CA THR A 60 -0.47 -9.28 4.97
C THR A 60 -1.84 -8.62 4.80
N GLU A 61 -1.98 -7.42 5.32
CA GLU A 61 -3.24 -6.69 5.26
C GLU A 61 -3.69 -6.49 3.81
N VAL A 62 -2.78 -6.03 2.96
CA VAL A 62 -3.09 -5.81 1.56
C VAL A 62 -3.33 -7.12 0.81
N ALA A 63 -2.47 -8.10 1.05
CA ALA A 63 -2.59 -9.40 0.40
C ALA A 63 -3.91 -10.08 0.75
N ASN A 64 -4.27 -10.03 2.03
CA ASN A 64 -5.51 -10.66 2.49
C ASN A 64 -6.70 -9.99 1.83
N LEU A 65 -6.63 -8.68 1.67
CA LEU A 65 -7.69 -7.90 1.05
C LEU A 65 -7.93 -8.36 -0.38
N PHE A 66 -6.91 -8.19 -1.21
CA PHE A 66 -6.97 -8.56 -2.62
C PHE A 66 -6.92 -10.08 -2.82
N ARG A 67 -7.62 -10.82 -1.96
CA ARG A 67 -7.64 -12.27 -2.06
C ARG A 67 -8.22 -12.71 -3.40
N GLY A 68 -7.52 -13.62 -4.07
CA GLY A 68 -7.96 -14.08 -5.37
C GLY A 68 -7.41 -13.23 -6.49
N GLN A 69 -7.48 -11.91 -6.31
CA GLN A 69 -6.96 -10.98 -7.32
C GLN A 69 -5.47 -10.73 -7.09
N GLU A 70 -4.70 -11.81 -7.03
CA GLU A 70 -3.26 -11.73 -6.80
C GLU A 70 -2.56 -10.93 -7.89
N ASP A 71 -3.31 -10.54 -8.91
CA ASP A 71 -2.73 -9.76 -10.01
C ASP A 71 -2.18 -8.44 -9.48
N LEU A 72 -2.95 -7.78 -8.63
CA LEU A 72 -2.54 -6.52 -8.03
C LEU A 72 -1.46 -6.78 -6.98
N LEU A 73 -1.60 -7.91 -6.29
CA LEU A 73 -0.66 -8.31 -5.27
C LEU A 73 0.76 -8.33 -5.82
N SER A 74 0.89 -8.87 -7.02
CA SER A 74 2.17 -8.97 -7.69
C SER A 74 2.83 -7.60 -7.77
N GLU A 75 2.04 -6.59 -8.05
CA GLU A 75 2.55 -5.23 -8.17
C GLU A 75 3.01 -4.71 -6.82
N PHE A 76 2.18 -4.89 -5.80
CA PHE A 76 2.52 -4.44 -4.45
C PHE A 76 3.82 -5.07 -4.00
N GLY A 77 3.96 -6.36 -4.31
CA GLY A 77 5.16 -7.10 -3.94
C GLY A 77 6.41 -6.54 -4.60
N GLN A 78 6.26 -5.98 -5.79
CA GLN A 78 7.38 -5.41 -6.53
C GLN A 78 8.20 -4.47 -5.65
N PHE A 79 7.50 -3.58 -4.94
CA PHE A 79 8.16 -2.63 -4.05
C PHE A 79 8.77 -3.36 -2.85
N LEU A 80 7.97 -4.22 -2.23
CA LEU A 80 8.41 -4.98 -1.07
C LEU A 80 9.54 -5.93 -1.46
N PRO A 81 10.63 -5.99 -0.67
CA PRO A 81 11.77 -6.86 -0.96
C PRO A 81 11.36 -8.34 -0.95
N GLU A 82 11.26 -8.93 -2.13
CA GLU A 82 10.88 -10.33 -2.27
C GLU A 82 11.95 -11.24 -1.69
N ALA A 83 11.54 -12.35 -1.08
CA ALA A 83 12.46 -13.29 -0.48
C ALA A 83 11.82 -14.66 -0.27
N LYS A 84 10.65 -14.67 0.36
CA LYS A 84 9.94 -15.92 0.63
C LYS A 84 9.35 -16.51 -0.65
N ARG A 85 8.25 -17.25 -0.52
CA ARG A 85 7.60 -17.86 -1.66
C ARG A 85 7.01 -16.80 -2.59
N ASN B 1 9.41 3.78 -0.34
CA ASN B 1 8.59 3.01 -1.32
C ASN B 1 7.11 3.09 -0.98
N ILE B 2 6.79 2.81 0.28
CA ILE B 2 5.41 2.85 0.75
C ILE B 2 4.91 4.28 0.85
N GLN B 3 5.78 5.20 1.23
CA GLN B 3 5.41 6.61 1.36
C GLN B 3 4.80 7.11 0.06
N MET B 4 5.40 6.71 -1.06
CA MET B 4 4.92 7.13 -2.38
C MET B 4 3.59 6.47 -2.71
N LEU B 5 3.47 5.18 -2.41
CA LEU B 5 2.24 4.44 -2.69
C LEU B 5 1.07 4.99 -1.87
N LEU B 6 1.29 5.16 -0.57
CA LEU B 6 0.27 5.68 0.32
C LEU B 6 -0.10 7.11 -0.07
N GLU B 7 0.91 7.92 -0.37
CA GLU B 7 0.71 9.31 -0.77
C GLU B 7 -0.08 9.36 -2.08
N ALA B 8 0.17 8.38 -2.94
CA ALA B 8 -0.52 8.29 -4.23
C ALA B 8 -2.02 8.32 -4.06
N ALA B 9 -2.50 7.65 -3.00
CA ALA B 9 -3.92 7.59 -2.72
C ALA B 9 -4.52 8.99 -2.59
N ASP B 10 -3.81 9.85 -1.88
CA ASP B 10 -4.26 11.24 -1.68
C ASP B 10 -4.30 11.98 -3.02
N TYR B 11 -3.30 11.72 -3.86
CA TYR B 11 -3.20 12.36 -5.17
C TYR B 11 -4.46 12.14 -6.00
N LEU B 12 -4.84 10.87 -6.16
CA LEU B 12 -6.03 10.53 -6.93
C LEU B 12 -7.30 11.09 -6.29
N GLU B 13 -7.42 10.92 -4.98
CA GLU B 13 -8.58 11.41 -4.26
C GLU B 13 -8.64 12.93 -4.28
N GLU A 1 2.24 17.46 -15.72
CA GLU A 1 3.71 17.34 -15.93
C GLU A 1 4.26 16.07 -15.27
N SER A 2 3.81 15.82 -14.04
CA SER A 2 4.24 14.66 -13.27
C SER A 2 5.76 14.63 -13.07
N ASP A 3 6.18 14.44 -11.83
CA ASP A 3 7.61 14.38 -11.50
C ASP A 3 8.24 13.10 -12.04
N SER A 4 9.03 12.43 -11.19
CA SER A 4 9.69 11.20 -11.57
C SER A 4 8.71 10.15 -12.06
N VAL A 5 9.20 9.30 -12.94
CA VAL A 5 8.42 8.22 -13.49
C VAL A 5 7.83 7.36 -12.38
N GLU A 6 8.62 7.17 -11.32
CA GLU A 6 8.20 6.39 -10.17
C GLU A 6 6.90 6.93 -9.57
N PHE A 7 6.77 8.26 -9.57
CA PHE A 7 5.57 8.89 -9.03
C PHE A 7 4.31 8.41 -9.75
N ASN A 8 4.29 8.59 -11.06
CA ASN A 8 3.16 8.15 -11.87
C ASN A 8 3.08 6.63 -11.82
N ASN A 9 4.25 6.01 -11.72
CA ASN A 9 4.37 4.57 -11.63
C ASN A 9 3.54 4.04 -10.47
N ALA A 10 3.62 4.75 -9.35
CA ALA A 10 2.88 4.39 -8.15
C ALA A 10 1.38 4.66 -8.32
N ILE A 11 1.06 5.82 -8.91
CA ILE A 11 -0.32 6.20 -9.13
C ILE A 11 -1.07 5.10 -9.88
N SER A 12 -0.43 4.54 -10.89
CA SER A 12 -1.03 3.48 -11.69
C SER A 12 -1.50 2.32 -10.81
N TYR A 13 -0.72 2.00 -9.78
CA TYR A 13 -1.06 0.91 -8.88
C TYR A 13 -2.31 1.25 -8.07
N VAL A 14 -2.26 2.36 -7.35
CA VAL A 14 -3.37 2.81 -6.53
C VAL A 14 -4.64 2.99 -7.36
N ASN A 15 -4.47 3.60 -8.53
CA ASN A 15 -5.58 3.87 -9.42
C ASN A 15 -6.21 2.56 -9.91
N LYS A 16 -5.37 1.67 -10.42
CA LYS A 16 -5.83 0.39 -10.92
C LYS A 16 -6.65 -0.32 -9.85
N ILE A 17 -6.19 -0.22 -8.62
CA ILE A 17 -6.88 -0.83 -7.49
C ILE A 17 -8.26 -0.22 -7.33
N LYS A 18 -8.33 1.08 -7.56
CA LYS A 18 -9.59 1.82 -7.44
C LYS A 18 -10.56 1.43 -8.55
N THR A 19 -10.07 1.42 -9.78
CA THR A 19 -10.88 1.08 -10.95
C THR A 19 -11.23 -0.40 -10.97
N ARG A 20 -10.37 -1.22 -10.38
CA ARG A 20 -10.60 -2.67 -10.34
C ARG A 20 -11.80 -3.00 -9.48
N PHE A 21 -11.74 -2.60 -8.21
CA PHE A 21 -12.81 -2.87 -7.28
C PHE A 21 -13.84 -1.74 -7.24
N LEU A 22 -14.14 -1.17 -8.40
CA LEU A 22 -15.13 -0.10 -8.48
C LEU A 22 -16.44 -0.53 -7.84
N ASP A 23 -16.77 -1.82 -8.00
CA ASP A 23 -17.98 -2.38 -7.44
C ASP A 23 -17.86 -2.58 -5.93
N HIS A 24 -16.66 -2.96 -5.50
CA HIS A 24 -16.39 -3.21 -4.10
C HIS A 24 -15.54 -2.06 -3.50
N PRO A 25 -16.17 -0.91 -3.17
CA PRO A 25 -15.47 0.24 -2.60
C PRO A 25 -14.76 -0.09 -1.28
N GLU A 26 -15.38 -0.96 -0.49
CA GLU A 26 -14.82 -1.36 0.80
C GLU A 26 -13.36 -1.79 0.67
N ILE A 27 -13.04 -2.39 -0.47
CA ILE A 27 -11.68 -2.85 -0.72
C ILE A 27 -10.70 -1.68 -0.79
N TYR A 28 -11.07 -0.67 -1.56
CA TYR A 28 -10.23 0.52 -1.73
C TYR A 28 -9.96 1.21 -0.39
N ARG A 29 -11.02 1.45 0.36
CA ARG A 29 -10.92 2.12 1.66
C ARG A 29 -9.99 1.37 2.62
N SER A 30 -10.30 0.09 2.85
CA SER A 30 -9.51 -0.74 3.76
C SER A 30 -8.02 -0.72 3.38
N PHE A 31 -7.73 -0.96 2.10
CA PHE A 31 -6.35 -0.96 1.62
C PHE A 31 -5.62 0.31 2.02
N LEU A 32 -6.25 1.46 1.76
CA LEU A 32 -5.66 2.74 2.09
C LEU A 32 -5.39 2.84 3.58
N GLU A 33 -6.33 2.34 4.38
CA GLU A 33 -6.18 2.35 5.83
C GLU A 33 -5.01 1.47 6.24
N ILE A 34 -4.74 0.43 5.44
CA ILE A 34 -3.63 -0.47 5.73
C ILE A 34 -2.31 0.29 5.68
N LEU A 35 -2.06 0.96 4.56
CA LEU A 35 -0.85 1.75 4.38
C LEU A 35 -0.83 2.89 5.40
N HIS A 36 -2.01 3.46 5.63
CA HIS A 36 -2.18 4.55 6.57
C HIS A 36 -1.79 4.14 7.99
N THR A 37 -2.26 2.97 8.42
CA THR A 37 -1.96 2.45 9.74
C THR A 37 -0.46 2.23 9.87
N TYR A 38 0.16 1.78 8.78
CA TYR A 38 1.58 1.52 8.75
C TYR A 38 2.37 2.75 9.19
N GLN A 39 2.19 3.84 8.47
CA GLN A 39 2.91 5.08 8.76
C GLN A 39 2.58 5.61 10.16
N LYS A 40 1.31 5.50 10.57
CA LYS A 40 0.90 5.98 11.88
C LYS A 40 1.77 5.42 12.98
N GLU A 41 1.89 4.10 13.04
CA GLU A 41 2.71 3.45 14.06
C GLU A 41 4.19 3.64 13.77
N GLN A 42 4.53 3.71 12.48
CA GLN A 42 5.92 3.88 12.06
C GLN A 42 6.53 5.15 12.65
N LEU A 43 5.73 6.23 12.69
CA LEU A 43 6.21 7.51 13.22
C LEU A 43 6.55 7.41 14.70
N HIS A 44 6.35 8.50 15.44
CA HIS A 44 6.64 8.53 16.86
C HIS A 44 6.27 9.88 17.45
N THR A 45 5.74 9.89 18.67
CA THR A 45 5.35 11.12 19.32
C THR A 45 5.98 11.22 20.72
N LYS A 46 6.96 12.09 20.86
CA LYS A 46 7.64 12.29 22.13
C LYS A 46 8.04 10.95 22.76
N GLY A 47 8.60 10.06 21.95
CA GLY A 47 9.00 8.76 22.45
C GLY A 47 9.63 7.88 21.38
N ARG A 48 10.57 7.03 21.79
CA ARG A 48 11.26 6.14 20.87
C ARG A 48 10.27 5.33 20.04
N PRO A 49 10.59 5.08 18.75
CA PRO A 49 9.72 4.32 17.85
C PRO A 49 9.50 2.88 18.30
N PHE A 50 9.07 2.02 17.38
CA PHE A 50 8.83 0.62 17.69
C PHE A 50 8.50 -0.15 16.40
N ARG A 51 9.12 -1.32 16.25
CA ARG A 51 8.91 -2.16 15.08
C ARG A 51 7.64 -2.98 15.22
N GLY A 52 6.63 -2.37 15.81
CA GLY A 52 5.36 -3.03 16.02
C GLY A 52 4.68 -3.40 14.72
N MET A 53 4.86 -2.55 13.72
CA MET A 53 4.26 -2.77 12.41
C MET A 53 5.18 -2.26 11.31
N SER A 54 5.19 -2.99 10.20
CA SER A 54 6.04 -2.61 9.06
C SER A 54 5.55 -3.32 7.79
N GLU A 55 6.48 -3.67 6.91
CA GLU A 55 6.13 -4.35 5.66
C GLU A 55 5.44 -5.68 5.93
N GLU A 56 5.87 -6.35 6.99
CA GLU A 56 5.32 -7.65 7.35
C GLU A 56 3.80 -7.59 7.54
N GLU A 57 3.33 -6.63 8.33
CA GLU A 57 1.90 -6.49 8.59
C GLU A 57 1.15 -5.93 7.39
N VAL A 58 1.69 -4.86 6.79
CA VAL A 58 1.06 -4.24 5.64
C VAL A 58 0.79 -5.26 4.54
N PHE A 59 1.78 -6.10 4.27
CA PHE A 59 1.65 -7.14 3.26
C PHE A 59 0.53 -8.09 3.63
N THR A 60 0.38 -8.32 4.93
CA THR A 60 -0.66 -9.22 5.44
C THR A 60 -2.07 -8.68 5.20
N GLU A 61 -2.35 -7.49 5.73
CA GLU A 61 -3.65 -6.87 5.58
C GLU A 61 -4.04 -6.71 4.12
N VAL A 62 -3.09 -6.26 3.30
CA VAL A 62 -3.34 -6.08 1.88
C VAL A 62 -3.63 -7.42 1.21
N ALA A 63 -2.87 -8.44 1.58
CA ALA A 63 -3.06 -9.77 1.03
C ALA A 63 -4.46 -10.29 1.38
N ASN A 64 -4.88 -10.02 2.61
CA ASN A 64 -6.19 -10.44 3.08
C ASN A 64 -7.29 -9.80 2.24
N LEU A 65 -7.13 -8.51 1.94
CA LEU A 65 -8.09 -7.79 1.13
C LEU A 65 -8.11 -8.31 -0.30
N PHE A 66 -6.98 -8.17 -0.96
CA PHE A 66 -6.82 -8.59 -2.34
C PHE A 66 -6.74 -10.11 -2.46
N ARG A 67 -7.53 -10.81 -1.65
CA ARG A 67 -7.54 -12.28 -1.69
C ARG A 67 -7.92 -12.76 -3.08
N GLY A 68 -7.14 -13.68 -3.63
CA GLY A 68 -7.42 -14.18 -4.96
C GLY A 68 -6.92 -13.22 -6.03
N GLN A 69 -6.97 -11.93 -5.71
CA GLN A 69 -6.52 -10.88 -6.63
C GLN A 69 -5.00 -10.80 -6.66
N GLU A 70 -4.35 -11.95 -6.81
CA GLU A 70 -2.90 -12.03 -6.83
C GLU A 70 -2.27 -11.13 -7.90
N ASP A 71 -3.07 -10.65 -8.83
CA ASP A 71 -2.57 -9.79 -9.90
C ASP A 71 -1.97 -8.51 -9.31
N LEU A 72 -2.73 -7.86 -8.45
CA LEU A 72 -2.27 -6.64 -7.81
C LEU A 72 -1.15 -6.94 -6.82
N LEU A 73 -1.23 -8.11 -6.19
CA LEU A 73 -0.25 -8.55 -5.24
C LEU A 73 1.12 -8.62 -5.90
N SER A 74 1.11 -9.04 -7.16
CA SER A 74 2.32 -9.15 -7.94
C SER A 74 3.07 -7.82 -7.95
N GLU A 75 2.30 -6.74 -8.05
CA GLU A 75 2.86 -5.40 -8.07
C GLU A 75 3.26 -4.93 -6.67
N PHE A 76 2.37 -5.16 -5.70
CA PHE A 76 2.62 -4.77 -4.32
C PHE A 76 3.90 -5.39 -3.78
N GLY A 77 4.09 -6.68 -4.08
CA GLY A 77 5.26 -7.39 -3.63
C GLY A 77 6.56 -6.79 -4.14
N GLN A 78 6.56 -6.36 -5.40
CA GLN A 78 7.75 -5.78 -6.01
C GLN A 78 8.29 -4.63 -5.16
N PHE A 79 7.40 -3.74 -4.74
CA PHE A 79 7.79 -2.60 -3.92
C PHE A 79 8.30 -3.07 -2.56
N LEU A 80 7.60 -4.04 -1.97
CA LEU A 80 7.98 -4.59 -0.68
C LEU A 80 9.36 -5.25 -0.76
N PRO A 81 10.24 -4.99 0.23
CA PRO A 81 11.58 -5.58 0.25
C PRO A 81 11.56 -7.08 0.52
N GLU A 82 11.98 -7.85 -0.48
CA GLU A 82 12.03 -9.31 -0.37
C GLU A 82 12.53 -9.94 -1.66
N ALA A 83 11.87 -9.62 -2.76
CA ALA A 83 12.23 -10.16 -4.06
C ALA A 83 13.56 -9.57 -4.55
N LYS A 84 14.44 -10.43 -5.04
CA LYS A 84 15.75 -10.00 -5.54
C LYS A 84 16.52 -11.16 -6.14
N ARG A 85 15.84 -11.96 -6.97
CA ARG A 85 16.46 -13.11 -7.61
C ARG A 85 17.63 -12.67 -8.49
N ASN B 1 9.06 2.52 -0.07
CA ASN B 1 8.15 2.09 -1.15
C ASN B 1 6.69 2.35 -0.77
N ILE B 2 6.33 2.00 0.46
CA ILE B 2 4.97 2.19 0.94
C ILE B 2 4.61 3.67 0.97
N GLN B 3 5.56 4.51 1.38
CA GLN B 3 5.33 5.95 1.45
C GLN B 3 4.86 6.49 0.11
N MET B 4 5.44 5.99 -0.97
CA MET B 4 5.09 6.43 -2.31
C MET B 4 3.66 6.04 -2.67
N LEU B 5 3.28 4.79 -2.37
CA LEU B 5 1.93 4.31 -2.67
C LEU B 5 0.89 5.05 -1.85
N LEU B 6 1.12 5.12 -0.54
CA LEU B 6 0.20 5.81 0.36
C LEU B 6 0.03 7.26 -0.06
N GLU B 7 1.15 7.87 -0.45
CA GLU B 7 1.15 9.26 -0.90
C GLU B 7 0.37 9.38 -2.21
N ALA B 8 0.52 8.37 -3.07
CA ALA B 8 -0.16 8.35 -4.36
C ALA B 8 -1.66 8.40 -4.20
N ALA B 9 -2.18 7.66 -3.23
CA ALA B 9 -3.62 7.62 -2.97
C ALA B 9 -4.15 9.02 -2.69
N ASP B 10 -3.46 9.76 -1.83
CA ASP B 10 -3.87 11.11 -1.47
C ASP B 10 -3.96 11.98 -2.73
N TYR B 11 -3.02 11.76 -3.65
CA TYR B 11 -2.97 12.51 -4.90
C TYR B 11 -4.24 12.30 -5.72
N LEU B 12 -4.61 11.04 -5.92
CA LEU B 12 -5.80 10.70 -6.70
C LEU B 12 -7.07 11.24 -6.05
N GLU B 13 -7.24 10.97 -4.76
CA GLU B 13 -8.42 11.42 -4.04
C GLU B 13 -8.46 12.95 -3.97
N GLU A 1 8.54 17.13 -19.68
CA GLU A 1 8.99 16.03 -18.77
C GLU A 1 9.56 16.58 -17.48
N SER A 2 9.10 16.05 -16.36
CA SER A 2 9.57 16.48 -15.05
C SER A 2 8.92 15.66 -13.93
N ASP A 3 8.99 14.34 -14.05
CA ASP A 3 8.40 13.45 -13.05
C ASP A 3 8.98 12.05 -13.14
N SER A 4 9.34 11.48 -11.98
CA SER A 4 9.91 10.16 -11.91
C SER A 4 8.90 9.11 -12.35
N VAL A 5 9.41 8.10 -13.05
CA VAL A 5 8.59 7.00 -13.51
C VAL A 5 7.97 6.25 -12.34
N GLU A 6 8.77 6.05 -11.30
CA GLU A 6 8.34 5.34 -10.10
C GLU A 6 7.12 6.01 -9.48
N PHE A 7 7.06 7.33 -9.52
CA PHE A 7 5.94 8.08 -8.95
C PHE A 7 4.63 7.67 -9.62
N ASN A 8 4.57 7.84 -10.94
CA ASN A 8 3.39 7.46 -11.70
C ASN A 8 3.20 5.96 -11.61
N ASN A 9 4.32 5.26 -11.52
CA ASN A 9 4.33 3.81 -11.40
C ASN A 9 3.48 3.38 -10.21
N ALA A 10 3.66 4.09 -9.10
CA ALA A 10 2.92 3.82 -7.89
C ALA A 10 1.46 4.26 -8.02
N ILE A 11 1.27 5.43 -8.62
CA ILE A 11 -0.07 5.98 -8.81
C ILE A 11 -0.98 4.96 -9.48
N SER A 12 -0.55 4.45 -10.62
CA SER A 12 -1.32 3.48 -11.39
C SER A 12 -1.76 2.32 -10.53
N TYR A 13 -0.94 1.94 -9.54
CA TYR A 13 -1.32 0.83 -8.66
C TYR A 13 -2.57 1.19 -7.89
N VAL A 14 -2.56 2.38 -7.29
CA VAL A 14 -3.70 2.87 -6.52
C VAL A 14 -4.89 3.15 -7.43
N ASN A 15 -4.61 3.71 -8.59
CA ASN A 15 -5.63 4.04 -9.58
C ASN A 15 -6.34 2.78 -10.06
N LYS A 16 -5.57 1.73 -10.32
CA LYS A 16 -6.12 0.46 -10.77
C LYS A 16 -6.97 -0.17 -9.69
N ILE A 17 -6.52 -0.05 -8.45
CA ILE A 17 -7.25 -0.60 -7.31
C ILE A 17 -8.63 0.04 -7.22
N LYS A 18 -8.67 1.34 -7.45
CA LYS A 18 -9.92 2.10 -7.41
C LYS A 18 -10.87 1.63 -8.51
N THR A 19 -10.38 1.70 -9.73
CA THR A 19 -11.16 1.30 -10.90
C THR A 19 -11.52 -0.18 -10.87
N ARG A 20 -10.68 -0.98 -10.24
CA ARG A 20 -10.92 -2.42 -10.15
C ARG A 20 -12.13 -2.73 -9.28
N PHE A 21 -12.05 -2.31 -8.02
CA PHE A 21 -13.11 -2.56 -7.07
C PHE A 21 -14.13 -1.42 -7.01
N LEU A 22 -14.47 -0.85 -8.17
CA LEU A 22 -15.45 0.23 -8.23
C LEU A 22 -16.74 -0.18 -7.51
N ASP A 23 -17.10 -1.45 -7.66
CA ASP A 23 -18.30 -1.99 -7.03
C ASP A 23 -18.09 -2.22 -5.54
N HIS A 24 -16.89 -2.67 -5.17
CA HIS A 24 -16.55 -2.94 -3.79
C HIS A 24 -15.67 -1.84 -3.20
N PRO A 25 -16.26 -0.70 -2.82
CA PRO A 25 -15.50 0.44 -2.24
C PRO A 25 -14.76 0.05 -0.96
N GLU A 26 -15.37 -0.83 -0.17
CA GLU A 26 -14.78 -1.28 1.08
C GLU A 26 -13.35 -1.76 0.87
N ILE A 27 -13.09 -2.33 -0.30
CA ILE A 27 -11.76 -2.83 -0.63
C ILE A 27 -10.75 -1.69 -0.70
N TYR A 28 -11.10 -0.66 -1.46
CA TYR A 28 -10.23 0.50 -1.63
C TYR A 28 -9.93 1.14 -0.28
N ARG A 29 -10.97 1.34 0.51
CA ARG A 29 -10.84 1.94 1.84
C ARG A 29 -9.86 1.15 2.70
N SER A 30 -10.09 -0.15 2.79
CA SER A 30 -9.24 -1.02 3.59
C SER A 30 -7.76 -0.88 3.21
N PHE A 31 -7.46 -1.02 1.92
CA PHE A 31 -6.09 -0.90 1.43
C PHE A 31 -5.44 0.37 1.95
N LEU A 32 -6.12 1.49 1.75
CA LEU A 32 -5.62 2.79 2.19
C LEU A 32 -5.37 2.77 3.69
N GLU A 33 -6.33 2.22 4.44
CA GLU A 33 -6.21 2.13 5.89
C GLU A 33 -5.01 1.27 6.28
N ILE A 34 -4.65 0.31 5.43
CA ILE A 34 -3.51 -0.55 5.71
C ILE A 34 -2.23 0.28 5.74
N LEU A 35 -1.97 0.97 4.64
CA LEU A 35 -0.80 1.84 4.53
C LEU A 35 -0.89 2.95 5.57
N HIS A 36 -2.12 3.47 5.72
CA HIS A 36 -2.40 4.53 6.68
C HIS A 36 -2.06 4.10 8.10
N THR A 37 -2.49 2.91 8.48
CA THR A 37 -2.23 2.38 9.81
C THR A 37 -0.74 2.26 10.06
N TYR A 38 0.00 1.88 9.02
CA TYR A 38 1.44 1.72 9.11
C TYR A 38 2.12 3.04 9.53
N GLN A 39 1.83 4.10 8.78
CA GLN A 39 2.43 5.40 9.06
C GLN A 39 1.95 5.96 10.40
N LYS A 40 0.66 5.86 10.68
CA LYS A 40 0.09 6.37 11.92
C LYS A 40 0.77 5.75 13.14
N GLU A 41 0.95 4.44 13.11
CA GLU A 41 1.60 3.73 14.22
C GLU A 41 3.12 3.86 14.13
N GLN A 42 3.59 5.06 13.81
CA GLN A 42 5.01 5.33 13.68
C GLN A 42 5.31 6.80 13.88
N LEU A 43 4.47 7.66 13.30
CA LEU A 43 4.64 9.10 13.40
C LEU A 43 4.67 9.55 14.86
N HIS A 44 3.79 8.98 15.68
CA HIS A 44 3.72 9.31 17.09
C HIS A 44 2.83 8.32 17.85
N THR A 45 3.35 7.82 18.96
CA THR A 45 2.62 6.86 19.78
C THR A 45 1.95 7.53 20.97
N LYS A 46 0.70 7.16 21.23
CA LYS A 46 -0.04 7.72 22.35
C LYS A 46 0.59 7.32 23.69
N GLY A 47 1.16 6.12 23.71
CA GLY A 47 1.80 5.63 24.92
C GLY A 47 2.86 4.58 24.63
N ARG A 48 2.93 3.54 25.47
CA ARG A 48 3.90 2.48 25.29
C ARG A 48 3.62 1.69 24.01
N PRO A 49 4.68 1.40 23.22
CA PRO A 49 4.55 0.66 21.97
C PRO A 49 4.36 -0.84 22.20
N PHE A 50 3.62 -1.49 21.29
CA PHE A 50 3.36 -2.92 21.40
C PHE A 50 2.88 -3.46 20.06
N ARG A 51 3.47 -4.58 19.65
CA ARG A 51 3.11 -5.22 18.38
C ARG A 51 3.30 -4.23 17.24
N GLY A 52 4.52 -3.73 17.12
CA GLY A 52 4.85 -2.77 16.08
C GLY A 52 4.53 -3.26 14.69
N MET A 53 3.97 -2.36 13.90
CA MET A 53 3.59 -2.64 12.54
C MET A 53 4.68 -2.21 11.56
N SER A 54 4.82 -2.96 10.47
CA SER A 54 5.82 -2.64 9.47
C SER A 54 5.42 -3.17 8.10
N GLU A 55 6.41 -3.32 7.22
CA GLU A 55 6.15 -3.82 5.86
C GLU A 55 5.60 -5.24 5.88
N GLU A 56 6.06 -6.04 6.84
CA GLU A 56 5.61 -7.43 6.95
C GLU A 56 4.10 -7.52 7.13
N GLU A 57 3.56 -6.70 8.05
CA GLU A 57 2.13 -6.71 8.31
C GLU A 57 1.34 -6.09 7.15
N VAL A 58 1.82 -4.96 6.65
CA VAL A 58 1.16 -4.29 5.53
C VAL A 58 0.95 -5.25 4.37
N PHE A 59 1.98 -6.03 4.08
CA PHE A 59 1.91 -7.03 3.01
C PHE A 59 0.83 -8.05 3.31
N THR A 60 0.66 -8.34 4.59
CA THR A 60 -0.33 -9.32 5.04
C THR A 60 -1.76 -8.82 4.81
N GLU A 61 -2.10 -7.67 5.37
CA GLU A 61 -3.43 -7.09 5.25
C GLU A 61 -3.82 -6.91 3.78
N VAL A 62 -2.88 -6.40 2.97
CA VAL A 62 -3.13 -6.19 1.56
C VAL A 62 -3.39 -7.52 0.86
N ALA A 63 -2.60 -8.54 1.22
CA ALA A 63 -2.76 -9.86 0.65
C ALA A 63 -4.14 -10.41 0.97
N ASN A 64 -4.58 -10.17 2.19
CA ASN A 64 -5.90 -10.61 2.64
C ASN A 64 -7.00 -9.95 1.84
N LEU A 65 -6.80 -8.68 1.50
CA LEU A 65 -7.76 -7.91 0.72
C LEU A 65 -7.92 -8.46 -0.68
N PHE A 66 -6.83 -8.36 -1.45
CA PHE A 66 -6.80 -8.81 -2.83
C PHE A 66 -6.70 -10.34 -2.92
N ARG A 67 -7.49 -11.04 -2.11
CA ARG A 67 -7.48 -12.49 -2.10
C ARG A 67 -7.92 -13.04 -3.45
N GLY A 68 -7.22 -14.07 -3.92
CA GLY A 68 -7.54 -14.67 -5.21
C GLY A 68 -6.97 -13.89 -6.37
N GLN A 69 -7.11 -12.56 -6.31
CA GLN A 69 -6.61 -11.69 -7.35
C GLN A 69 -5.23 -11.15 -6.99
N GLU A 70 -4.30 -12.06 -6.72
CA GLU A 70 -2.93 -11.67 -6.36
C GLU A 70 -2.20 -10.97 -7.50
N ASP A 71 -2.92 -10.65 -8.57
CA ASP A 71 -2.31 -9.97 -9.71
C ASP A 71 -1.79 -8.61 -9.24
N LEU A 72 -2.62 -7.92 -8.47
CA LEU A 72 -2.26 -6.63 -7.92
C LEU A 72 -1.19 -6.80 -6.86
N LEU A 73 -1.34 -7.87 -6.08
CA LEU A 73 -0.42 -8.20 -5.03
C LEU A 73 1.01 -8.29 -5.55
N SER A 74 1.15 -8.87 -6.74
CA SER A 74 2.45 -9.02 -7.37
C SER A 74 3.14 -7.67 -7.50
N GLU A 75 2.36 -6.65 -7.85
CA GLU A 75 2.91 -5.30 -8.00
C GLU A 75 3.32 -4.73 -6.65
N PHE A 76 2.47 -4.91 -5.65
CA PHE A 76 2.74 -4.43 -4.30
C PHE A 76 4.05 -4.98 -3.78
N GLY A 77 4.28 -6.27 -4.04
CA GLY A 77 5.50 -6.92 -3.58
C GLY A 77 6.75 -6.27 -4.14
N GLN A 78 6.70 -5.88 -5.41
CA GLN A 78 7.84 -5.26 -6.07
C GLN A 78 8.33 -4.05 -5.28
N PHE A 79 7.38 -3.25 -4.78
CA PHE A 79 7.72 -2.06 -4.00
C PHE A 79 8.44 -2.46 -2.71
N LEU A 80 7.91 -3.49 -2.05
CA LEU A 80 8.48 -3.97 -0.81
C LEU A 80 9.88 -4.54 -1.06
N PRO A 81 10.84 -4.26 -0.13
CA PRO A 81 12.22 -4.75 -0.26
C PRO A 81 12.29 -6.27 -0.31
N GLU A 82 13.13 -6.79 -1.20
CA GLU A 82 13.29 -8.23 -1.35
C GLU A 82 14.16 -8.82 -0.24
N ALA A 83 13.97 -8.33 0.98
CA ALA A 83 14.74 -8.81 2.12
C ALA A 83 14.35 -10.24 2.48
N LYS A 84 14.85 -10.72 3.62
CA LYS A 84 14.55 -12.06 4.09
C LYS A 84 15.20 -12.31 5.45
N ARG A 85 14.38 -12.67 6.44
CA ARG A 85 14.87 -12.93 7.78
C ARG A 85 15.29 -14.39 7.94
N ASN B 1 8.64 1.03 -1.14
CA ASN B 1 8.25 2.45 -1.36
C ASN B 1 6.84 2.72 -0.86
N ILE B 2 6.54 2.23 0.33
CA ILE B 2 5.22 2.43 0.94
C ILE B 2 4.88 3.91 1.04
N GLN B 3 5.90 4.72 1.31
CA GLN B 3 5.71 6.16 1.43
C GLN B 3 5.13 6.72 0.14
N MET B 4 5.67 6.30 -0.99
CA MET B 4 5.21 6.76 -2.29
C MET B 4 3.84 6.18 -2.64
N LEU B 5 3.66 4.89 -2.39
CA LEU B 5 2.38 4.22 -2.69
C LEU B 5 1.25 4.85 -1.90
N LEU B 6 1.44 4.98 -0.59
CA LEU B 6 0.43 5.57 0.28
C LEU B 6 0.18 7.02 -0.14
N GLU B 7 1.24 7.71 -0.53
CA GLU B 7 1.14 9.10 -0.97
C GLU B 7 0.30 9.18 -2.24
N ALA B 8 0.43 8.18 -3.11
CA ALA B 8 -0.31 8.12 -4.36
C ALA B 8 -1.81 8.28 -4.14
N ALA B 9 -2.31 7.65 -3.07
CA ALA B 9 -3.72 7.71 -2.74
C ALA B 9 -4.20 9.16 -2.62
N ASP B 10 -3.41 9.99 -1.94
CA ASP B 10 -3.74 11.40 -1.76
C ASP B 10 -3.78 12.13 -3.10
N TYR B 11 -2.85 11.79 -3.98
CA TYR B 11 -2.76 12.41 -5.30
C TYR B 11 -4.06 12.22 -6.09
N LEU B 12 -4.49 10.97 -6.22
CA LEU B 12 -5.70 10.66 -6.96
C LEU B 12 -6.93 11.29 -6.29
N GLU B 13 -7.04 11.12 -4.99
CA GLU B 13 -8.16 11.66 -4.23
C GLU B 13 -8.18 13.18 -4.32
N GLU A 1 13.11 20.68 -11.27
CA GLU A 1 12.13 19.93 -10.45
C GLU A 1 11.14 19.18 -11.34
N SER A 2 10.89 17.91 -11.00
CA SER A 2 9.97 17.08 -11.76
C SER A 2 9.71 15.76 -11.04
N ASP A 3 8.45 15.38 -10.95
CA ASP A 3 8.06 14.14 -10.29
C ASP A 3 8.66 12.94 -10.99
N SER A 4 9.27 12.05 -10.21
CA SER A 4 9.89 10.84 -10.74
C SER A 4 8.89 9.93 -11.39
N VAL A 5 9.37 9.19 -12.37
CA VAL A 5 8.55 8.23 -13.08
C VAL A 5 7.91 7.25 -12.11
N GLU A 6 8.67 6.89 -11.07
CA GLU A 6 8.20 5.96 -10.05
C GLU A 6 6.96 6.49 -9.36
N PHE A 7 6.89 7.81 -9.16
CA PHE A 7 5.74 8.44 -8.50
C PHE A 7 4.46 8.15 -9.27
N ASN A 8 4.44 8.51 -10.54
CA ASN A 8 3.29 8.26 -11.39
C ASN A 8 3.11 6.76 -11.55
N ASN A 9 4.24 6.07 -11.56
CA ASN A 9 4.28 4.62 -11.67
C ASN A 9 3.45 3.99 -10.57
N ALA A 10 3.57 4.56 -9.37
CA ALA A 10 2.82 4.08 -8.21
C ALA A 10 1.34 4.42 -8.34
N ILE A 11 1.06 5.62 -8.86
CA ILE A 11 -0.31 6.07 -9.04
C ILE A 11 -1.11 5.03 -9.82
N SER A 12 -0.48 4.49 -10.85
CA SER A 12 -1.11 3.47 -11.70
C SER A 12 -1.61 2.30 -10.87
N TYR A 13 -0.84 1.91 -9.86
CA TYR A 13 -1.22 0.79 -9.01
C TYR A 13 -2.46 1.14 -8.18
N VAL A 14 -2.38 2.22 -7.41
CA VAL A 14 -3.49 2.66 -6.57
C VAL A 14 -4.74 2.91 -7.41
N ASN A 15 -4.53 3.50 -8.58
CA ASN A 15 -5.62 3.82 -9.50
C ASN A 15 -6.28 2.56 -10.02
N LYS A 16 -5.47 1.68 -10.60
CA LYS A 16 -5.96 0.43 -11.14
C LYS A 16 -6.75 -0.33 -10.08
N ILE A 17 -6.26 -0.29 -8.85
CA ILE A 17 -6.93 -0.95 -7.74
C ILE A 17 -8.30 -0.33 -7.52
N LYS A 18 -8.37 0.98 -7.70
CA LYS A 18 -9.62 1.72 -7.53
C LYS A 18 -10.64 1.32 -8.60
N THR A 19 -10.19 1.29 -9.85
CA THR A 19 -11.06 0.94 -10.97
C THR A 19 -11.40 -0.55 -10.94
N ARG A 20 -10.50 -1.35 -10.39
CA ARG A 20 -10.71 -2.79 -10.31
C ARG A 20 -11.89 -3.12 -9.39
N PHE A 21 -11.81 -2.64 -8.15
CA PHE A 21 -12.87 -2.89 -7.18
C PHE A 21 -13.90 -1.77 -7.18
N LEU A 22 -14.26 -1.27 -8.37
CA LEU A 22 -15.25 -0.21 -8.48
C LEU A 22 -16.56 -0.62 -7.82
N ASP A 23 -16.85 -1.91 -7.87
CA ASP A 23 -18.07 -2.45 -7.28
C ASP A 23 -17.94 -2.50 -5.76
N HIS A 24 -16.74 -2.84 -5.29
CA HIS A 24 -16.45 -2.93 -3.87
C HIS A 24 -15.59 -1.74 -3.41
N PRO A 25 -16.20 -0.55 -3.22
CA PRO A 25 -15.46 0.65 -2.78
C PRO A 25 -14.75 0.46 -1.45
N GLU A 26 -15.37 -0.33 -0.56
CA GLU A 26 -14.79 -0.59 0.75
C GLU A 26 -13.36 -1.11 0.63
N ILE A 27 -13.08 -1.80 -0.47
CA ILE A 27 -11.75 -2.36 -0.71
C ILE A 27 -10.70 -1.27 -0.84
N TYR A 28 -10.99 -0.27 -1.67
CA TYR A 28 -10.07 0.84 -1.90
C TYR A 28 -9.70 1.51 -0.58
N ARG A 29 -10.71 1.87 0.20
CA ARG A 29 -10.52 2.52 1.48
C ARG A 29 -9.64 1.67 2.41
N SER A 30 -10.01 0.40 2.56
CA SER A 30 -9.26 -0.52 3.42
C SER A 30 -7.77 -0.51 3.07
N PHE A 31 -7.46 -0.75 1.80
CA PHE A 31 -6.08 -0.77 1.33
C PHE A 31 -5.32 0.47 1.78
N LEU A 32 -5.90 1.63 1.53
CA LEU A 32 -5.28 2.89 1.91
C LEU A 32 -5.05 2.95 3.42
N GLU A 33 -6.03 2.47 4.17
CA GLU A 33 -5.93 2.45 5.62
C GLU A 33 -4.80 1.52 6.05
N ILE A 34 -4.58 0.46 5.30
CA ILE A 34 -3.52 -0.48 5.59
C ILE A 34 -2.16 0.21 5.57
N LEU A 35 -1.87 0.86 4.45
CA LEU A 35 -0.62 1.60 4.29
C LEU A 35 -0.55 2.70 5.34
N HIS A 36 -1.68 3.38 5.52
CA HIS A 36 -1.80 4.46 6.49
C HIS A 36 -1.40 3.99 7.89
N THR A 37 -1.94 2.83 8.27
CA THR A 37 -1.66 2.24 9.58
C THR A 37 -0.17 2.24 9.88
N TYR A 38 0.63 2.04 8.83
CA TYR A 38 2.08 2.03 8.98
C TYR A 38 2.57 3.31 9.61
N GLN A 39 2.16 4.43 9.03
CA GLN A 39 2.56 5.74 9.51
C GLN A 39 1.91 6.07 10.85
N LYS A 40 0.67 5.61 11.03
CA LYS A 40 -0.08 5.87 12.26
C LYS A 40 0.71 5.49 13.50
N GLU A 41 1.28 4.29 13.50
CA GLU A 41 2.06 3.81 14.64
C GLU A 41 3.31 4.65 14.86
N GLN A 42 4.00 4.97 13.77
CA GLN A 42 5.22 5.77 13.85
C GLN A 42 4.93 7.19 14.33
N LEU A 43 3.76 7.71 13.96
CA LEU A 43 3.35 9.07 14.33
C LEU A 43 2.88 9.13 15.78
N HIS A 44 3.62 8.51 16.69
CA HIS A 44 3.27 8.52 18.11
C HIS A 44 4.40 9.11 18.94
N THR A 45 5.44 9.60 18.26
CA THR A 45 6.59 10.19 18.93
C THR A 45 7.32 9.17 19.78
N LYS A 46 8.65 9.25 19.78
CA LYS A 46 9.48 8.33 20.55
C LYS A 46 9.29 6.89 20.10
N GLY A 47 10.38 6.13 20.07
CA GLY A 47 10.30 4.75 19.66
C GLY A 47 11.58 3.98 19.91
N ARG A 48 11.45 2.86 20.63
CA ARG A 48 12.61 2.02 20.95
C ARG A 48 12.94 1.08 19.78
N PRO A 49 14.23 0.78 19.59
CA PRO A 49 14.68 -0.11 18.51
C PRO A 49 13.92 -1.44 18.52
N PHE A 50 13.66 -1.97 17.33
CA PHE A 50 12.93 -3.23 17.19
C PHE A 50 11.46 -3.05 17.58
N ARG A 51 10.60 -3.92 17.05
CA ARG A 51 9.18 -3.86 17.32
C ARG A 51 8.56 -2.64 16.66
N GLY A 52 7.85 -2.88 15.56
CA GLY A 52 7.21 -1.82 14.82
C GLY A 52 6.72 -2.30 13.48
N MET A 53 5.48 -1.95 13.18
CA MET A 53 4.84 -2.32 11.94
C MET A 53 5.64 -1.84 10.72
N SER A 54 5.57 -2.61 9.64
CA SER A 54 6.28 -2.27 8.42
C SER A 54 5.78 -3.12 7.26
N GLU A 55 6.67 -3.45 6.33
CA GLU A 55 6.32 -4.27 5.17
C GLU A 55 5.74 -5.61 5.62
N GLU A 56 6.19 -6.10 6.77
CA GLU A 56 5.74 -7.38 7.29
C GLU A 56 4.23 -7.41 7.50
N GLU A 57 3.69 -6.41 8.18
CA GLU A 57 2.25 -6.35 8.44
C GLU A 57 1.48 -5.79 7.26
N VAL A 58 1.98 -4.71 6.67
CA VAL A 58 1.32 -4.07 5.53
C VAL A 58 1.03 -5.08 4.43
N PHE A 59 2.02 -5.92 4.12
CA PHE A 59 1.86 -6.93 3.09
C PHE A 59 0.76 -7.91 3.46
N THR A 60 0.63 -8.18 4.76
CA THR A 60 -0.37 -9.11 5.26
C THR A 60 -1.80 -8.61 5.03
N GLU A 61 -2.09 -7.41 5.55
CA GLU A 61 -3.41 -6.82 5.42
C GLU A 61 -3.81 -6.64 3.95
N VAL A 62 -2.89 -6.14 3.13
CA VAL A 62 -3.16 -5.94 1.72
C VAL A 62 -3.43 -7.28 1.03
N ALA A 63 -2.62 -8.28 1.36
CA ALA A 63 -2.77 -9.60 0.78
C ALA A 63 -4.14 -10.18 1.15
N ASN A 64 -4.54 -9.97 2.40
CA ASN A 64 -5.83 -10.44 2.89
C ASN A 64 -6.95 -9.84 2.04
N LEU A 65 -6.82 -8.56 1.73
CA LEU A 65 -7.79 -7.85 0.91
C LEU A 65 -7.84 -8.45 -0.49
N PHE A 66 -6.70 -8.40 -1.15
CA PHE A 66 -6.56 -8.92 -2.50
C PHE A 66 -6.55 -10.45 -2.54
N ARG A 67 -7.38 -11.07 -1.72
CA ARG A 67 -7.45 -12.52 -1.69
C ARG A 67 -7.89 -13.07 -3.05
N GLY A 68 -7.13 -14.03 -3.56
CA GLY A 68 -7.45 -14.61 -4.86
C GLY A 68 -6.96 -13.75 -6.00
N GLN A 69 -7.14 -12.43 -5.88
CA GLN A 69 -6.70 -11.50 -6.92
C GLN A 69 -5.23 -11.16 -6.76
N GLU A 70 -4.38 -12.17 -6.80
CA GLU A 70 -2.94 -11.99 -6.65
C GLU A 70 -2.36 -11.17 -7.80
N ASP A 71 -3.20 -10.81 -8.77
CA ASP A 71 -2.74 -10.02 -9.91
C ASP A 71 -2.21 -8.67 -9.46
N LEU A 72 -3.03 -7.93 -8.72
CA LEU A 72 -2.64 -6.63 -8.20
C LEU A 72 -1.57 -6.79 -7.14
N LEU A 73 -1.78 -7.78 -6.29
CA LEU A 73 -0.86 -8.09 -5.21
C LEU A 73 0.56 -8.25 -5.73
N SER A 74 0.69 -8.85 -6.91
CA SER A 74 2.00 -9.06 -7.52
C SER A 74 2.74 -7.73 -7.66
N GLU A 75 2.00 -6.70 -8.08
CA GLU A 75 2.57 -5.37 -8.25
C GLU A 75 3.04 -4.83 -6.90
N PHE A 76 2.18 -4.98 -5.89
CA PHE A 76 2.50 -4.52 -4.54
C PHE A 76 3.79 -5.16 -4.05
N GLY A 77 3.90 -6.47 -4.26
CA GLY A 77 5.07 -7.20 -3.84
C GLY A 77 6.35 -6.70 -4.50
N GLN A 78 6.23 -6.16 -5.71
CA GLN A 78 7.38 -5.64 -6.44
C GLN A 78 8.23 -4.71 -5.58
N PHE A 79 7.56 -3.79 -4.88
CA PHE A 79 8.25 -2.85 -4.02
C PHE A 79 8.79 -3.55 -2.77
N LEU A 80 7.95 -4.41 -2.19
CA LEU A 80 8.33 -5.16 -0.99
C LEU A 80 9.50 -6.09 -1.26
N PRO A 81 10.43 -6.23 -0.28
CA PRO A 81 11.60 -7.10 -0.43
C PRO A 81 11.20 -8.57 -0.59
N GLU A 82 12.17 -9.47 -0.36
CA GLU A 82 11.92 -10.91 -0.49
C GLU A 82 11.47 -11.25 -1.91
N ALA A 83 12.30 -10.90 -2.88
CA ALA A 83 12.00 -11.16 -4.29
C ALA A 83 11.98 -12.66 -4.59
N LYS A 84 12.61 -13.06 -5.70
CA LYS A 84 12.65 -14.47 -6.09
C LYS A 84 13.19 -15.35 -4.96
N ARG A 85 14.16 -14.82 -4.23
CA ARG A 85 14.76 -15.56 -3.12
C ARG A 85 13.70 -16.03 -2.13
N ASN B 1 9.48 3.03 -0.05
CA ASN B 1 8.48 1.94 -0.18
C ASN B 1 7.28 2.17 0.76
N ILE B 2 6.10 1.81 0.26
CA ILE B 2 4.84 1.96 1.00
C ILE B 2 4.41 3.42 1.07
N GLN B 3 5.35 4.31 1.38
CA GLN B 3 5.05 5.74 1.45
C GLN B 3 4.66 6.26 0.08
N MET B 4 5.29 5.68 -0.94
CA MET B 4 5.02 6.07 -2.33
C MET B 4 3.56 5.78 -2.69
N LEU B 5 3.11 4.57 -2.39
CA LEU B 5 1.73 4.17 -2.68
C LEU B 5 0.76 4.93 -1.79
N LEU B 6 1.08 4.99 -0.50
CA LEU B 6 0.25 5.69 0.47
C LEU B 6 0.05 7.13 0.05
N GLU B 7 1.12 7.74 -0.47
CA GLU B 7 1.07 9.12 -0.93
C GLU B 7 0.23 9.21 -2.20
N ALA B 8 0.37 8.22 -3.07
CA ALA B 8 -0.38 8.17 -4.33
C ALA B 8 -1.88 8.25 -4.07
N ALA B 9 -2.33 7.57 -3.02
CA ALA B 9 -3.74 7.55 -2.66
C ALA B 9 -4.28 8.97 -2.46
N ASP B 10 -3.54 9.77 -1.72
CA ASP B 10 -3.94 11.15 -1.44
C ASP B 10 -4.07 11.94 -2.75
N TYR B 11 -3.15 11.69 -3.67
CA TYR B 11 -3.15 12.37 -4.97
C TYR B 11 -4.47 12.16 -5.71
N LEU B 12 -4.84 10.89 -5.90
CA LEU B 12 -6.06 10.56 -6.61
C LEU B 12 -7.30 11.04 -5.83
N GLU B 13 -7.31 10.76 -4.54
CA GLU B 13 -8.43 11.16 -3.68
C GLU B 13 -8.58 12.68 -3.65
N GLU A 1 6.28 15.88 -17.94
CA GLU A 1 6.17 14.83 -16.91
C GLU A 1 5.77 15.41 -15.56
N SER A 2 4.82 14.76 -14.89
CA SER A 2 4.35 15.22 -13.58
C SER A 2 5.49 15.22 -12.57
N ASP A 3 6.27 14.14 -12.56
CA ASP A 3 7.39 13.99 -11.65
C ASP A 3 8.19 12.74 -12.01
N SER A 4 8.61 11.97 -11.01
CA SER A 4 9.37 10.76 -11.25
C SER A 4 8.48 9.65 -11.76
N VAL A 5 9.07 8.75 -12.53
CA VAL A 5 8.35 7.62 -13.06
C VAL A 5 7.81 6.78 -11.92
N GLU A 6 8.58 6.71 -10.84
CA GLU A 6 8.21 5.93 -9.66
C GLU A 6 6.90 6.46 -9.06
N PHE A 7 6.75 7.78 -9.04
CA PHE A 7 5.54 8.39 -8.50
C PHE A 7 4.34 7.97 -9.34
N ASN A 8 4.44 8.19 -10.64
CA ASN A 8 3.37 7.80 -11.56
C ASN A 8 3.20 6.30 -11.51
N ASN A 9 4.33 5.62 -11.27
CA ASN A 9 4.38 4.18 -11.15
C ASN A 9 3.47 3.72 -10.02
N ALA A 10 3.49 4.47 -8.92
CA ALA A 10 2.66 4.17 -7.78
C ALA A 10 1.20 4.49 -8.07
N ILE A 11 0.97 5.62 -8.75
CA ILE A 11 -0.38 6.03 -9.11
C ILE A 11 -1.10 4.91 -9.85
N SER A 12 -0.37 4.28 -10.75
CA SER A 12 -0.92 3.19 -11.56
C SER A 12 -1.47 2.08 -10.67
N TYR A 13 -0.77 1.80 -9.56
CA TYR A 13 -1.20 0.75 -8.64
C TYR A 13 -2.49 1.15 -7.93
N VAL A 14 -2.47 2.30 -7.28
CA VAL A 14 -3.64 2.80 -6.55
C VAL A 14 -4.83 2.96 -7.50
N ASN A 15 -4.56 3.53 -8.66
CA ASN A 15 -5.59 3.76 -9.67
C ASN A 15 -6.22 2.46 -10.10
N LYS A 16 -5.38 1.53 -10.55
CA LYS A 16 -5.83 0.23 -11.01
C LYS A 16 -6.64 -0.47 -9.92
N ILE A 17 -6.18 -0.38 -8.69
CA ILE A 17 -6.87 -1.01 -7.56
C ILE A 17 -8.28 -0.45 -7.41
N LYS A 18 -8.38 0.87 -7.46
CA LYS A 18 -9.68 1.54 -7.34
C LYS A 18 -10.59 1.17 -8.49
N THR A 19 -10.10 1.41 -9.70
CA THR A 19 -10.86 1.12 -10.92
C THR A 19 -11.25 -0.36 -10.98
N ARG A 20 -10.42 -1.21 -10.38
CA ARG A 20 -10.67 -2.64 -10.36
C ARG A 20 -11.87 -2.96 -9.46
N PHE A 21 -11.79 -2.53 -8.20
CA PHE A 21 -12.85 -2.78 -7.24
C PHE A 21 -13.88 -1.64 -7.22
N LEU A 22 -14.19 -1.09 -8.39
CA LEU A 22 -15.17 -0.01 -8.47
C LEU A 22 -16.47 -0.41 -7.77
N ASP A 23 -16.81 -1.69 -7.86
CA ASP A 23 -18.02 -2.21 -7.24
C ASP A 23 -17.84 -2.34 -5.73
N HIS A 24 -16.66 -2.77 -5.31
CA HIS A 24 -16.36 -2.94 -3.90
C HIS A 24 -15.44 -1.83 -3.39
N PRO A 25 -15.98 -0.63 -3.11
CA PRO A 25 -15.19 0.49 -2.61
C PRO A 25 -14.50 0.19 -1.28
N GLU A 26 -15.18 -0.60 -0.44
CA GLU A 26 -14.65 -0.97 0.87
C GLU A 26 -13.22 -1.52 0.74
N ILE A 27 -12.94 -2.16 -0.39
CA ILE A 27 -11.62 -2.73 -0.63
C ILE A 27 -10.58 -1.63 -0.71
N TYR A 28 -10.90 -0.59 -1.48
CA TYR A 28 -10.00 0.54 -1.67
C TYR A 28 -9.68 1.21 -0.32
N ARG A 29 -10.73 1.41 0.48
CA ARG A 29 -10.60 2.03 1.79
C ARG A 29 -9.67 1.24 2.69
N SER A 30 -10.00 -0.04 2.90
CA SER A 30 -9.21 -0.93 3.75
C SER A 30 -7.73 -0.87 3.36
N PHE A 31 -7.46 -1.01 2.07
CA PHE A 31 -6.09 -0.98 1.57
C PHE A 31 -5.36 0.27 2.07
N LEU A 32 -6.00 1.42 1.90
CA LEU A 32 -5.42 2.69 2.32
C LEU A 32 -5.18 2.68 3.83
N GLU A 33 -6.12 2.10 4.57
CA GLU A 33 -5.99 2.01 6.02
C GLU A 33 -4.80 1.14 6.40
N ILE A 34 -4.53 0.13 5.57
CA ILE A 34 -3.41 -0.77 5.80
C ILE A 34 -2.10 0.00 5.78
N LEU A 35 -1.86 0.69 4.67
CA LEU A 35 -0.65 1.51 4.53
C LEU A 35 -0.65 2.59 5.61
N HIS A 36 -1.84 3.12 5.88
CA HIS A 36 -2.02 4.15 6.90
C HIS A 36 -1.63 3.64 8.28
N THR A 37 -1.96 2.39 8.56
CA THR A 37 -1.64 1.78 9.85
C THR A 37 -0.14 1.70 10.04
N TYR A 38 0.55 1.23 9.01
CA TYR A 38 2.00 1.09 9.05
C TYR A 38 2.70 2.43 9.21
N GLN A 39 2.28 3.41 8.42
CA GLN A 39 2.86 4.73 8.46
C GLN A 39 2.58 5.46 9.77
N LYS A 40 1.33 5.43 10.21
CA LYS A 40 0.93 6.10 11.43
C LYS A 40 1.81 5.67 12.59
N GLU A 41 2.07 4.36 12.68
CA GLU A 41 2.91 3.83 13.75
C GLU A 41 4.34 4.35 13.62
N GLN A 42 4.83 4.38 12.37
CA GLN A 42 6.19 4.84 12.10
C GLN A 42 6.37 6.28 12.58
N LEU A 43 5.28 7.04 12.60
CA LEU A 43 5.34 8.44 13.04
C LEU A 43 5.80 8.54 14.50
N HIS A 44 5.35 7.60 15.32
CA HIS A 44 5.70 7.59 16.75
C HIS A 44 7.02 6.88 17.00
N THR A 45 7.32 5.89 16.16
CA THR A 45 8.55 5.10 16.29
C THR A 45 8.70 4.53 17.70
N LYS A 46 7.62 3.98 18.23
CA LYS A 46 7.63 3.39 19.57
C LYS A 46 6.63 2.23 19.66
N GLY A 47 6.61 1.40 18.62
CA GLY A 47 5.72 0.27 18.58
C GLY A 47 6.11 -0.80 19.58
N ARG A 48 5.11 -1.40 20.18
CA ARG A 48 5.32 -2.45 21.17
C ARG A 48 6.24 -3.54 20.63
N PRO A 49 7.10 -4.11 21.50
CA PRO A 49 8.04 -5.16 21.11
C PRO A 49 7.33 -6.41 20.59
N PHE A 50 7.81 -6.93 19.47
CA PHE A 50 7.24 -8.12 18.86
C PHE A 50 5.83 -7.83 18.34
N ARG A 51 5.48 -8.45 17.22
CA ARG A 51 4.17 -8.27 16.62
C ARG A 51 3.84 -6.79 16.44
N GLY A 52 4.87 -6.01 16.15
CA GLY A 52 4.70 -4.58 15.94
C GLY A 52 3.97 -4.28 14.65
N MET A 53 4.60 -3.53 13.79
CA MET A 53 4.02 -3.15 12.51
C MET A 53 5.10 -2.78 11.51
N SER A 54 5.12 -3.48 10.38
CA SER A 54 6.09 -3.24 9.35
C SER A 54 5.58 -3.73 8.00
N GLU A 55 6.49 -4.13 7.13
CA GLU A 55 6.12 -4.63 5.80
C GLU A 55 5.42 -5.97 5.90
N GLU A 56 5.82 -6.77 6.89
CA GLU A 56 5.24 -8.10 7.09
C GLU A 56 3.72 -8.03 7.28
N GLU A 57 3.26 -7.13 8.13
CA GLU A 57 1.83 -6.98 8.40
C GLU A 57 1.11 -6.42 7.18
N VAL A 58 1.62 -5.30 6.66
CA VAL A 58 1.00 -4.65 5.51
C VAL A 58 0.82 -5.62 4.35
N PHE A 59 1.85 -6.42 4.10
CA PHE A 59 1.81 -7.40 3.02
C PHE A 59 0.67 -8.40 3.25
N THR A 60 0.45 -8.75 4.51
CA THR A 60 -0.60 -9.69 4.87
C THR A 60 -1.99 -9.07 4.75
N GLU A 61 -2.16 -7.88 5.31
CA GLU A 61 -3.44 -7.18 5.27
C GLU A 61 -3.91 -7.00 3.83
N VAL A 62 -3.00 -6.55 2.97
CA VAL A 62 -3.32 -6.34 1.57
C VAL A 62 -3.66 -7.68 0.90
N ALA A 63 -2.86 -8.70 1.22
CA ALA A 63 -3.08 -10.03 0.68
C ALA A 63 -4.47 -10.53 1.06
N ASN A 64 -4.85 -10.26 2.30
CA ASN A 64 -6.16 -10.65 2.81
C ASN A 64 -7.27 -9.98 2.02
N LEU A 65 -7.06 -8.72 1.67
CA LEU A 65 -8.02 -7.95 0.89
C LEU A 65 -8.14 -8.49 -0.53
N PHE A 66 -7.05 -8.41 -1.26
CA PHE A 66 -6.99 -8.86 -2.65
C PHE A 66 -6.94 -10.38 -2.74
N ARG A 67 -7.75 -11.06 -1.94
CA ARG A 67 -7.79 -12.52 -1.95
C ARG A 67 -8.24 -13.05 -3.30
N GLY A 68 -7.57 -14.09 -3.78
CA GLY A 68 -7.91 -14.67 -5.08
C GLY A 68 -7.34 -13.87 -6.22
N GLN A 69 -7.48 -12.55 -6.14
CA GLN A 69 -6.97 -11.65 -7.16
C GLN A 69 -5.60 -11.12 -6.76
N GLU A 70 -4.70 -12.05 -6.42
CA GLU A 70 -3.35 -11.71 -6.01
C GLU A 70 -2.53 -11.11 -7.15
N ASP A 71 -3.17 -10.84 -8.27
CA ASP A 71 -2.49 -10.25 -9.42
C ASP A 71 -1.93 -8.89 -9.03
N LEU A 72 -2.75 -8.11 -8.36
CA LEU A 72 -2.37 -6.79 -7.90
C LEU A 72 -1.34 -6.91 -6.79
N LEU A 73 -1.51 -7.93 -5.97
CA LEU A 73 -0.63 -8.20 -4.86
C LEU A 73 0.82 -8.31 -5.33
N SER A 74 0.99 -8.96 -6.48
CA SER A 74 2.31 -9.15 -7.07
C SER A 74 3.00 -7.79 -7.26
N GLU A 75 2.23 -6.81 -7.70
CA GLU A 75 2.75 -5.47 -7.91
C GLU A 75 3.15 -4.84 -6.58
N PHE A 76 2.33 -5.10 -5.56
CA PHE A 76 2.58 -4.57 -4.23
C PHE A 76 3.95 -5.01 -3.71
N GLY A 77 4.26 -6.29 -3.90
CA GLY A 77 5.54 -6.83 -3.47
C GLY A 77 6.71 -6.10 -4.10
N GLN A 78 6.53 -5.69 -5.35
CA GLN A 78 7.57 -4.98 -6.10
C GLN A 78 8.10 -3.80 -5.29
N PHE A 79 7.18 -3.06 -4.67
CA PHE A 79 7.54 -1.90 -3.85
C PHE A 79 8.19 -2.35 -2.55
N LEU A 80 7.59 -3.35 -1.91
CA LEU A 80 8.10 -3.86 -0.65
C LEU A 80 9.54 -4.38 -0.81
N PRO A 81 10.41 -4.13 0.19
CA PRO A 81 11.80 -4.57 0.14
C PRO A 81 11.93 -6.10 0.13
N GLU A 82 12.69 -6.61 -0.84
CA GLU A 82 12.90 -8.05 -0.97
C GLU A 82 14.06 -8.51 -0.10
N ALA A 83 13.95 -8.27 1.21
CA ALA A 83 15.01 -8.66 2.14
C ALA A 83 14.47 -8.84 3.55
N LYS A 84 13.42 -9.67 3.67
CA LYS A 84 12.82 -9.94 4.97
C LYS A 84 13.77 -10.72 5.88
N ARG A 85 13.20 -11.57 6.74
CA ARG A 85 14.02 -12.38 7.65
C ARG A 85 14.83 -13.42 6.87
N ASN B 1 9.14 3.60 0.41
CA ASN B 1 8.37 2.94 -0.69
C ASN B 1 6.87 3.06 -0.43
N ILE B 2 6.46 2.77 0.79
CA ILE B 2 5.05 2.85 1.17
C ILE B 2 4.54 4.27 1.07
N GLN B 3 5.38 5.24 1.42
CA GLN B 3 5.02 6.64 1.36
C GLN B 3 4.54 7.02 -0.03
N MET B 4 5.10 6.37 -1.04
CA MET B 4 4.72 6.63 -2.42
C MET B 4 3.25 6.31 -2.66
N LEU B 5 2.80 5.15 -2.17
CA LEU B 5 1.41 4.75 -2.35
C LEU B 5 0.48 5.64 -1.54
N LEU B 6 0.83 5.88 -0.28
CA LEU B 6 0.03 6.73 0.60
C LEU B 6 -0.14 8.12 -0.02
N GLU B 7 0.97 8.67 -0.50
CA GLU B 7 0.97 9.98 -1.13
C GLU B 7 0.22 9.93 -2.46
N ALA B 8 0.36 8.83 -3.17
CA ALA B 8 -0.28 8.63 -4.46
C ALA B 8 -1.80 8.75 -4.35
N ALA B 9 -2.36 8.13 -3.33
CA ALA B 9 -3.81 8.15 -3.11
C ALA B 9 -4.31 9.57 -2.92
N ASP B 10 -3.58 10.36 -2.13
CA ASP B 10 -3.98 11.74 -1.86
C ASP B 10 -4.01 12.56 -3.15
N TYR B 11 -2.94 12.43 -3.93
CA TYR B 11 -2.83 13.14 -5.21
C TYR B 11 -3.93 12.73 -6.18
N LEU B 12 -3.99 11.43 -6.44
CA LEU B 12 -4.97 10.87 -7.36
C LEU B 12 -6.40 11.24 -6.98
N GLU B 13 -6.74 11.05 -5.70
CA GLU B 13 -8.07 11.38 -5.23
C GLU B 13 -8.30 12.89 -5.20
N GLU A 1 10.25 15.56 -17.35
CA GLU A 1 11.07 15.30 -16.14
C GLU A 1 10.32 15.73 -14.87
N SER A 2 11.05 16.33 -13.92
CA SER A 2 10.46 16.79 -12.67
C SER A 2 9.89 15.62 -11.87
N ASP A 3 8.67 15.22 -12.21
CA ASP A 3 8.02 14.11 -11.52
C ASP A 3 8.74 12.80 -11.80
N SER A 4 9.10 12.09 -10.72
CA SER A 4 9.79 10.83 -10.83
C SER A 4 8.88 9.76 -11.41
N VAL A 5 9.47 8.86 -12.18
CA VAL A 5 8.73 7.76 -12.77
C VAL A 5 8.09 6.92 -11.69
N GLU A 6 8.82 6.71 -10.60
CA GLU A 6 8.33 5.93 -9.47
C GLU A 6 7.03 6.51 -8.92
N PHE A 7 6.92 7.84 -8.97
CA PHE A 7 5.72 8.52 -8.48
C PHE A 7 4.50 8.07 -9.27
N ASN A 8 4.53 8.31 -10.58
CA ASN A 8 3.43 7.89 -11.45
C ASN A 8 3.30 6.38 -11.40
N ASN A 9 4.44 5.73 -11.20
CA ASN A 9 4.52 4.28 -11.12
C ASN A 9 3.61 3.79 -9.99
N ALA A 10 3.67 4.48 -8.87
CA ALA A 10 2.84 4.15 -7.71
C ALA A 10 1.38 4.50 -7.96
N ILE A 11 1.16 5.64 -8.62
CA ILE A 11 -0.19 6.09 -8.91
C ILE A 11 -0.98 5.03 -9.64
N SER A 12 -0.35 4.42 -10.64
CA SER A 12 -1.00 3.38 -11.43
C SER A 12 -1.46 2.23 -10.54
N TYR A 13 -0.70 1.95 -9.49
CA TYR A 13 -1.06 0.88 -8.57
C TYR A 13 -2.38 1.21 -7.89
N VAL A 14 -2.45 2.40 -7.31
CA VAL A 14 -3.65 2.86 -6.64
C VAL A 14 -4.81 3.02 -7.62
N ASN A 15 -4.48 3.52 -8.80
CA ASN A 15 -5.46 3.75 -9.85
C ASN A 15 -6.10 2.43 -10.30
N LYS A 16 -5.27 1.42 -10.50
CA LYS A 16 -5.75 0.11 -10.92
C LYS A 16 -6.60 -0.52 -9.83
N ILE A 17 -6.18 -0.35 -8.59
CA ILE A 17 -6.91 -0.88 -7.45
C ILE A 17 -8.32 -0.30 -7.38
N LYS A 18 -8.42 1.00 -7.65
CA LYS A 18 -9.71 1.69 -7.64
C LYS A 18 -10.60 1.18 -8.76
N THR A 19 -10.08 1.25 -9.97
CA THR A 19 -10.81 0.79 -11.15
C THR A 19 -11.17 -0.69 -11.06
N ARG A 20 -10.34 -1.44 -10.36
CA ARG A 20 -10.57 -2.87 -10.21
C ARG A 20 -11.83 -3.13 -9.39
N PHE A 21 -11.87 -2.56 -8.19
CA PHE A 21 -13.00 -2.74 -7.30
C PHE A 21 -13.99 -1.57 -7.38
N LEU A 22 -14.32 -1.14 -8.61
CA LEU A 22 -15.26 -0.04 -8.80
C LEU A 22 -16.56 -0.28 -8.02
N ASP A 23 -17.05 -1.51 -8.08
CA ASP A 23 -18.28 -1.89 -7.39
C ASP A 23 -18.00 -2.14 -5.91
N HIS A 24 -16.74 -2.43 -5.60
CA HIS A 24 -16.32 -2.71 -4.23
C HIS A 24 -15.45 -1.58 -3.67
N PRO A 25 -16.05 -0.41 -3.37
CA PRO A 25 -15.31 0.74 -2.82
C PRO A 25 -14.75 0.45 -1.42
N GLU A 26 -15.50 -0.31 -0.64
CA GLU A 26 -15.10 -0.65 0.73
C GLU A 26 -13.68 -1.24 0.75
N ILE A 27 -13.33 -1.98 -0.29
CA ILE A 27 -12.00 -2.59 -0.37
C ILE A 27 -10.93 -1.51 -0.45
N TYR A 28 -11.18 -0.52 -1.29
CA TYR A 28 -10.24 0.59 -1.50
C TYR A 28 -9.87 1.25 -0.17
N ARG A 29 -10.87 1.58 0.63
CA ARG A 29 -10.66 2.22 1.91
C ARG A 29 -9.80 1.35 2.84
N SER A 30 -10.24 0.12 3.05
CA SER A 30 -9.53 -0.82 3.93
C SER A 30 -8.05 -0.90 3.56
N PHE A 31 -7.76 -1.11 2.28
CA PHE A 31 -6.39 -1.20 1.79
C PHE A 31 -5.58 0.02 2.22
N LEU A 32 -6.13 1.20 1.96
CA LEU A 32 -5.47 2.44 2.32
C LEU A 32 -5.21 2.51 3.81
N GLU A 33 -6.16 2.00 4.60
CA GLU A 33 -6.03 1.98 6.05
C GLU A 33 -4.83 1.12 6.45
N ILE A 34 -4.60 0.05 5.69
CA ILE A 34 -3.48 -0.84 5.96
C ILE A 34 -2.17 -0.09 5.82
N LEU A 35 -1.97 0.49 4.65
CA LEU A 35 -0.77 1.27 4.38
C LEU A 35 -0.67 2.40 5.38
N HIS A 36 -1.82 2.98 5.70
CA HIS A 36 -1.91 4.08 6.66
C HIS A 36 -1.45 3.63 8.04
N THR A 37 -1.83 2.42 8.42
CA THR A 37 -1.45 1.85 9.71
C THR A 37 0.07 1.76 9.82
N TYR A 38 0.70 1.37 8.70
CA TYR A 38 2.14 1.24 8.64
C TYR A 38 2.84 2.58 8.85
N GLN A 39 2.55 3.52 7.95
CA GLN A 39 3.15 4.85 7.98
C GLN A 39 2.88 5.58 9.29
N LYS A 40 1.64 5.52 9.77
CA LYS A 40 1.24 6.20 10.98
C LYS A 40 2.18 5.87 12.14
N GLU A 41 2.41 4.58 12.39
CA GLU A 41 3.29 4.15 13.47
C GLU A 41 4.75 4.43 13.14
N GLN A 42 5.10 4.25 11.87
CA GLN A 42 6.49 4.48 11.42
C GLN A 42 7.00 5.84 11.87
N LEU A 43 6.15 6.86 11.76
CA LEU A 43 6.53 8.21 12.16
C LEU A 43 6.91 8.26 13.63
N HIS A 44 5.91 8.43 14.49
CA HIS A 44 6.13 8.48 15.93
C HIS A 44 4.81 8.68 16.68
N THR A 45 3.75 8.07 16.16
CA THR A 45 2.43 8.18 16.77
C THR A 45 2.30 7.23 17.96
N LYS A 46 1.12 6.60 18.09
CA LYS A 46 0.86 5.68 19.18
C LYS A 46 1.74 4.44 19.07
N GLY A 47 2.10 3.87 20.21
CA GLY A 47 2.93 2.68 20.22
C GLY A 47 4.41 3.01 20.07
N ARG A 48 5.23 2.41 20.93
CA ARG A 48 6.67 2.65 20.91
C ARG A 48 7.31 1.98 19.69
N PRO A 49 8.20 2.71 18.98
CA PRO A 49 8.89 2.18 17.80
C PRO A 49 9.87 1.07 18.16
N PHE A 50 10.87 0.85 17.31
CA PHE A 50 11.88 -0.17 17.55
C PHE A 50 11.29 -1.56 17.37
N ARG A 51 10.85 -1.83 16.14
CA ARG A 51 10.26 -3.11 15.78
C ARG A 51 8.87 -3.25 16.38
N GLY A 52 7.88 -3.20 15.50
CA GLY A 52 6.49 -3.33 15.92
C GLY A 52 5.58 -3.68 14.76
N MET A 53 5.87 -3.09 13.61
CA MET A 53 5.10 -3.31 12.40
C MET A 53 5.88 -2.89 11.17
N SER A 54 5.68 -3.61 10.08
CA SER A 54 6.37 -3.31 8.83
C SER A 54 5.71 -4.02 7.66
N GLU A 55 6.51 -4.46 6.70
CA GLU A 55 5.99 -5.16 5.52
C GLU A 55 5.33 -6.47 5.90
N GLU A 56 5.81 -7.07 6.99
CA GLU A 56 5.27 -8.34 7.46
C GLU A 56 3.75 -8.28 7.64
N GLU A 57 3.26 -7.23 8.30
CA GLU A 57 1.83 -7.08 8.54
C GLU A 57 1.10 -6.51 7.33
N VAL A 58 1.61 -5.39 6.81
CA VAL A 58 0.99 -4.72 5.67
C VAL A 58 0.78 -5.68 4.51
N PHE A 59 1.82 -6.44 4.18
CA PHE A 59 1.73 -7.40 3.08
C PHE A 59 0.63 -8.42 3.34
N THR A 60 0.45 -8.79 4.61
CA THR A 60 -0.55 -9.77 4.99
C THR A 60 -1.97 -9.19 4.96
N GLU A 61 -2.16 -8.07 5.64
CA GLU A 61 -3.46 -7.41 5.71
C GLU A 61 -3.96 -7.07 4.31
N VAL A 62 -3.07 -6.55 3.47
CA VAL A 62 -3.42 -6.21 2.10
C VAL A 62 -3.77 -7.47 1.31
N ALA A 63 -2.96 -8.51 1.47
CA ALA A 63 -3.19 -9.77 0.79
C ALA A 63 -4.55 -10.33 1.18
N ASN A 64 -4.87 -10.22 2.46
CA ASN A 64 -6.14 -10.69 2.99
C ASN A 64 -7.30 -9.99 2.29
N LEU A 65 -7.13 -8.69 2.04
CA LEU A 65 -8.13 -7.90 1.34
C LEU A 65 -8.23 -8.32 -0.12
N PHE A 66 -7.11 -8.14 -0.82
CA PHE A 66 -7.01 -8.47 -2.24
C PHE A 66 -6.95 -9.97 -2.46
N ARG A 67 -7.71 -10.73 -1.69
CA ARG A 67 -7.73 -12.19 -1.82
C ARG A 67 -8.16 -12.57 -3.23
N GLY A 68 -7.42 -13.51 -3.84
CA GLY A 68 -7.72 -13.93 -5.19
C GLY A 68 -7.11 -13.00 -6.22
N GLN A 69 -7.19 -11.70 -5.96
CA GLN A 69 -6.64 -10.69 -6.86
C GLN A 69 -5.12 -10.60 -6.70
N GLU A 70 -4.45 -11.74 -6.79
CA GLU A 70 -3.00 -11.79 -6.65
C GLU A 70 -2.29 -10.92 -7.68
N ASP A 71 -3.02 -10.51 -8.70
CA ASP A 71 -2.46 -9.66 -9.75
C ASP A 71 -1.96 -8.34 -9.16
N LEU A 72 -2.72 -7.78 -8.23
CA LEU A 72 -2.34 -6.53 -7.59
C LEU A 72 -1.19 -6.77 -6.63
N LEU A 73 -1.24 -7.88 -5.90
CA LEU A 73 -0.23 -8.25 -4.97
C LEU A 73 1.13 -8.33 -5.63
N SER A 74 1.13 -8.76 -6.89
CA SER A 74 2.38 -8.88 -7.65
C SER A 74 3.09 -7.54 -7.71
N GLU A 75 2.31 -6.48 -7.90
CA GLU A 75 2.88 -5.13 -7.97
C GLU A 75 3.32 -4.66 -6.59
N PHE A 76 2.48 -4.90 -5.60
CA PHE A 76 2.76 -4.52 -4.22
C PHE A 76 4.08 -5.13 -3.75
N GLY A 77 4.29 -6.39 -4.12
CA GLY A 77 5.49 -7.10 -3.74
C GLY A 77 6.75 -6.52 -4.36
N GLN A 78 6.63 -6.02 -5.58
CA GLN A 78 7.78 -5.44 -6.30
C GLN A 78 8.52 -4.44 -5.43
N PHE A 79 7.78 -3.48 -4.86
CA PHE A 79 8.38 -2.46 -4.01
C PHE A 79 8.87 -3.05 -2.70
N LEU A 80 8.04 -3.90 -2.09
CA LEU A 80 8.38 -4.53 -0.82
C LEU A 80 9.61 -5.42 -0.95
N PRO A 81 10.54 -5.35 0.01
CA PRO A 81 11.76 -6.17 0.01
C PRO A 81 11.51 -7.59 0.48
N GLU A 82 10.61 -8.29 -0.22
CA GLU A 82 10.27 -9.66 0.13
C GLU A 82 11.51 -10.52 0.35
N ALA A 83 11.53 -11.26 1.45
CA ALA A 83 12.66 -12.13 1.78
C ALA A 83 12.27 -13.60 1.64
N LYS A 84 11.13 -13.96 2.23
CA LYS A 84 10.63 -15.32 2.18
C LYS A 84 9.11 -15.34 2.31
N ARG A 85 8.45 -16.13 1.46
CA ARG A 85 7.00 -16.24 1.48
C ARG A 85 6.54 -16.95 2.75
N ASN B 1 9.33 2.44 0.95
CA ASN B 1 8.78 3.34 -0.12
C ASN B 1 7.26 3.29 -0.15
N ILE B 2 6.67 3.06 1.02
CA ILE B 2 5.22 3.00 1.14
C ILE B 2 4.60 4.40 1.07
N GLN B 3 5.38 5.40 1.47
CA GLN B 3 4.94 6.79 1.45
C GLN B 3 4.37 7.15 0.08
N MET B 4 5.00 6.60 -0.95
CA MET B 4 4.56 6.86 -2.32
C MET B 4 3.12 6.43 -2.53
N LEU B 5 2.74 5.30 -1.94
CA LEU B 5 1.37 4.81 -2.07
C LEU B 5 0.39 5.67 -1.28
N LEU B 6 0.73 5.99 -0.03
CA LEU B 6 -0.14 6.84 0.78
C LEU B 6 -0.35 8.16 0.07
N GLU B 7 0.72 8.68 -0.50
CA GLU B 7 0.70 9.94 -1.23
C GLU B 7 -0.07 9.79 -2.55
N ALA B 8 0.07 8.63 -3.16
CA ALA B 8 -0.61 8.35 -4.43
C ALA B 8 -2.12 8.40 -4.29
N ALA B 9 -2.63 7.80 -3.22
CA ALA B 9 -4.07 7.78 -2.97
C ALA B 9 -4.63 9.20 -2.94
N ASP B 10 -3.89 10.09 -2.30
CA ASP B 10 -4.32 11.49 -2.19
C ASP B 10 -4.32 12.16 -3.57
N TYR B 11 -3.32 11.82 -4.38
CA TYR B 11 -3.20 12.38 -5.73
C TYR B 11 -4.46 12.11 -6.54
N LEU B 12 -4.86 10.84 -6.62
CA LEU B 12 -6.05 10.46 -7.35
C LEU B 12 -7.31 11.00 -6.68
N GLU B 13 -7.34 10.87 -5.36
CA GLU B 13 -8.47 11.36 -4.56
C GLU B 13 -9.78 10.75 -5.04
N GLU A 1 2.16 16.53 -11.99
CA GLU A 1 2.21 16.71 -13.47
C GLU A 1 3.35 15.89 -14.08
N SER A 2 4.51 15.89 -13.43
CA SER A 2 5.66 15.15 -13.92
C SER A 2 6.82 15.21 -12.93
N ASP A 3 7.42 14.05 -12.65
CA ASP A 3 8.53 13.97 -11.72
C ASP A 3 9.12 12.56 -11.69
N SER A 4 9.39 12.04 -10.50
CA SER A 4 9.95 10.72 -10.35
C SER A 4 9.05 9.67 -10.98
N VAL A 5 9.68 8.69 -11.62
CA VAL A 5 8.96 7.60 -12.26
C VAL A 5 8.21 6.78 -11.23
N GLU A 6 8.88 6.53 -10.10
CA GLU A 6 8.30 5.76 -9.01
C GLU A 6 7.00 6.37 -8.51
N PHE A 7 6.91 7.70 -8.50
CA PHE A 7 5.70 8.39 -8.05
C PHE A 7 4.50 7.98 -8.90
N ASN A 8 4.62 8.19 -10.21
CA ASN A 8 3.56 7.80 -11.13
C ASN A 8 3.42 6.29 -11.12
N ASN A 9 4.54 5.63 -10.93
CA ASN A 9 4.60 4.17 -10.87
C ASN A 9 3.63 3.67 -9.81
N ALA A 10 3.61 4.37 -8.68
CA ALA A 10 2.74 4.02 -7.57
C ALA A 10 1.28 4.34 -7.90
N ILE A 11 1.06 5.48 -8.54
CA ILE A 11 -0.29 5.90 -8.92
C ILE A 11 -1.00 4.79 -9.66
N SER A 12 -0.29 4.15 -10.58
CA SER A 12 -0.85 3.07 -11.38
C SER A 12 -1.44 1.97 -10.51
N TYR A 13 -0.75 1.63 -9.42
CA TYR A 13 -1.21 0.59 -8.53
C TYR A 13 -2.50 1.00 -7.83
N VAL A 14 -2.46 2.13 -7.14
CA VAL A 14 -3.63 2.64 -6.43
C VAL A 14 -4.81 2.86 -7.36
N ASN A 15 -4.52 3.44 -8.52
CA ASN A 15 -5.55 3.71 -9.53
C ASN A 15 -6.26 2.44 -9.93
N LYS A 16 -5.48 1.47 -10.37
CA LYS A 16 -6.03 0.18 -10.80
C LYS A 16 -6.91 -0.41 -9.71
N ILE A 17 -6.48 -0.26 -8.46
CA ILE A 17 -7.23 -0.76 -7.33
C ILE A 17 -8.61 -0.10 -7.25
N LYS A 18 -8.63 1.21 -7.47
CA LYS A 18 -9.87 1.97 -7.45
C LYS A 18 -10.80 1.53 -8.57
N THR A 19 -10.29 1.62 -9.79
CA THR A 19 -11.04 1.26 -10.98
C THR A 19 -11.49 -0.20 -10.95
N ARG A 20 -10.69 -1.05 -10.31
CA ARG A 20 -11.02 -2.47 -10.22
C ARG A 20 -12.23 -2.71 -9.33
N PHE A 21 -12.14 -2.25 -8.08
CA PHE A 21 -13.22 -2.42 -7.13
C PHE A 21 -14.17 -1.23 -7.10
N LEU A 22 -14.46 -0.66 -8.26
CA LEU A 22 -15.38 0.48 -8.34
C LEU A 22 -16.70 0.16 -7.67
N ASP A 23 -17.13 -1.09 -7.79
CA ASP A 23 -18.38 -1.54 -7.20
C ASP A 23 -18.23 -1.71 -5.68
N HIS A 24 -17.08 -2.22 -5.26
CA HIS A 24 -16.81 -2.45 -3.85
C HIS A 24 -15.82 -1.41 -3.32
N PRO A 25 -16.30 -0.19 -3.00
CA PRO A 25 -15.45 0.89 -2.47
C PRO A 25 -14.75 0.50 -1.16
N GLU A 26 -15.47 -0.24 -0.32
CA GLU A 26 -14.92 -0.68 0.97
C GLU A 26 -13.53 -1.29 0.81
N ILE A 27 -13.32 -1.96 -0.32
CA ILE A 27 -12.04 -2.59 -0.60
C ILE A 27 -10.93 -1.55 -0.73
N TYR A 28 -11.20 -0.51 -1.52
CA TYR A 28 -10.24 0.56 -1.74
C TYR A 28 -9.84 1.22 -0.42
N ARG A 29 -10.85 1.60 0.36
CA ARG A 29 -10.63 2.23 1.65
C ARG A 29 -9.76 1.37 2.55
N SER A 30 -10.15 0.10 2.70
CA SER A 30 -9.41 -0.83 3.56
C SER A 30 -7.91 -0.82 3.22
N PHE A 31 -7.60 -0.95 1.93
CA PHE A 31 -6.21 -0.94 1.48
C PHE A 31 -5.50 0.31 1.98
N LEU A 32 -6.15 1.46 1.81
CA LEU A 32 -5.60 2.73 2.24
C LEU A 32 -5.33 2.72 3.74
N GLU A 33 -6.28 2.17 4.50
CA GLU A 33 -6.14 2.07 5.94
C GLU A 33 -4.94 1.21 6.29
N ILE A 34 -4.64 0.22 5.44
CA ILE A 34 -3.49 -0.66 5.65
C ILE A 34 -2.21 0.16 5.66
N LEU A 35 -1.96 0.88 4.56
CA LEU A 35 -0.79 1.73 4.46
C LEU A 35 -0.84 2.78 5.57
N HIS A 36 -2.06 3.27 5.81
CA HIS A 36 -2.30 4.27 6.85
C HIS A 36 -1.86 3.74 8.21
N THR A 37 -2.16 2.47 8.47
CA THR A 37 -1.79 1.84 9.73
C THR A 37 -0.29 1.86 9.91
N TYR A 38 0.42 1.70 8.79
CA TYR A 38 1.87 1.70 8.79
C TYR A 38 2.42 3.02 9.29
N GLN A 39 2.03 4.10 8.61
CA GLN A 39 2.47 5.44 8.94
C GLN A 39 2.04 5.88 10.35
N LYS A 40 0.81 5.54 10.72
CA LYS A 40 0.28 5.93 12.03
C LYS A 40 1.25 5.61 13.16
N GLU A 41 1.69 4.35 13.22
CA GLU A 41 2.62 3.93 14.27
C GLU A 41 3.95 4.67 14.16
N GLN A 42 4.42 4.87 12.94
CA GLN A 42 5.68 5.55 12.71
C GLN A 42 5.62 7.01 13.16
N LEU A 43 4.43 7.60 13.06
CA LEU A 43 4.25 9.00 13.45
C LEU A 43 4.65 9.23 14.90
N HIS A 44 3.76 8.88 15.83
CA HIS A 44 4.04 9.05 17.26
C HIS A 44 2.92 8.47 18.12
N THR A 45 2.43 7.30 17.74
CA THR A 45 1.36 6.64 18.49
C THR A 45 1.85 6.15 19.85
N LYS A 46 1.63 4.87 20.12
CA LYS A 46 2.06 4.26 21.38
C LYS A 46 3.47 4.69 21.77
N GLY A 47 4.35 4.79 20.77
CA GLY A 47 5.71 5.21 21.03
C GLY A 47 6.52 5.41 19.77
N ARG A 48 7.80 5.05 19.83
CA ARG A 48 8.71 5.18 18.70
C ARG A 48 8.45 4.11 17.64
N PRO A 49 8.61 4.46 16.35
CA PRO A 49 8.40 3.52 15.24
C PRO A 49 9.33 2.32 15.32
N PHE A 50 9.27 1.46 14.30
CA PHE A 50 10.10 0.28 14.24
C PHE A 50 9.75 -0.71 15.35
N ARG A 51 10.05 -1.98 15.10
CA ARG A 51 9.79 -3.04 16.06
C ARG A 51 8.33 -3.03 16.49
N GLY A 52 7.44 -3.08 15.51
CA GLY A 52 6.01 -3.08 15.78
C GLY A 52 5.20 -3.33 14.53
N MET A 53 5.64 -2.73 13.45
CA MET A 53 4.98 -2.87 12.16
C MET A 53 5.85 -2.33 11.04
N SER A 54 5.87 -3.04 9.91
CA SER A 54 6.66 -2.64 8.78
C SER A 54 6.01 -3.11 7.47
N GLU A 55 6.82 -3.46 6.49
CA GLU A 55 6.32 -3.92 5.21
C GLU A 55 5.68 -5.30 5.33
N GLU A 56 6.17 -6.09 6.29
CA GLU A 56 5.67 -7.44 6.51
C GLU A 56 4.16 -7.45 6.78
N GLU A 57 3.71 -6.62 7.72
CA GLU A 57 2.29 -6.57 8.05
C GLU A 57 1.46 -6.02 6.90
N VAL A 58 1.90 -4.87 6.37
CA VAL A 58 1.19 -4.23 5.26
C VAL A 58 0.99 -5.20 4.11
N PHE A 59 2.02 -5.99 3.82
CA PHE A 59 1.96 -6.98 2.75
C PHE A 59 0.86 -8.00 3.03
N THR A 60 0.73 -8.38 4.29
CA THR A 60 -0.27 -9.35 4.69
C THR A 60 -1.69 -8.78 4.62
N GLU A 61 -1.87 -7.57 5.17
CA GLU A 61 -3.17 -6.92 5.17
C GLU A 61 -3.70 -6.74 3.74
N VAL A 62 -2.84 -6.26 2.86
CA VAL A 62 -3.22 -6.04 1.47
C VAL A 62 -3.55 -7.39 0.81
N ALA A 63 -2.72 -8.40 1.12
CA ALA A 63 -2.94 -9.73 0.58
C ALA A 63 -4.28 -10.28 1.04
N ASN A 64 -4.60 -10.01 2.30
CA ASN A 64 -5.87 -10.46 2.88
C ASN A 64 -7.04 -9.86 2.11
N LEU A 65 -6.90 -8.58 1.76
CA LEU A 65 -7.93 -7.88 0.99
C LEU A 65 -8.05 -8.45 -0.41
N PHE A 66 -6.98 -8.31 -1.17
CA PHE A 66 -6.92 -8.79 -2.54
C PHE A 66 -6.73 -10.31 -2.59
N ARG A 67 -7.45 -11.02 -1.72
CA ARG A 67 -7.37 -12.48 -1.66
C ARG A 67 -7.71 -13.09 -3.03
N GLY A 68 -6.90 -14.04 -3.46
CA GLY A 68 -7.13 -14.67 -4.75
C GLY A 68 -6.62 -13.83 -5.90
N GLN A 69 -6.86 -12.52 -5.83
CA GLN A 69 -6.44 -11.59 -6.86
C GLN A 69 -4.95 -11.26 -6.72
N GLU A 70 -4.12 -12.28 -6.81
CA GLU A 70 -2.67 -12.11 -6.67
C GLU A 70 -2.09 -11.21 -7.76
N ASP A 71 -2.93 -10.81 -8.72
CA ASP A 71 -2.47 -9.95 -9.80
C ASP A 71 -1.98 -8.61 -9.25
N LEU A 72 -2.74 -8.05 -8.32
CA LEU A 72 -2.37 -6.79 -7.69
C LEU A 72 -1.21 -7.01 -6.73
N LEU A 73 -1.26 -8.11 -6.00
CA LEU A 73 -0.24 -8.46 -5.04
C LEU A 73 1.12 -8.54 -5.71
N SER A 74 1.14 -9.01 -6.94
CA SER A 74 2.38 -9.13 -7.70
C SER A 74 3.06 -7.77 -7.82
N GLU A 75 2.26 -6.73 -8.05
CA GLU A 75 2.77 -5.37 -8.19
C GLU A 75 3.28 -4.84 -6.85
N PHE A 76 2.43 -4.94 -5.83
CA PHE A 76 2.76 -4.47 -4.49
C PHE A 76 4.02 -5.15 -3.96
N GLY A 77 4.13 -6.44 -4.26
CA GLY A 77 5.28 -7.22 -3.81
C GLY A 77 6.60 -6.66 -4.29
N GLN A 78 6.63 -6.14 -5.52
CA GLN A 78 7.86 -5.59 -6.09
C GLN A 78 8.46 -4.51 -5.20
N PHE A 79 7.63 -3.60 -4.72
CA PHE A 79 8.11 -2.52 -3.86
C PHE A 79 8.70 -3.09 -2.57
N LEU A 80 7.96 -4.00 -1.95
CA LEU A 80 8.40 -4.62 -0.71
C LEU A 80 9.53 -5.62 -0.96
N PRO A 81 10.38 -5.88 0.05
CA PRO A 81 11.50 -6.82 -0.09
C PRO A 81 11.06 -8.16 -0.66
N GLU A 82 11.90 -8.75 -1.50
CA GLU A 82 11.61 -10.02 -2.15
C GLU A 82 11.06 -11.04 -1.16
N ALA A 83 11.70 -11.15 0.01
CA ALA A 83 11.28 -12.09 1.04
C ALA A 83 12.09 -11.89 2.31
N LYS A 84 12.50 -12.99 2.94
CA LYS A 84 13.28 -12.92 4.18
C LYS A 84 14.23 -14.12 4.28
N ARG A 85 14.50 -14.56 5.50
CA ARG A 85 15.40 -15.69 5.73
C ARG A 85 14.68 -17.01 5.47
N ASN B 1 9.27 3.13 -0.02
CA ASN B 1 8.39 2.74 -1.15
C ASN B 1 6.92 2.86 -0.77
N ILE B 2 6.60 2.46 0.45
CA ILE B 2 5.22 2.53 0.93
C ILE B 2 4.71 3.96 0.90
N GLN B 3 5.58 4.91 1.22
CA GLN B 3 5.23 6.32 1.21
C GLN B 3 4.66 6.71 -0.13
N MET B 4 5.34 6.30 -1.20
CA MET B 4 4.91 6.60 -2.56
C MET B 4 3.52 6.05 -2.85
N LEU B 5 3.28 4.78 -2.54
CA LEU B 5 1.98 4.16 -2.79
C LEU B 5 0.89 4.86 -1.99
N LEU B 6 1.14 5.08 -0.71
CA LEU B 6 0.19 5.74 0.17
C LEU B 6 -0.10 7.16 -0.32
N GLU B 7 0.94 7.83 -0.80
CA GLU B 7 0.83 9.19 -1.30
C GLU B 7 -0.02 9.21 -2.57
N ALA B 8 0.17 8.19 -3.41
CA ALA B 8 -0.57 8.07 -4.66
C ALA B 8 -2.07 8.20 -4.45
N ALA B 9 -2.58 7.55 -3.41
CA ALA B 9 -4.01 7.59 -3.11
C ALA B 9 -4.48 9.03 -2.92
N ASP B 10 -3.70 9.82 -2.20
CA ASP B 10 -4.04 11.21 -1.94
C ASP B 10 -4.12 12.00 -3.25
N TYR B 11 -3.19 11.72 -4.15
CA TYR B 11 -3.13 12.39 -5.45
C TYR B 11 -4.41 12.18 -6.25
N LEU B 12 -4.79 10.92 -6.42
CA LEU B 12 -5.99 10.58 -7.18
C LEU B 12 -7.24 11.11 -6.49
N GLU B 13 -7.37 10.83 -5.20
CA GLU B 13 -8.52 11.28 -4.43
C GLU B 13 -8.53 12.79 -4.29
N GLU A 1 8.81 20.75 -10.47
CA GLU A 1 8.12 20.64 -9.16
C GLU A 1 7.90 19.17 -8.79
N SER A 2 8.93 18.35 -8.99
CA SER A 2 8.85 16.92 -8.67
C SER A 2 7.82 16.21 -9.54
N ASP A 3 8.24 15.10 -10.16
CA ASP A 3 7.36 14.31 -11.02
C ASP A 3 8.06 13.06 -11.50
N SER A 4 8.74 12.37 -10.58
CA SER A 4 9.47 11.15 -10.90
C SER A 4 8.55 10.04 -11.38
N VAL A 5 9.10 9.23 -12.27
CA VAL A 5 8.39 8.09 -12.81
C VAL A 5 7.92 7.18 -11.69
N GLU A 6 8.75 7.06 -10.66
CA GLU A 6 8.42 6.22 -9.52
C GLU A 6 7.08 6.65 -8.93
N PHE A 7 6.84 7.96 -8.91
CA PHE A 7 5.60 8.51 -8.37
C PHE A 7 4.41 8.08 -9.23
N ASN A 8 4.51 8.32 -10.54
CA ASN A 8 3.44 7.96 -11.46
C ASN A 8 3.27 6.45 -11.52
N ASN A 9 4.38 5.75 -11.36
CA ASN A 9 4.41 4.30 -11.39
C ASN A 9 3.55 3.77 -10.26
N ALA A 10 3.66 4.40 -9.10
CA ALA A 10 2.89 4.02 -7.93
C ALA A 10 1.41 4.34 -8.15
N ILE A 11 1.13 5.51 -8.73
CA ILE A 11 -0.24 5.91 -8.99
C ILE A 11 -0.96 4.86 -9.80
N SER A 12 -0.25 4.29 -10.77
CA SER A 12 -0.81 3.26 -11.63
C SER A 12 -1.36 2.09 -10.82
N TYR A 13 -0.66 1.71 -9.75
CA TYR A 13 -1.10 0.61 -8.92
C TYR A 13 -2.36 0.97 -8.15
N VAL A 14 -2.29 2.06 -7.40
CA VAL A 14 -3.43 2.53 -6.62
C VAL A 14 -4.63 2.81 -7.50
N ASN A 15 -4.36 3.35 -8.69
CA ASN A 15 -5.40 3.68 -9.64
C ASN A 15 -6.13 2.42 -10.11
N LYS A 16 -5.35 1.49 -10.64
CA LYS A 16 -5.89 0.22 -11.13
C LYS A 16 -6.72 -0.47 -10.04
N ILE A 17 -6.24 -0.40 -8.80
CA ILE A 17 -6.94 -1.00 -7.68
C ILE A 17 -8.30 -0.34 -7.48
N LYS A 18 -8.30 0.99 -7.53
CA LYS A 18 -9.53 1.75 -7.36
C LYS A 18 -10.53 1.45 -8.47
N THR A 19 -10.07 1.63 -9.70
CA THR A 19 -10.90 1.39 -10.87
C THR A 19 -11.39 -0.05 -10.92
N ARG A 20 -10.57 -0.96 -10.42
CA ARG A 20 -10.93 -2.37 -10.42
C ARG A 20 -12.08 -2.66 -9.47
N PHE A 21 -11.90 -2.30 -8.20
CA PHE A 21 -12.93 -2.53 -7.19
C PHE A 21 -13.86 -1.33 -7.04
N LEU A 22 -14.19 -0.67 -8.15
CA LEU A 22 -15.09 0.47 -8.11
C LEU A 22 -16.43 0.08 -7.47
N ASP A 23 -16.84 -1.15 -7.70
CA ASP A 23 -18.09 -1.66 -7.15
C ASP A 23 -17.96 -1.92 -5.66
N HIS A 24 -16.80 -2.41 -5.25
CA HIS A 24 -16.51 -2.72 -3.86
C HIS A 24 -15.58 -1.68 -3.25
N PRO A 25 -16.10 -0.50 -2.88
CA PRO A 25 -15.30 0.58 -2.28
C PRO A 25 -14.57 0.14 -1.02
N GLU A 26 -15.23 -0.69 -0.22
CA GLU A 26 -14.66 -1.18 1.03
C GLU A 26 -13.26 -1.75 0.81
N ILE A 27 -13.04 -2.35 -0.37
CA ILE A 27 -11.75 -2.93 -0.70
C ILE A 27 -10.67 -1.86 -0.78
N TYR A 28 -10.94 -0.83 -1.58
CA TYR A 28 -10.00 0.27 -1.77
C TYR A 28 -9.72 0.98 -0.45
N ARG A 29 -10.80 1.32 0.26
CA ARG A 29 -10.70 2.00 1.54
C ARG A 29 -9.78 1.25 2.49
N SER A 30 -10.05 -0.04 2.67
CA SER A 30 -9.25 -0.88 3.55
C SER A 30 -7.77 -0.80 3.19
N PHE A 31 -7.47 -0.97 1.90
CA PHE A 31 -6.08 -0.90 1.42
C PHE A 31 -5.40 0.37 1.89
N LEU A 32 -6.07 1.50 1.67
CA LEU A 32 -5.53 2.79 2.06
C LEU A 32 -5.26 2.80 3.57
N GLU A 33 -6.21 2.29 4.34
CA GLU A 33 -6.06 2.22 5.79
C GLU A 33 -4.89 1.32 6.15
N ILE A 34 -4.61 0.32 5.32
CA ILE A 34 -3.50 -0.59 5.56
C ILE A 34 -2.18 0.18 5.60
N LEU A 35 -1.90 0.90 4.51
CA LEU A 35 -0.69 1.71 4.42
C LEU A 35 -0.75 2.82 5.47
N HIS A 36 -1.94 3.40 5.60
CA HIS A 36 -2.20 4.47 6.55
C HIS A 36 -1.85 4.02 7.97
N THR A 37 -2.20 2.78 8.30
CA THR A 37 -1.92 2.23 9.61
C THR A 37 -0.42 2.22 9.88
N TYR A 38 0.35 1.96 8.83
CA TYR A 38 1.80 1.93 8.93
C TYR A 38 2.35 3.27 9.38
N GLN A 39 2.07 4.29 8.58
CA GLN A 39 2.54 5.64 8.88
C GLN A 39 1.97 6.18 10.19
N LYS A 40 0.72 5.85 10.47
CA LYS A 40 0.05 6.31 11.69
C LYS A 40 0.92 6.11 12.92
N GLU A 41 1.68 5.03 12.94
CA GLU A 41 2.54 4.72 14.08
C GLU A 41 3.61 5.80 14.29
N GLN A 42 4.21 6.26 13.20
CA GLN A 42 5.25 7.27 13.28
C GLN A 42 4.67 8.69 13.34
N LEU A 43 3.76 9.00 12.42
CA LEU A 43 3.15 10.33 12.35
C LEU A 43 2.17 10.58 13.49
N HIS A 44 2.18 9.72 14.51
CA HIS A 44 1.28 9.88 15.65
C HIS A 44 1.86 9.24 16.91
N THR A 45 3.16 9.41 17.10
CA THR A 45 3.83 8.86 18.28
C THR A 45 3.28 9.47 19.55
N LYS A 46 3.01 8.63 20.54
CA LYS A 46 2.47 9.11 21.82
C LYS A 46 2.41 7.98 22.84
N GLY A 47 1.82 6.86 22.45
CA GLY A 47 1.71 5.73 23.36
C GLY A 47 0.92 4.56 22.77
N ARG A 48 1.02 4.39 21.45
CA ARG A 48 0.32 3.30 20.78
C ARG A 48 1.00 1.96 21.04
N PRO A 49 0.21 0.88 21.21
CA PRO A 49 0.75 -0.45 21.46
C PRO A 49 1.70 -0.91 20.37
N PHE A 50 2.87 -1.38 20.79
CA PHE A 50 3.90 -1.85 19.87
C PHE A 50 3.63 -3.28 19.42
N ARG A 51 2.42 -3.51 18.92
CA ARG A 51 2.04 -4.84 18.44
C ARG A 51 2.65 -5.13 17.08
N GLY A 52 3.82 -4.57 16.84
CA GLY A 52 4.52 -4.78 15.57
C GLY A 52 3.79 -4.20 14.39
N MET A 53 4.53 -3.53 13.52
CA MET A 53 3.95 -2.91 12.34
C MET A 53 5.04 -2.45 11.38
N SER A 54 4.93 -2.89 10.13
CA SER A 54 5.90 -2.52 9.09
C SER A 54 5.48 -3.11 7.75
N GLU A 55 6.44 -3.64 7.00
CA GLU A 55 6.16 -4.23 5.70
C GLU A 55 5.44 -5.57 5.84
N GLU A 56 5.77 -6.31 6.90
CA GLU A 56 5.17 -7.61 7.14
C GLU A 56 3.65 -7.53 7.30
N GLU A 57 3.19 -6.63 8.17
CA GLU A 57 1.75 -6.48 8.41
C GLU A 57 1.04 -5.91 7.18
N VAL A 58 1.55 -4.79 6.68
CA VAL A 58 0.96 -4.15 5.51
C VAL A 58 0.82 -5.12 4.35
N PHE A 59 1.85 -5.94 4.13
CA PHE A 59 1.83 -6.92 3.07
C PHE A 59 0.73 -7.95 3.31
N THR A 60 0.56 -8.33 4.57
CA THR A 60 -0.44 -9.32 4.95
C THR A 60 -1.86 -8.77 4.77
N GLU A 61 -2.10 -7.57 5.29
CA GLU A 61 -3.42 -6.94 5.19
C GLU A 61 -3.85 -6.81 3.74
N VAL A 62 -2.94 -6.35 2.89
CA VAL A 62 -3.24 -6.20 1.46
C VAL A 62 -3.50 -7.57 0.85
N ALA A 63 -2.70 -8.55 1.25
CA ALA A 63 -2.85 -9.91 0.76
C ALA A 63 -4.22 -10.45 1.13
N ASN A 64 -4.65 -10.13 2.35
CA ASN A 64 -5.95 -10.56 2.86
C ASN A 64 -7.07 -9.94 2.04
N LEU A 65 -6.91 -8.66 1.69
CA LEU A 65 -7.90 -7.94 0.90
C LEU A 65 -8.04 -8.55 -0.49
N PHE A 66 -6.95 -8.46 -1.25
CA PHE A 66 -6.92 -8.96 -2.62
C PHE A 66 -6.84 -10.49 -2.65
N ARG A 67 -7.59 -11.15 -1.77
CA ARG A 67 -7.60 -12.61 -1.73
C ARG A 67 -8.04 -13.17 -3.07
N GLY A 68 -7.28 -14.13 -3.58
CA GLY A 68 -7.60 -14.73 -4.87
C GLY A 68 -7.12 -13.88 -6.02
N GLN A 69 -7.33 -12.56 -5.92
CA GLN A 69 -6.90 -11.64 -6.95
C GLN A 69 -5.45 -11.21 -6.74
N GLU A 70 -4.57 -12.21 -6.60
CA GLU A 70 -3.16 -11.96 -6.37
C GLU A 70 -2.50 -11.25 -7.57
N ASP A 71 -3.29 -10.96 -8.60
CA ASP A 71 -2.75 -10.28 -9.78
C ASP A 71 -2.20 -8.91 -9.39
N LEU A 72 -3.01 -8.17 -8.64
CA LEU A 72 -2.62 -6.85 -8.16
C LEU A 72 -1.56 -6.97 -7.08
N LEU A 73 -1.67 -8.04 -6.30
CA LEU A 73 -0.75 -8.31 -5.22
C LEU A 73 0.68 -8.31 -5.73
N SER A 74 0.89 -8.93 -6.88
CA SER A 74 2.20 -9.01 -7.50
C SER A 74 2.80 -7.62 -7.66
N GLU A 75 1.96 -6.66 -8.05
CA GLU A 75 2.41 -5.29 -8.24
C GLU A 75 2.89 -4.70 -6.91
N PHE A 76 2.10 -4.90 -5.86
CA PHE A 76 2.44 -4.41 -4.53
C PHE A 76 3.79 -4.95 -4.10
N GLY A 77 3.98 -6.26 -4.31
CA GLY A 77 5.22 -6.90 -3.93
C GLY A 77 6.44 -6.33 -4.65
N GLN A 78 6.23 -5.84 -5.87
CA GLN A 78 7.32 -5.28 -6.66
C GLN A 78 8.17 -4.31 -5.84
N PHE A 79 7.51 -3.35 -5.19
CA PHE A 79 8.21 -2.36 -4.37
C PHE A 79 8.81 -3.02 -3.12
N LEU A 80 8.03 -3.89 -2.49
CA LEU A 80 8.47 -4.58 -1.29
C LEU A 80 9.66 -5.49 -1.58
N PRO A 81 10.73 -5.42 -0.77
CA PRO A 81 11.92 -6.26 -0.96
C PRO A 81 11.62 -7.73 -0.68
N GLU A 82 11.90 -8.58 -1.67
CA GLU A 82 11.66 -10.02 -1.54
C GLU A 82 12.03 -10.75 -2.82
N ALA A 83 13.31 -10.72 -3.17
CA ALA A 83 13.79 -11.38 -4.38
C ALA A 83 15.31 -11.56 -4.36
N LYS A 84 16.02 -10.50 -3.98
CA LYS A 84 17.47 -10.55 -3.92
C LYS A 84 17.95 -11.63 -2.97
N ARG A 85 17.28 -11.75 -1.82
CA ARG A 85 17.63 -12.76 -0.83
C ARG A 85 16.40 -13.20 -0.04
N ASN B 1 9.60 3.27 0.49
CA ASN B 1 8.84 2.86 -0.72
C ASN B 1 7.34 2.96 -0.48
N ILE B 2 6.90 2.46 0.67
CA ILE B 2 5.49 2.48 1.04
C ILE B 2 4.97 3.92 1.13
N GLN B 3 5.78 4.81 1.66
CA GLN B 3 5.39 6.22 1.80
C GLN B 3 4.96 6.77 0.45
N MET B 4 5.62 6.33 -0.62
CA MET B 4 5.28 6.78 -1.97
C MET B 4 3.93 6.24 -2.40
N LEU B 5 3.71 4.94 -2.15
CA LEU B 5 2.45 4.29 -2.52
C LEU B 5 1.29 4.88 -1.74
N LEU B 6 1.45 4.99 -0.43
CA LEU B 6 0.42 5.55 0.44
C LEU B 6 0.13 6.98 0.02
N GLU B 7 1.17 7.72 -0.32
CA GLU B 7 1.03 9.10 -0.75
C GLU B 7 0.24 9.16 -2.06
N ALA B 8 0.48 8.17 -2.92
CA ALA B 8 -0.20 8.08 -4.20
C ALA B 8 -1.72 8.10 -4.02
N ALA B 9 -2.19 7.38 -3.00
CA ALA B 9 -3.62 7.33 -2.71
C ALA B 9 -4.18 8.71 -2.49
N ASP B 10 -3.48 9.52 -1.70
CA ASP B 10 -3.89 10.88 -1.41
C ASP B 10 -3.99 11.68 -2.69
N TYR B 11 -3.07 11.44 -3.60
CA TYR B 11 -3.04 12.12 -4.89
C TYR B 11 -4.28 11.79 -5.70
N LEU B 12 -4.64 10.50 -5.72
CA LEU B 12 -5.80 10.04 -6.47
C LEU B 12 -7.11 10.38 -5.75
N GLU B 13 -7.07 11.42 -4.92
CA GLU B 13 -8.26 11.84 -4.18
C GLU B 13 -9.38 12.25 -5.12
N GLU A 1 9.76 15.62 -5.36
CA GLU A 1 8.62 14.88 -5.96
C GLU A 1 7.87 15.74 -6.96
N SER A 2 8.63 16.44 -7.81
CA SER A 2 8.04 17.31 -8.82
C SER A 2 7.19 16.51 -9.81
N ASP A 3 7.75 15.42 -10.32
CA ASP A 3 7.04 14.57 -11.28
C ASP A 3 7.86 13.33 -11.61
N SER A 4 8.47 12.73 -10.58
CA SER A 4 9.29 11.55 -10.75
C SER A 4 8.47 10.39 -11.27
N VAL A 5 9.08 9.59 -12.13
CA VAL A 5 8.42 8.42 -12.68
C VAL A 5 8.03 7.46 -11.57
N GLU A 6 8.90 7.32 -10.59
CA GLU A 6 8.62 6.44 -9.46
C GLU A 6 7.29 6.82 -8.82
N PHE A 7 6.99 8.11 -8.83
CA PHE A 7 5.75 8.63 -8.27
C PHE A 7 4.55 8.19 -9.10
N ASN A 8 4.57 8.51 -10.40
CA ASN A 8 3.48 8.13 -11.29
C ASN A 8 3.41 6.61 -11.36
N ASN A 9 4.56 6.01 -11.15
CA ASN A 9 4.72 4.56 -11.15
C ASN A 9 3.81 3.96 -10.09
N ALA A 10 3.84 4.55 -8.90
CA ALA A 10 3.02 4.10 -7.78
C ALA A 10 1.55 4.44 -8.04
N ILE A 11 1.33 5.60 -8.65
CA ILE A 11 -0.02 6.05 -8.97
C ILE A 11 -0.79 4.98 -9.73
N SER A 12 -0.11 4.34 -10.68
CA SER A 12 -0.73 3.30 -11.49
C SER A 12 -1.26 2.17 -10.62
N TYR A 13 -0.53 1.82 -9.56
CA TYR A 13 -0.97 0.76 -8.66
C TYR A 13 -2.28 1.15 -8.00
N VAL A 14 -2.26 2.32 -7.37
CA VAL A 14 -3.44 2.84 -6.68
C VAL A 14 -4.60 3.04 -7.67
N ASN A 15 -4.26 3.49 -8.86
CA ASN A 15 -5.24 3.74 -9.91
C ASN A 15 -5.93 2.44 -10.34
N LYS A 16 -5.13 1.41 -10.57
CA LYS A 16 -5.65 0.11 -11.00
C LYS A 16 -6.54 -0.50 -9.92
N ILE A 17 -6.19 -0.28 -8.67
CA ILE A 17 -6.96 -0.81 -7.55
C ILE A 17 -8.35 -0.17 -7.51
N LYS A 18 -8.40 1.14 -7.73
CA LYS A 18 -9.64 1.87 -7.74
C LYS A 18 -10.56 1.38 -8.86
N THR A 19 -9.99 1.23 -10.04
CA THR A 19 -10.73 0.78 -11.20
C THR A 19 -11.10 -0.69 -11.10
N ARG A 20 -10.27 -1.46 -10.40
CA ARG A 20 -10.50 -2.88 -10.23
C ARG A 20 -11.74 -3.14 -9.38
N PHE A 21 -11.75 -2.58 -8.17
CA PHE A 21 -12.87 -2.76 -7.26
C PHE A 21 -13.88 -1.61 -7.34
N LEU A 22 -14.19 -1.16 -8.56
CA LEU A 22 -15.16 -0.09 -8.74
C LEU A 22 -16.48 -0.45 -8.06
N ASP A 23 -16.84 -1.72 -8.13
CA ASP A 23 -18.07 -2.22 -7.52
C ASP A 23 -17.93 -2.32 -6.01
N HIS A 24 -16.76 -2.74 -5.55
CA HIS A 24 -16.48 -2.90 -4.14
C HIS A 24 -15.57 -1.78 -3.62
N PRO A 25 -16.12 -0.57 -3.38
CA PRO A 25 -15.34 0.57 -2.89
C PRO A 25 -14.70 0.29 -1.52
N GLU A 26 -15.39 -0.49 -0.71
CA GLU A 26 -14.90 -0.83 0.63
C GLU A 26 -13.49 -1.42 0.58
N ILE A 27 -13.16 -2.09 -0.53
CA ILE A 27 -11.85 -2.71 -0.70
C ILE A 27 -10.75 -1.64 -0.73
N TYR A 28 -10.93 -0.65 -1.60
CA TYR A 28 -9.96 0.43 -1.74
C TYR A 28 -9.74 1.13 -0.41
N ARG A 29 -10.83 1.44 0.27
CA ARG A 29 -10.76 2.11 1.56
C ARG A 29 -9.90 1.35 2.55
N SER A 30 -10.23 0.09 2.78
CA SER A 30 -9.48 -0.75 3.71
C SER A 30 -8.00 -0.77 3.37
N PHE A 31 -7.69 -1.04 2.11
CA PHE A 31 -6.31 -1.09 1.64
C PHE A 31 -5.54 0.15 2.09
N LEU A 32 -6.16 1.31 1.91
CA LEU A 32 -5.54 2.58 2.30
C LEU A 32 -5.26 2.59 3.79
N GLU A 33 -6.21 2.07 4.57
CA GLU A 33 -6.07 2.01 6.02
C GLU A 33 -4.90 1.12 6.41
N ILE A 34 -4.70 0.03 5.65
CA ILE A 34 -3.60 -0.88 5.92
C ILE A 34 -2.26 -0.16 5.82
N LEU A 35 -2.00 0.45 4.67
CA LEU A 35 -0.76 1.19 4.47
C LEU A 35 -0.66 2.29 5.51
N HIS A 36 -1.78 2.99 5.71
CA HIS A 36 -1.85 4.07 6.67
C HIS A 36 -1.41 3.60 8.06
N THR A 37 -1.87 2.40 8.43
CA THR A 37 -1.52 1.82 9.72
C THR A 37 -0.01 1.75 9.89
N TYR A 38 0.67 1.41 8.80
CA TYR A 38 2.12 1.30 8.81
C TYR A 38 2.77 2.66 9.06
N GLN A 39 2.44 3.60 8.20
CA GLN A 39 2.98 4.95 8.28
C GLN A 39 2.79 5.55 9.68
N LYS A 40 1.69 5.21 10.33
CA LYS A 40 1.39 5.71 11.67
C LYS A 40 2.55 5.45 12.62
N GLU A 41 3.03 4.21 12.65
CA GLU A 41 4.13 3.83 13.52
C GLU A 41 5.43 4.50 13.10
N GLN A 42 5.68 4.54 11.80
CA GLN A 42 6.90 5.15 11.27
C GLN A 42 7.02 6.61 11.68
N LEU A 43 5.88 7.29 11.80
CA LEU A 43 5.87 8.70 12.18
C LEU A 43 6.59 8.94 13.50
N HIS A 44 6.29 8.11 14.51
CA HIS A 44 6.90 8.25 15.83
C HIS A 44 7.75 7.03 16.18
N THR A 45 8.68 6.67 15.30
CA THR A 45 9.54 5.52 15.53
C THR A 45 10.38 5.70 16.80
N LYS A 46 10.40 4.67 17.64
CA LYS A 46 11.16 4.71 18.88
C LYS A 46 12.64 4.41 18.62
N GLY A 47 13.20 5.05 17.59
CA GLY A 47 14.59 4.82 17.25
C GLY A 47 14.84 3.42 16.74
N ARG A 48 15.28 2.54 17.62
CA ARG A 48 15.55 1.15 17.27
C ARG A 48 14.29 0.48 16.73
N PRO A 49 14.45 -0.41 15.72
CA PRO A 49 13.32 -1.12 15.13
C PRO A 49 12.55 -1.96 16.14
N PHE A 50 11.23 -1.90 16.06
CA PHE A 50 10.36 -2.66 16.97
C PHE A 50 9.47 -3.62 16.20
N ARG A 51 9.23 -4.79 16.77
CA ARG A 51 8.39 -5.81 16.14
C ARG A 51 6.90 -5.46 16.23
N GLY A 52 6.59 -4.18 16.16
CA GLY A 52 5.20 -3.75 16.23
C GLY A 52 4.48 -3.90 14.92
N MET A 53 5.15 -3.46 13.86
CA MET A 53 4.59 -3.54 12.51
C MET A 53 5.64 -3.22 11.47
N SER A 54 5.55 -3.85 10.31
CA SER A 54 6.50 -3.62 9.23
C SER A 54 5.94 -4.11 7.90
N GLU A 55 6.82 -4.46 6.97
CA GLU A 55 6.39 -4.94 5.66
C GLU A 55 5.61 -6.24 5.78
N GLU A 56 5.96 -7.05 6.78
CA GLU A 56 5.29 -8.33 6.99
C GLU A 56 3.80 -8.15 7.26
N GLU A 57 3.46 -7.27 8.22
CA GLU A 57 2.05 -7.04 8.56
C GLU A 57 1.32 -6.32 7.43
N VAL A 58 1.95 -5.29 6.87
CA VAL A 58 1.34 -4.54 5.77
C VAL A 58 1.02 -5.47 4.61
N PHE A 59 1.96 -6.34 4.29
CA PHE A 59 1.80 -7.30 3.22
C PHE A 59 0.66 -8.28 3.53
N THR A 60 0.56 -8.66 4.80
CA THR A 60 -0.47 -9.60 5.23
C THR A 60 -1.88 -9.03 5.09
N GLU A 61 -2.11 -7.87 5.69
CA GLU A 61 -3.41 -7.21 5.64
C GLU A 61 -3.86 -6.96 4.20
N VAL A 62 -2.95 -6.42 3.38
CA VAL A 62 -3.27 -6.14 1.99
C VAL A 62 -3.56 -7.45 1.25
N ALA A 63 -2.76 -8.48 1.54
CA ALA A 63 -2.95 -9.77 0.92
C ALA A 63 -4.32 -10.33 1.27
N ASN A 64 -4.70 -10.15 2.52
CA ASN A 64 -6.00 -10.60 3.01
C ASN A 64 -7.13 -9.94 2.23
N LEU A 65 -7.01 -8.64 2.01
CA LEU A 65 -8.00 -7.88 1.26
C LEU A 65 -8.07 -8.38 -0.17
N PHE A 66 -6.95 -8.25 -0.87
CA PHE A 66 -6.84 -8.66 -2.26
C PHE A 66 -6.80 -10.18 -2.39
N ARG A 67 -7.57 -10.87 -1.56
CA ARG A 67 -7.61 -12.34 -1.61
C ARG A 67 -8.09 -12.77 -2.99
N GLY A 68 -7.34 -13.69 -3.61
CA GLY A 68 -7.70 -14.14 -4.94
C GLY A 68 -7.26 -13.16 -6.01
N GLN A 69 -7.34 -11.87 -5.68
CA GLN A 69 -6.94 -10.81 -6.61
C GLN A 69 -5.42 -10.67 -6.61
N GLU A 70 -4.73 -11.81 -6.63
CA GLU A 70 -3.29 -11.85 -6.61
C GLU A 70 -2.66 -11.02 -7.73
N ASP A 71 -3.48 -10.58 -8.69
CA ASP A 71 -2.97 -9.78 -9.80
C ASP A 71 -2.35 -8.50 -9.28
N LEU A 72 -3.08 -7.80 -8.42
CA LEU A 72 -2.60 -6.56 -7.82
C LEU A 72 -1.53 -6.86 -6.79
N LEU A 73 -1.69 -7.99 -6.11
CA LEU A 73 -0.78 -8.44 -5.08
C LEU A 73 0.66 -8.45 -5.60
N SER A 74 0.83 -8.92 -6.83
CA SER A 74 2.14 -8.99 -7.46
C SER A 74 2.81 -7.63 -7.50
N GLU A 75 2.03 -6.60 -7.81
CA GLU A 75 2.55 -5.24 -7.89
C GLU A 75 2.97 -4.73 -6.50
N PHE A 76 2.10 -4.93 -5.52
CA PHE A 76 2.39 -4.50 -4.15
C PHE A 76 3.66 -5.15 -3.64
N GLY A 77 3.82 -6.43 -3.95
CA GLY A 77 4.98 -7.19 -3.52
C GLY A 77 6.30 -6.65 -4.03
N GLN A 78 6.35 -6.27 -5.31
CA GLN A 78 7.59 -5.77 -5.90
C GLN A 78 8.15 -4.59 -5.09
N PHE A 79 7.26 -3.70 -4.64
CA PHE A 79 7.70 -2.55 -3.85
C PHE A 79 8.35 -3.01 -2.55
N LEU A 80 7.68 -3.95 -1.88
CA LEU A 80 8.18 -4.49 -0.62
C LEU A 80 9.52 -5.20 -0.83
N PRO A 81 10.41 -5.18 0.18
CA PRO A 81 11.72 -5.83 0.09
C PRO A 81 11.62 -7.28 -0.34
N GLU A 82 12.58 -7.73 -1.15
CA GLU A 82 12.57 -9.11 -1.63
C GLU A 82 13.98 -9.54 -2.03
N ALA A 83 14.88 -9.61 -1.06
CA ALA A 83 16.26 -10.02 -1.29
C ALA A 83 17.00 -9.02 -2.19
N LYS A 84 16.95 -7.74 -1.81
CA LYS A 84 17.64 -6.69 -2.56
C LYS A 84 17.04 -6.52 -3.97
N ARG A 85 16.81 -5.27 -4.35
CA ARG A 85 16.26 -4.96 -5.67
C ARG A 85 17.23 -5.35 -6.77
N ASN B 1 8.95 3.56 -0.06
CA ASN B 1 8.07 2.93 -1.08
C ASN B 1 6.60 3.02 -0.68
N ILE B 2 6.32 2.72 0.58
CA ILE B 2 4.96 2.76 1.10
C ILE B 2 4.42 4.19 1.10
N GLN B 3 5.27 5.15 1.45
CA GLN B 3 4.86 6.55 1.48
C GLN B 3 4.35 6.96 0.10
N MET B 4 4.95 6.38 -0.93
CA MET B 4 4.56 6.67 -2.30
C MET B 4 3.08 6.33 -2.51
N LEU B 5 2.64 5.23 -1.92
CA LEU B 5 1.25 4.80 -2.06
C LEU B 5 0.32 5.71 -1.25
N LEU B 6 0.69 6.00 0.00
CA LEU B 6 -0.13 6.89 0.82
C LEU B 6 -0.31 8.22 0.10
N GLU B 7 0.79 8.70 -0.48
CA GLU B 7 0.81 9.96 -1.20
C GLU B 7 0.05 9.84 -2.52
N ALA B 8 0.17 8.68 -3.17
CA ALA B 8 -0.49 8.42 -4.45
C ALA B 8 -2.00 8.48 -4.34
N ALA B 9 -2.55 7.82 -3.32
CA ALA B 9 -3.99 7.78 -3.11
C ALA B 9 -4.56 9.19 -3.00
N ASP B 10 -3.88 10.05 -2.27
CA ASP B 10 -4.32 11.43 -2.09
C ASP B 10 -4.37 12.16 -3.43
N TYR B 11 -3.39 11.89 -4.27
CA TYR B 11 -3.30 12.52 -5.59
C TYR B 11 -4.50 12.17 -6.46
N LEU B 12 -4.75 10.88 -6.64
CA LEU B 12 -5.86 10.41 -7.46
C LEU B 12 -7.20 10.87 -6.90
N GLU B 13 -7.42 10.60 -5.62
CA GLU B 13 -8.67 10.98 -4.96
C GLU B 13 -8.82 12.50 -4.92
N GLU A 1 12.25 18.20 -12.91
CA GLU A 1 11.12 17.59 -13.68
C GLU A 1 9.84 17.59 -12.87
N SER A 2 9.95 17.24 -11.58
CA SER A 2 8.79 17.20 -10.69
C SER A 2 7.72 16.27 -11.24
N ASP A 3 8.15 15.11 -11.73
CA ASP A 3 7.21 14.13 -12.29
C ASP A 3 7.95 12.84 -12.62
N SER A 4 8.71 12.32 -11.66
CA SER A 4 9.47 11.11 -11.83
C SER A 4 8.59 9.94 -12.23
N VAL A 5 9.16 9.06 -13.01
CA VAL A 5 8.47 7.87 -13.48
C VAL A 5 7.95 7.08 -12.29
N GLU A 6 8.75 7.03 -11.24
CA GLU A 6 8.39 6.31 -10.01
C GLU A 6 7.10 6.87 -9.41
N PHE A 7 6.95 8.19 -9.47
CA PHE A 7 5.77 8.84 -8.92
C PHE A 7 4.51 8.36 -9.63
N ASN A 8 4.47 8.53 -10.95
CA ASN A 8 3.34 8.08 -11.75
C ASN A 8 3.24 6.56 -11.67
N ASN A 9 4.40 5.94 -11.49
CA ASN A 9 4.50 4.49 -11.38
C ASN A 9 3.63 4.02 -10.22
N ALA A 10 3.72 4.73 -9.12
CA ALA A 10 2.96 4.43 -7.92
C ALA A 10 1.48 4.77 -8.11
N ILE A 11 1.22 5.96 -8.66
CA ILE A 11 -0.15 6.41 -8.89
C ILE A 11 -0.94 5.37 -9.68
N SER A 12 -0.33 4.85 -10.73
CA SER A 12 -0.99 3.85 -11.58
C SER A 12 -1.40 2.64 -10.78
N TYR A 13 -0.59 2.27 -9.78
CA TYR A 13 -0.91 1.11 -8.94
C TYR A 13 -2.20 1.37 -8.18
N VAL A 14 -2.20 2.47 -7.44
CA VAL A 14 -3.37 2.86 -6.66
C VAL A 14 -4.56 3.09 -7.57
N ASN A 15 -4.30 3.68 -8.73
CA ASN A 15 -5.33 3.96 -9.71
C ASN A 15 -5.95 2.67 -10.25
N LYS A 16 -5.11 1.67 -10.48
CA LYS A 16 -5.57 0.38 -10.97
C LYS A 16 -6.42 -0.32 -9.91
N ILE A 17 -6.00 -0.17 -8.66
CA ILE A 17 -6.71 -0.77 -7.54
C ILE A 17 -8.12 -0.20 -7.43
N LYS A 18 -8.23 1.11 -7.60
CA LYS A 18 -9.50 1.80 -7.52
C LYS A 18 -10.42 1.36 -8.67
N THR A 19 -9.90 1.49 -9.88
CA THR A 19 -10.65 1.12 -11.07
C THR A 19 -11.04 -0.35 -11.06
N ARG A 20 -10.20 -1.17 -10.45
CA ARG A 20 -10.46 -2.60 -10.38
C ARG A 20 -11.67 -2.90 -9.50
N PHE A 21 -11.66 -2.37 -8.28
CA PHE A 21 -12.74 -2.59 -7.34
C PHE A 21 -13.72 -1.42 -7.31
N LEU A 22 -14.10 -0.92 -8.49
CA LEU A 22 -15.06 0.19 -8.56
C LEU A 22 -16.35 -0.17 -7.84
N ASP A 23 -16.82 -1.40 -8.06
CA ASP A 23 -18.04 -1.88 -7.43
C ASP A 23 -17.76 -2.21 -5.97
N HIS A 24 -16.50 -2.49 -5.67
CA HIS A 24 -16.07 -2.84 -4.32
C HIS A 24 -15.25 -1.71 -3.68
N PRO A 25 -15.89 -0.60 -3.30
CA PRO A 25 -15.20 0.54 -2.68
C PRO A 25 -14.60 0.19 -1.32
N GLU A 26 -15.29 -0.68 -0.59
CA GLU A 26 -14.85 -1.09 0.75
C GLU A 26 -13.41 -1.64 0.70
N ILE A 27 -13.07 -2.31 -0.39
CA ILE A 27 -11.74 -2.87 -0.55
C ILE A 27 -10.68 -1.77 -0.59
N TYR A 28 -10.91 -0.80 -1.47
CA TYR A 28 -10.00 0.32 -1.64
C TYR A 28 -9.78 1.05 -0.33
N ARG A 29 -10.88 1.33 0.36
CA ARG A 29 -10.84 2.03 1.64
C ARG A 29 -9.94 1.31 2.63
N SER A 30 -10.22 0.03 2.85
CA SER A 30 -9.43 -0.79 3.77
C SER A 30 -7.94 -0.73 3.42
N PHE A 31 -7.64 -0.93 2.14
CA PHE A 31 -6.26 -0.90 1.67
C PHE A 31 -5.56 0.39 2.10
N LEU A 32 -6.23 1.51 1.90
CA LEU A 32 -5.67 2.80 2.27
C LEU A 32 -5.39 2.85 3.77
N GLU A 33 -6.31 2.30 4.55
CA GLU A 33 -6.16 2.26 6.00
C GLU A 33 -4.96 1.39 6.36
N ILE A 34 -4.67 0.40 5.51
CA ILE A 34 -3.53 -0.48 5.74
C ILE A 34 -2.24 0.31 5.71
N LEU A 35 -2.01 1.01 4.60
CA LEU A 35 -0.82 1.84 4.44
C LEU A 35 -0.84 2.94 5.50
N HIS A 36 -2.05 3.42 5.79
CA HIS A 36 -2.24 4.45 6.79
C HIS A 36 -1.76 4.00 8.15
N THR A 37 -2.16 2.80 8.55
CA THR A 37 -1.77 2.22 9.82
C THR A 37 -0.25 2.08 9.88
N TYR A 38 0.35 1.74 8.74
CA TYR A 38 1.79 1.60 8.64
C TYR A 38 2.50 2.85 9.13
N GLN A 39 2.17 3.96 8.50
CA GLN A 39 2.75 5.25 8.87
C GLN A 39 2.43 5.61 10.31
N LYS A 40 1.19 5.38 10.71
CA LYS A 40 0.74 5.67 12.08
C LYS A 40 1.65 5.02 13.11
N GLU A 41 1.98 3.75 12.87
CA GLU A 41 2.83 3.01 13.80
C GLU A 41 4.27 3.53 13.78
N GLN A 42 4.74 3.93 12.61
CA GLN A 42 6.11 4.44 12.47
C GLN A 42 6.31 5.78 13.18
N LEU A 43 5.24 6.58 13.24
CA LEU A 43 5.30 7.89 13.87
C LEU A 43 5.39 7.80 15.40
N HIS A 44 6.45 8.38 15.97
CA HIS A 44 6.66 8.37 17.43
C HIS A 44 8.06 8.83 17.78
N THR A 45 8.15 9.70 18.79
CA THR A 45 9.43 10.22 19.23
C THR A 45 9.69 9.84 20.68
N LYS A 46 10.90 9.34 20.96
CA LYS A 46 11.28 8.93 22.31
C LYS A 46 10.37 7.83 22.84
N GLY A 47 10.97 6.70 23.22
CA GLY A 47 10.19 5.59 23.74
C GLY A 47 10.82 4.24 23.43
N ARG A 48 10.68 3.30 24.35
CA ARG A 48 11.24 1.97 24.16
C ARG A 48 10.76 1.35 22.85
N PRO A 49 11.68 0.75 22.07
CA PRO A 49 11.34 0.14 20.78
C PRO A 49 10.41 -1.05 20.94
N PHE A 50 9.57 -1.28 19.94
CA PHE A 50 8.61 -2.38 19.97
C PHE A 50 8.47 -2.99 18.57
N ARG A 51 7.85 -4.16 18.49
CA ARG A 51 7.65 -4.85 17.21
C ARG A 51 7.17 -3.89 16.14
N GLY A 52 6.38 -2.93 16.57
CA GLY A 52 5.85 -1.93 15.68
C GLY A 52 5.06 -2.53 14.53
N MET A 53 5.37 -2.05 13.33
CA MET A 53 4.69 -2.51 12.13
C MET A 53 5.43 -2.04 10.88
N SER A 54 5.43 -2.88 9.86
CA SER A 54 6.11 -2.55 8.62
C SER A 54 5.53 -3.35 7.45
N GLU A 55 6.40 -3.72 6.49
CA GLU A 55 5.98 -4.47 5.32
C GLU A 55 5.39 -5.82 5.74
N GLU A 56 5.91 -6.39 6.82
CA GLU A 56 5.44 -7.68 7.30
C GLU A 56 3.92 -7.66 7.53
N GLU A 57 3.42 -6.59 8.15
CA GLU A 57 1.99 -6.48 8.41
C GLU A 57 1.22 -5.97 7.20
N VAL A 58 1.68 -4.86 6.63
CA VAL A 58 1.03 -4.27 5.46
C VAL A 58 0.83 -5.28 4.34
N PHE A 59 1.85 -6.09 4.09
CA PHE A 59 1.77 -7.10 3.04
C PHE A 59 0.66 -8.10 3.35
N THR A 60 0.50 -8.40 4.64
CA THR A 60 -0.52 -9.35 5.07
C THR A 60 -1.92 -8.75 4.96
N GLU A 61 -2.09 -7.53 5.46
CA GLU A 61 -3.38 -6.86 5.41
C GLU A 61 -3.89 -6.74 3.98
N VAL A 62 -3.02 -6.30 3.08
CA VAL A 62 -3.39 -6.16 1.68
C VAL A 62 -3.69 -7.53 1.08
N ALA A 63 -2.86 -8.52 1.43
CA ALA A 63 -3.04 -9.88 0.95
C ALA A 63 -4.40 -10.40 1.39
N ASN A 64 -4.78 -10.05 2.61
CA ASN A 64 -6.07 -10.45 3.18
C ASN A 64 -7.21 -9.83 2.38
N LEU A 65 -7.01 -8.59 1.95
CA LEU A 65 -8.01 -7.87 1.17
C LEU A 65 -8.14 -8.45 -0.24
N PHE A 66 -7.07 -8.30 -1.02
CA PHE A 66 -7.04 -8.78 -2.40
C PHE A 66 -6.90 -10.29 -2.48
N ARG A 67 -7.58 -11.01 -1.59
CA ARG A 67 -7.52 -12.47 -1.60
C ARG A 67 -8.17 -13.03 -2.86
N GLY A 68 -7.54 -14.04 -3.44
CA GLY A 68 -8.07 -14.65 -4.65
C GLY A 68 -7.50 -14.01 -5.91
N GLN A 69 -7.46 -12.68 -5.93
CA GLN A 69 -6.93 -11.96 -7.08
C GLN A 69 -5.43 -12.19 -7.22
N GLU A 70 -4.68 -11.74 -6.21
CA GLU A 70 -3.24 -11.90 -6.17
C GLU A 70 -2.51 -11.23 -7.35
N ASP A 71 -3.24 -10.88 -8.41
CA ASP A 71 -2.62 -10.24 -9.56
C ASP A 71 -2.03 -8.90 -9.15
N LEU A 72 -2.83 -8.12 -8.44
CA LEU A 72 -2.40 -6.81 -7.95
C LEU A 72 -1.35 -7.00 -6.86
N LEU A 73 -1.54 -8.05 -6.07
CA LEU A 73 -0.65 -8.38 -4.98
C LEU A 73 0.78 -8.51 -5.49
N SER A 74 0.92 -9.11 -6.66
CA SER A 74 2.22 -9.31 -7.28
C SER A 74 2.97 -7.98 -7.41
N GLU A 75 2.25 -6.94 -7.80
CA GLU A 75 2.84 -5.62 -7.95
C GLU A 75 3.22 -5.04 -6.60
N PHE A 76 2.33 -5.20 -5.63
CA PHE A 76 2.56 -4.71 -4.27
C PHE A 76 3.85 -5.28 -3.69
N GLY A 77 4.05 -6.58 -3.89
CA GLY A 77 5.23 -7.24 -3.38
C GLY A 77 6.52 -6.68 -3.97
N GLN A 78 6.47 -6.34 -5.26
CA GLN A 78 7.63 -5.78 -5.95
C GLN A 78 8.16 -4.55 -5.21
N PHE A 79 7.25 -3.67 -4.82
CA PHE A 79 7.62 -2.45 -4.11
C PHE A 79 8.19 -2.77 -2.73
N LEU A 80 7.53 -3.68 -2.02
CA LEU A 80 7.95 -4.08 -0.68
C LEU A 80 9.30 -4.79 -0.72
N PRO A 81 10.24 -4.38 0.16
CA PRO A 81 11.57 -4.99 0.24
C PRO A 81 11.51 -6.43 0.73
N GLU A 82 12.42 -7.27 0.25
CA GLU A 82 12.47 -8.67 0.63
C GLU A 82 12.79 -8.83 2.12
N ALA A 83 13.41 -9.94 2.49
CA ALA A 83 13.76 -10.21 3.89
C ALA A 83 14.53 -11.53 4.01
N LYS A 84 15.49 -11.75 3.13
CA LYS A 84 16.29 -12.96 3.15
C LYS A 84 17.07 -13.07 4.44
N ARG A 85 17.14 -14.28 5.00
CA ARG A 85 17.86 -14.51 6.24
C ARG A 85 18.04 -16.01 6.50
N ASN B 1 9.09 2.53 -0.51
CA ASN B 1 8.13 2.73 -1.63
C ASN B 1 6.75 3.12 -1.11
N ILE B 2 6.37 2.56 0.04
CA ILE B 2 5.07 2.86 0.65
C ILE B 2 4.87 4.35 0.80
N GLN B 3 5.96 5.10 0.87
CA GLN B 3 5.89 6.56 1.00
C GLN B 3 5.04 7.15 -0.12
N MET B 4 5.45 6.89 -1.36
CA MET B 4 4.73 7.39 -2.53
C MET B 4 3.51 6.51 -2.81
N LEU B 5 3.62 5.24 -2.43
CA LEU B 5 2.54 4.28 -2.64
C LEU B 5 1.28 4.75 -1.92
N LEU B 6 1.46 5.18 -0.68
CA LEU B 6 0.35 5.69 0.13
C LEU B 6 -0.01 7.11 -0.28
N GLU B 7 1.01 7.94 -0.48
CA GLU B 7 0.83 9.32 -0.90
C GLU B 7 0.03 9.39 -2.19
N ALA B 8 0.22 8.40 -3.05
CA ALA B 8 -0.48 8.33 -4.33
C ALA B 8 -1.99 8.35 -4.14
N ALA B 9 -2.47 7.60 -3.15
CA ALA B 9 -3.90 7.52 -2.86
C ALA B 9 -4.49 8.90 -2.61
N ASP B 10 -3.83 9.68 -1.77
CA ASP B 10 -4.29 11.02 -1.44
C ASP B 10 -4.37 11.89 -2.69
N TYR B 11 -3.40 11.72 -3.58
CA TYR B 11 -3.35 12.49 -4.82
C TYR B 11 -4.59 12.27 -5.69
N LEU B 12 -4.88 11.01 -5.98
CA LEU B 12 -6.03 10.66 -6.81
C LEU B 12 -7.35 11.12 -6.19
N GLU B 13 -7.54 10.81 -4.90
CA GLU B 13 -8.76 11.20 -4.22
C GLU B 13 -8.87 12.71 -4.10
N GLU A 1 2.35 15.93 -16.31
CA GLU A 1 3.35 16.08 -17.40
C GLU A 1 4.75 16.28 -16.83
N SER A 2 5.05 15.58 -15.75
CA SER A 2 6.35 15.67 -15.09
C SER A 2 6.42 14.70 -13.91
N ASP A 3 7.16 15.08 -12.86
CA ASP A 3 7.30 14.25 -11.68
C ASP A 3 8.00 12.92 -11.99
N SER A 4 8.75 12.41 -11.02
CA SER A 4 9.47 11.16 -11.19
C SER A 4 8.57 10.06 -11.71
N VAL A 5 9.13 9.21 -12.54
CA VAL A 5 8.39 8.10 -13.12
C VAL A 5 7.84 7.20 -12.01
N GLU A 6 8.67 6.98 -10.99
CA GLU A 6 8.28 6.14 -9.86
C GLU A 6 7.03 6.65 -9.17
N PHE A 7 6.91 7.98 -9.05
CA PHE A 7 5.75 8.58 -8.40
C PHE A 7 4.46 8.20 -9.12
N ASN A 8 4.41 8.50 -10.42
CA ASN A 8 3.26 8.16 -11.23
C ASN A 8 3.14 6.65 -11.32
N ASN A 9 4.29 6.00 -11.26
CA ASN A 9 4.38 4.55 -11.32
C ASN A 9 3.55 3.94 -10.18
N ALA A 10 3.67 4.55 -9.01
CA ALA A 10 2.93 4.11 -7.83
C ALA A 10 1.43 4.41 -8.00
N ILE A 11 1.15 5.59 -8.56
CA ILE A 11 -0.23 6.01 -8.80
C ILE A 11 -0.99 4.94 -9.58
N SER A 12 -0.32 4.39 -10.59
CA SER A 12 -0.94 3.36 -11.42
C SER A 12 -1.42 2.19 -10.58
N TYR A 13 -0.64 1.85 -9.55
CA TYR A 13 -1.00 0.75 -8.66
C TYR A 13 -2.29 1.06 -7.90
N VAL A 14 -2.26 2.16 -7.15
CA VAL A 14 -3.42 2.57 -6.37
C VAL A 14 -4.65 2.79 -7.26
N ASN A 15 -4.43 3.48 -8.37
CA ASN A 15 -5.49 3.79 -9.31
C ASN A 15 -6.11 2.52 -9.88
N LYS A 16 -5.26 1.67 -10.43
CA LYS A 16 -5.71 0.41 -11.01
C LYS A 16 -6.53 -0.38 -9.99
N ILE A 17 -6.11 -0.31 -8.73
CA ILE A 17 -6.81 -0.99 -7.65
C ILE A 17 -8.21 -0.40 -7.48
N LYS A 18 -8.31 0.91 -7.65
CA LYS A 18 -9.57 1.61 -7.53
C LYS A 18 -10.53 1.18 -8.64
N THR A 19 -10.03 1.15 -9.87
CA THR A 19 -10.84 0.75 -11.02
C THR A 19 -11.11 -0.75 -10.98
N ARG A 20 -10.21 -1.49 -10.35
CA ARG A 20 -10.37 -2.94 -10.24
C ARG A 20 -11.59 -3.27 -9.40
N PHE A 21 -11.61 -2.78 -8.17
CA PHE A 21 -12.72 -3.02 -7.26
C PHE A 21 -13.73 -1.87 -7.30
N LEU A 22 -14.11 -1.43 -8.50
CA LEU A 22 -15.07 -0.34 -8.64
C LEU A 22 -16.36 -0.67 -7.90
N ASP A 23 -16.80 -1.93 -8.00
CA ASP A 23 -18.01 -2.38 -7.33
C ASP A 23 -17.72 -2.66 -5.87
N HIS A 24 -16.44 -2.86 -5.56
CA HIS A 24 -16.00 -3.16 -4.21
C HIS A 24 -15.21 -1.99 -3.61
N PRO A 25 -15.91 -0.91 -3.22
CA PRO A 25 -15.26 0.28 -2.63
C PRO A 25 -14.59 -0.03 -1.29
N GLU A 26 -15.20 -0.92 -0.52
CA GLU A 26 -14.67 -1.30 0.79
C GLU A 26 -13.21 -1.73 0.70
N ILE A 27 -12.87 -2.40 -0.40
CA ILE A 27 -11.50 -2.87 -0.60
C ILE A 27 -10.54 -1.69 -0.73
N TYR A 28 -10.92 -0.73 -1.55
CA TYR A 28 -10.10 0.45 -1.80
C TYR A 28 -9.82 1.20 -0.50
N ARG A 29 -10.87 1.48 0.26
CA ARG A 29 -10.75 2.18 1.53
C ARG A 29 -9.80 1.46 2.48
N SER A 30 -10.09 0.18 2.71
CA SER A 30 -9.27 -0.63 3.61
C SER A 30 -7.80 -0.58 3.25
N PHE A 31 -7.49 -0.79 1.97
CA PHE A 31 -6.11 -0.78 1.50
C PHE A 31 -5.41 0.54 1.89
N LEU A 32 -6.07 1.65 1.61
CA LEU A 32 -5.53 2.96 1.93
C LEU A 32 -5.26 3.06 3.42
N GLU A 33 -6.17 2.51 4.22
CA GLU A 33 -6.04 2.51 5.67
C GLU A 33 -4.85 1.64 6.08
N ILE A 34 -4.57 0.62 5.28
CA ILE A 34 -3.45 -0.27 5.57
C ILE A 34 -2.13 0.50 5.56
N LEU A 35 -1.82 1.11 4.43
CA LEU A 35 -0.60 1.89 4.29
C LEU A 35 -0.63 3.03 5.31
N HIS A 36 -1.81 3.61 5.50
CA HIS A 36 -2.00 4.70 6.45
C HIS A 36 -1.65 4.23 7.86
N THR A 37 -2.08 3.02 8.19
CA THR A 37 -1.80 2.43 9.49
C THR A 37 -0.30 2.30 9.71
N TYR A 38 0.40 1.92 8.64
CA TYR A 38 1.85 1.77 8.70
C TYR A 38 2.51 3.04 9.20
N GLN A 39 2.27 4.13 8.48
CA GLN A 39 2.85 5.43 8.83
C GLN A 39 2.50 5.83 10.27
N LYS A 40 1.28 5.54 10.69
CA LYS A 40 0.84 5.88 12.04
C LYS A 40 1.87 5.48 13.09
N GLU A 41 2.43 4.29 12.92
CA GLU A 41 3.44 3.78 13.85
C GLU A 41 4.76 4.55 13.70
N GLN A 42 5.18 4.75 12.45
CA GLN A 42 6.42 5.44 12.15
C GLN A 42 6.28 6.95 12.30
N LEU A 43 5.25 7.40 13.00
CA LEU A 43 5.03 8.84 13.21
C LEU A 43 5.97 9.38 14.28
N HIS A 44 7.14 8.77 14.40
CA HIS A 44 8.14 9.19 15.38
C HIS A 44 9.48 9.41 14.68
N THR A 45 10.54 8.79 15.21
CA THR A 45 11.88 8.90 14.63
C THR A 45 12.63 7.60 14.79
N LYS A 46 11.92 6.48 14.61
CA LYS A 46 12.49 5.16 14.73
C LYS A 46 11.73 4.16 13.87
N GLY A 47 12.46 3.19 13.31
CA GLY A 47 11.83 2.18 12.48
C GLY A 47 12.54 0.85 12.55
N ARG A 48 13.08 0.54 13.72
CA ARG A 48 13.79 -0.71 13.94
C ARG A 48 12.80 -1.85 14.20
N PRO A 49 13.15 -3.08 13.76
CA PRO A 49 12.29 -4.26 13.95
C PRO A 49 11.95 -4.47 15.42
N PHE A 50 10.66 -4.70 15.69
CA PHE A 50 10.20 -4.92 17.06
C PHE A 50 8.73 -5.32 17.06
N ARG A 51 8.12 -5.28 18.23
CA ARG A 51 6.71 -5.65 18.37
C ARG A 51 5.81 -4.58 17.75
N GLY A 52 6.42 -3.67 17.02
CA GLY A 52 5.68 -2.61 16.37
C GLY A 52 4.93 -3.09 15.14
N MET A 53 5.17 -2.40 14.03
CA MET A 53 4.51 -2.74 12.78
C MET A 53 5.33 -2.23 11.59
N SER A 54 5.23 -2.95 10.47
CA SER A 54 5.96 -2.56 9.26
C SER A 54 5.42 -3.30 8.04
N GLU A 55 6.33 -3.69 7.14
CA GLU A 55 5.95 -4.40 5.92
C GLU A 55 5.27 -5.73 6.21
N GLU A 56 5.65 -6.35 7.32
CA GLU A 56 5.10 -7.65 7.70
C GLU A 56 3.57 -7.62 7.77
N GLU A 57 3.02 -6.63 8.48
CA GLU A 57 1.57 -6.50 8.61
C GLU A 57 0.93 -6.02 7.32
N VAL A 58 1.48 -4.95 6.75
CA VAL A 58 0.95 -4.37 5.52
C VAL A 58 0.83 -5.42 4.43
N PHE A 59 1.81 -6.30 4.33
CA PHE A 59 1.79 -7.36 3.33
C PHE A 59 0.57 -8.26 3.52
N THR A 60 0.25 -8.55 4.78
CA THR A 60 -0.89 -9.40 5.11
C THR A 60 -2.21 -8.67 4.90
N GLU A 61 -2.26 -7.43 5.36
CA GLU A 61 -3.46 -6.61 5.25
C GLU A 61 -3.88 -6.47 3.79
N VAL A 62 -2.93 -6.15 2.92
CA VAL A 62 -3.20 -5.98 1.50
C VAL A 62 -3.48 -7.32 0.83
N ALA A 63 -2.69 -8.33 1.18
CA ALA A 63 -2.86 -9.66 0.60
C ALA A 63 -4.22 -10.24 0.95
N ASN A 64 -4.59 -10.12 2.22
CA ASN A 64 -5.87 -10.63 2.70
C ASN A 64 -7.02 -9.90 2.00
N LEU A 65 -6.85 -8.59 1.86
CA LEU A 65 -7.85 -7.77 1.19
C LEU A 65 -8.06 -8.21 -0.24
N PHE A 66 -6.98 -8.13 -1.01
CA PHE A 66 -6.99 -8.50 -2.43
C PHE A 66 -7.07 -10.02 -2.62
N ARG A 67 -7.85 -10.68 -1.78
CA ARG A 67 -8.00 -12.14 -1.89
C ARG A 67 -8.57 -12.51 -3.26
N GLY A 68 -7.90 -13.42 -3.94
CA GLY A 68 -8.34 -13.82 -5.26
C GLY A 68 -7.70 -12.99 -6.36
N GLN A 69 -7.64 -11.68 -6.14
CA GLN A 69 -7.03 -10.78 -7.11
C GLN A 69 -5.52 -10.68 -6.89
N GLU A 70 -4.88 -11.84 -6.78
CA GLU A 70 -3.44 -11.90 -6.56
C GLU A 70 -2.66 -11.24 -7.68
N ASP A 71 -3.36 -10.88 -8.76
CA ASP A 71 -2.71 -10.23 -9.90
C ASP A 71 -2.08 -8.92 -9.46
N LEU A 72 -2.83 -8.14 -8.69
CA LEU A 72 -2.35 -6.87 -8.17
C LEU A 72 -1.33 -7.11 -7.07
N LEU A 73 -1.51 -8.20 -6.34
CA LEU A 73 -0.63 -8.57 -5.27
C LEU A 73 0.80 -8.68 -5.76
N SER A 74 0.97 -9.28 -6.93
CA SER A 74 2.29 -9.43 -7.53
C SER A 74 2.98 -8.09 -7.61
N GLU A 75 2.23 -7.06 -7.96
CA GLU A 75 2.78 -5.71 -8.07
C GLU A 75 3.18 -5.18 -6.71
N PHE A 76 2.34 -5.44 -5.70
CA PHE A 76 2.60 -4.99 -4.34
C PHE A 76 3.96 -5.52 -3.87
N GLY A 77 4.20 -6.78 -4.16
CA GLY A 77 5.46 -7.41 -3.78
C GLY A 77 6.65 -6.74 -4.43
N GLN A 78 6.46 -6.24 -5.65
CA GLN A 78 7.52 -5.57 -6.39
C GLN A 78 8.10 -4.41 -5.60
N PHE A 79 7.20 -3.59 -5.05
CA PHE A 79 7.61 -2.42 -4.27
C PHE A 79 8.21 -2.84 -2.93
N LEU A 80 7.56 -3.79 -2.25
CA LEU A 80 8.04 -4.26 -0.97
C LEU A 80 9.47 -4.80 -1.08
N PRO A 81 10.39 -4.30 -0.22
CA PRO A 81 11.79 -4.71 -0.22
C PRO A 81 11.96 -6.14 0.29
N GLU A 82 12.68 -6.95 -0.47
CA GLU A 82 12.93 -8.34 -0.09
C GLU A 82 13.88 -8.42 1.10
N ALA A 83 13.53 -9.22 2.10
CA ALA A 83 14.37 -9.38 3.28
C ALA A 83 15.64 -10.15 2.94
N LYS A 84 16.35 -10.59 3.98
CA LYS A 84 17.60 -11.35 3.81
C LYS A 84 18.66 -10.51 3.09
N ARG A 85 19.88 -10.55 3.61
CA ARG A 85 20.99 -9.81 3.00
C ARG A 85 21.27 -10.31 1.60
N ASN B 1 9.61 3.76 0.48
CA ASN B 1 8.97 3.01 -0.65
C ASN B 1 7.46 3.00 -0.50
N ILE B 2 6.99 2.64 0.69
CA ILE B 2 5.56 2.59 0.98
C ILE B 2 4.94 3.98 0.87
N GLN B 3 5.71 4.99 1.27
CA GLN B 3 5.25 6.38 1.24
C GLN B 3 4.69 6.74 -0.14
N MET B 4 5.28 6.18 -1.19
CA MET B 4 4.83 6.46 -2.54
C MET B 4 3.40 5.97 -2.79
N LEU B 5 3.14 4.71 -2.42
CA LEU B 5 1.81 4.14 -2.60
C LEU B 5 0.77 4.82 -1.72
N LEU B 6 1.12 5.01 -0.45
CA LEU B 6 0.22 5.65 0.50
C LEU B 6 -0.10 7.08 0.06
N GLU B 7 0.92 7.83 -0.29
CA GLU B 7 0.75 9.20 -0.74
C GLU B 7 -0.09 9.24 -2.02
N ALA B 8 0.12 8.24 -2.87
CA ALA B 8 -0.60 8.13 -4.13
C ALA B 8 -2.11 8.22 -3.90
N ALA B 9 -2.56 7.59 -2.81
CA ALA B 9 -3.99 7.59 -2.46
C ALA B 9 -4.52 9.01 -2.32
N ASP B 10 -3.78 9.84 -1.57
CA ASP B 10 -4.18 11.23 -1.35
C ASP B 10 -4.20 11.99 -2.67
N TYR B 11 -3.23 11.71 -3.52
CA TYR B 11 -3.13 12.37 -4.82
C TYR B 11 -4.39 12.17 -5.65
N LEU B 12 -4.77 10.92 -5.83
CA LEU B 12 -5.97 10.60 -6.61
C LEU B 12 -7.23 11.14 -5.95
N GLU B 13 -7.38 10.85 -4.65
CA GLU B 13 -8.54 11.31 -3.90
C GLU B 13 -8.55 12.83 -3.80
N GLU A 1 12.29 14.75 -8.55
CA GLU A 1 11.09 15.46 -9.06
C GLU A 1 11.02 15.39 -10.58
N SER A 2 10.59 16.48 -11.21
CA SER A 2 10.47 16.55 -12.66
C SER A 2 9.62 15.41 -13.20
N ASP A 3 8.48 15.17 -12.54
CA ASP A 3 7.56 14.11 -12.95
C ASP A 3 8.27 12.75 -12.94
N SER A 4 8.86 12.41 -11.80
CA SER A 4 9.58 11.16 -11.66
C SER A 4 8.73 9.98 -12.10
N VAL A 5 9.38 9.02 -12.72
CA VAL A 5 8.71 7.82 -13.20
C VAL A 5 8.09 7.06 -12.04
N GLU A 6 8.82 6.98 -10.94
CA GLU A 6 8.37 6.27 -9.74
C GLU A 6 7.04 6.85 -9.22
N PHE A 7 6.90 8.17 -9.29
CA PHE A 7 5.70 8.83 -8.82
C PHE A 7 4.47 8.33 -9.58
N ASN A 8 4.50 8.48 -10.90
CA ASN A 8 3.41 8.02 -11.74
C ASN A 8 3.31 6.50 -11.66
N ASN A 9 4.47 5.88 -11.46
CA ASN A 9 4.57 4.44 -11.33
C ASN A 9 3.66 3.95 -10.21
N ALA A 10 3.67 4.70 -9.11
CA ALA A 10 2.85 4.38 -7.95
C ALA A 10 1.38 4.68 -8.23
N ILE A 11 1.12 5.83 -8.84
CA ILE A 11 -0.24 6.25 -9.16
C ILE A 11 -0.97 5.18 -9.95
N SER A 12 -0.27 4.60 -10.92
CA SER A 12 -0.85 3.56 -11.76
C SER A 12 -1.35 2.38 -10.91
N TYR A 13 -0.61 2.04 -9.86
CA TYR A 13 -0.99 0.95 -8.97
C TYR A 13 -2.30 1.26 -8.27
N VAL A 14 -2.33 2.39 -7.58
CA VAL A 14 -3.52 2.81 -6.83
C VAL A 14 -4.73 2.93 -7.76
N ASN A 15 -4.53 3.53 -8.92
CA ASN A 15 -5.59 3.72 -9.89
C ASN A 15 -6.20 2.39 -10.29
N LYS A 16 -5.36 1.50 -10.78
CA LYS A 16 -5.79 0.17 -11.21
C LYS A 16 -6.59 -0.52 -10.12
N ILE A 17 -6.18 -0.30 -8.88
CA ILE A 17 -6.87 -0.90 -7.74
C ILE A 17 -8.29 -0.35 -7.64
N LYS A 18 -8.42 0.95 -7.87
CA LYS A 18 -9.72 1.62 -7.82
C LYS A 18 -10.64 1.08 -8.91
N THR A 19 -10.16 1.15 -10.14
CA THR A 19 -10.92 0.68 -11.29
C THR A 19 -11.26 -0.80 -11.17
N ARG A 20 -10.38 -1.56 -10.51
CA ARG A 20 -10.61 -2.98 -10.33
C ARG A 20 -11.79 -3.24 -9.39
N PHE A 21 -11.73 -2.67 -8.20
CA PHE A 21 -12.78 -2.83 -7.21
C PHE A 21 -13.80 -1.70 -7.26
N LEU A 22 -14.16 -1.27 -8.46
CA LEU A 22 -15.14 -0.19 -8.63
C LEU A 22 -16.45 -0.54 -7.94
N ASP A 23 -16.81 -1.82 -7.97
CA ASP A 23 -18.04 -2.29 -7.36
C ASP A 23 -17.92 -2.32 -5.83
N HIS A 24 -16.76 -2.76 -5.35
CA HIS A 24 -16.51 -2.86 -3.92
C HIS A 24 -15.53 -1.78 -3.45
N PRO A 25 -16.01 -0.52 -3.29
CA PRO A 25 -15.17 0.59 -2.84
C PRO A 25 -14.56 0.34 -1.47
N GLU A 26 -15.31 -0.35 -0.61
CA GLU A 26 -14.85 -0.66 0.74
C GLU A 26 -13.45 -1.29 0.71
N ILE A 27 -13.19 -2.06 -0.33
CA ILE A 27 -11.90 -2.72 -0.49
C ILE A 27 -10.79 -1.69 -0.68
N TYR A 28 -11.07 -0.71 -1.53
CA TYR A 28 -10.12 0.35 -1.82
C TYR A 28 -9.76 1.12 -0.55
N ARG A 29 -10.80 1.51 0.19
CA ARG A 29 -10.62 2.25 1.44
C ARG A 29 -9.72 1.49 2.41
N SER A 30 -10.12 0.26 2.71
CA SER A 30 -9.36 -0.59 3.64
C SER A 30 -7.89 -0.68 3.22
N PHE A 31 -7.64 -0.98 1.95
CA PHE A 31 -6.28 -1.07 1.44
C PHE A 31 -5.47 0.16 1.82
N LEU A 32 -6.08 1.33 1.63
CA LEU A 32 -5.42 2.60 1.96
C LEU A 32 -5.13 2.67 3.45
N GLU A 33 -6.15 2.38 4.26
CA GLU A 33 -6.02 2.40 5.71
C GLU A 33 -4.85 1.52 6.14
N ILE A 34 -4.56 0.48 5.36
CA ILE A 34 -3.46 -0.42 5.68
C ILE A 34 -2.15 0.35 5.67
N LEU A 35 -1.93 1.12 4.61
CA LEU A 35 -0.72 1.93 4.48
C LEU A 35 -0.74 3.02 5.55
N HIS A 36 -1.93 3.59 5.75
CA HIS A 36 -2.13 4.62 6.75
C HIS A 36 -1.80 4.09 8.13
N THR A 37 -2.17 2.84 8.38
CA THR A 37 -1.91 2.18 9.65
C THR A 37 -0.41 2.11 9.87
N TYR A 38 0.33 1.90 8.80
CA TYR A 38 1.78 1.83 8.87
C TYR A 38 2.33 3.14 9.42
N GLN A 39 2.06 4.23 8.71
CA GLN A 39 2.51 5.55 9.12
C GLN A 39 2.12 5.85 10.57
N LYS A 40 0.98 5.32 11.01
CA LYS A 40 0.54 5.53 12.38
C LYS A 40 1.59 5.01 13.35
N GLU A 41 1.65 3.70 13.50
CA GLU A 41 2.62 3.06 14.38
C GLU A 41 3.98 2.93 13.67
N GLN A 42 4.34 3.94 12.89
CA GLN A 42 5.58 3.94 12.15
C GLN A 42 6.80 4.02 13.08
N LEU A 43 7.77 4.84 12.70
CA LEU A 43 8.99 5.02 13.48
C LEU A 43 8.66 5.59 14.86
N HIS A 44 9.22 6.77 15.18
CA HIS A 44 9.00 7.42 16.46
C HIS A 44 9.72 6.66 17.56
N THR A 45 10.92 6.20 17.21
CA THR A 45 11.77 5.46 18.13
C THR A 45 11.00 4.33 18.82
N LYS A 46 11.42 4.00 20.04
CA LYS A 46 10.77 2.95 20.82
C LYS A 46 9.75 3.53 21.80
N GLY A 47 8.72 2.74 22.11
CA GLY A 47 7.70 3.20 23.03
C GLY A 47 6.92 2.05 23.64
N ARG A 48 5.59 2.14 23.60
CA ARG A 48 4.73 1.11 24.15
C ARG A 48 5.04 -0.24 23.52
N PRO A 49 4.99 -1.33 24.32
CA PRO A 49 5.26 -2.69 23.84
C PRO A 49 4.33 -3.09 22.71
N PHE A 50 4.90 -3.67 21.65
CA PHE A 50 4.12 -4.10 20.49
C PHE A 50 5.01 -4.87 19.51
N ARG A 51 4.41 -5.85 18.81
CA ARG A 51 5.15 -6.65 17.85
C ARG A 51 5.76 -5.78 16.76
N GLY A 52 5.39 -4.51 16.76
CA GLY A 52 5.90 -3.57 15.79
C GLY A 52 5.37 -3.83 14.39
N MET A 53 4.96 -2.76 13.72
CA MET A 53 4.43 -2.85 12.38
C MET A 53 5.46 -2.45 11.34
N SER A 54 5.37 -3.05 10.17
CA SER A 54 6.30 -2.76 9.08
C SER A 54 5.74 -3.23 7.75
N GLU A 55 6.63 -3.65 6.86
CA GLU A 55 6.23 -4.12 5.53
C GLU A 55 5.49 -5.46 5.64
N GLU A 56 5.87 -6.27 6.62
CA GLU A 56 5.26 -7.57 6.82
C GLU A 56 3.76 -7.45 7.13
N GLU A 57 3.43 -6.56 8.08
CA GLU A 57 2.03 -6.36 8.45
C GLU A 57 1.23 -5.75 7.31
N VAL A 58 1.77 -4.70 6.70
CA VAL A 58 1.10 -4.03 5.59
C VAL A 58 0.84 -5.02 4.46
N PHE A 59 1.83 -5.84 4.17
CA PHE A 59 1.73 -6.85 3.12
C PHE A 59 0.64 -7.86 3.44
N THR A 60 0.55 -8.24 4.71
CA THR A 60 -0.45 -9.22 5.16
C THR A 60 -1.87 -8.67 5.01
N GLU A 61 -2.10 -7.46 5.51
CA GLU A 61 -3.41 -6.84 5.45
C GLU A 61 -3.89 -6.72 4.00
N VAL A 62 -3.00 -6.28 3.12
CA VAL A 62 -3.33 -6.13 1.71
C VAL A 62 -3.64 -7.50 1.10
N ALA A 63 -2.84 -8.50 1.48
CA ALA A 63 -3.03 -9.86 1.00
C ALA A 63 -4.40 -10.38 1.44
N ASN A 64 -4.75 -10.08 2.69
CA ASN A 64 -6.03 -10.49 3.25
C ASN A 64 -7.18 -9.88 2.47
N LEU A 65 -7.03 -8.61 2.11
CA LEU A 65 -8.04 -7.88 1.35
C LEU A 65 -8.17 -8.43 -0.06
N PHE A 66 -7.09 -8.26 -0.83
CA PHE A 66 -7.05 -8.70 -2.22
C PHE A 66 -6.94 -10.22 -2.32
N ARG A 67 -7.65 -10.94 -1.45
CA ARG A 67 -7.62 -12.40 -1.47
C ARG A 67 -8.10 -12.90 -2.83
N GLY A 68 -7.35 -13.84 -3.40
CA GLY A 68 -7.69 -14.38 -4.70
C GLY A 68 -7.19 -13.49 -5.83
N GLN A 69 -7.36 -12.18 -5.67
CA GLN A 69 -6.92 -11.22 -6.66
C GLN A 69 -5.41 -10.97 -6.53
N GLU A 70 -4.64 -12.04 -6.51
CA GLU A 70 -3.19 -11.96 -6.38
C GLU A 70 -2.55 -11.19 -7.54
N ASP A 71 -3.36 -10.81 -8.52
CA ASP A 71 -2.85 -10.07 -9.68
C ASP A 71 -2.26 -8.73 -9.23
N LEU A 72 -3.04 -8.00 -8.44
CA LEU A 72 -2.61 -6.71 -7.92
C LEU A 72 -1.53 -6.92 -6.86
N LEU A 73 -1.68 -8.00 -6.10
CA LEU A 73 -0.75 -8.34 -5.05
C LEU A 73 0.66 -8.45 -5.60
N SER A 74 0.77 -9.04 -6.79
CA SER A 74 2.05 -9.21 -7.46
C SER A 74 2.75 -7.87 -7.62
N GLU A 75 1.98 -6.85 -7.98
CA GLU A 75 2.52 -5.50 -8.16
C GLU A 75 2.92 -4.89 -6.82
N PHE A 76 2.11 -5.13 -5.80
CA PHE A 76 2.39 -4.60 -4.47
C PHE A 76 3.75 -5.07 -3.98
N GLY A 77 4.03 -6.35 -4.22
CA GLY A 77 5.31 -6.92 -3.82
C GLY A 77 6.48 -6.26 -4.52
N GLN A 78 6.26 -5.81 -5.75
CA GLN A 78 7.30 -5.16 -6.54
C GLN A 78 7.97 -4.05 -5.74
N PHE A 79 7.17 -3.19 -5.13
CA PHE A 79 7.69 -2.09 -4.33
C PHE A 79 8.34 -2.62 -3.05
N LEU A 80 7.67 -3.57 -2.41
CA LEU A 80 8.17 -4.17 -1.18
C LEU A 80 9.52 -4.85 -1.42
N PRO A 81 10.51 -4.58 -0.56
CA PRO A 81 11.85 -5.19 -0.69
C PRO A 81 11.84 -6.68 -0.40
N GLU A 82 13.04 -7.26 -0.32
CA GLU A 82 13.19 -8.69 -0.03
C GLU A 82 12.79 -9.56 -1.22
N ALA A 83 11.72 -9.19 -1.91
CA ALA A 83 11.24 -9.94 -3.06
C ALA A 83 12.22 -9.88 -4.22
N LYS A 84 11.70 -9.89 -5.44
CA LYS A 84 12.53 -9.85 -6.65
C LYS A 84 13.43 -11.07 -6.75
N ARG A 85 13.50 -11.65 -7.95
CA ARG A 85 14.33 -12.83 -8.19
C ARG A 85 14.89 -12.82 -9.61
N ASN B 1 9.41 3.26 0.36
CA ASN B 1 8.60 2.66 -0.74
C ASN B 1 7.11 2.77 -0.47
N ILE B 2 6.72 2.43 0.76
CA ILE B 2 5.31 2.49 1.15
C ILE B 2 4.80 3.92 1.11
N GLN B 3 5.64 4.86 1.54
CA GLN B 3 5.27 6.27 1.55
C GLN B 3 4.83 6.72 0.16
N MET B 4 5.45 6.15 -0.86
CA MET B 4 5.14 6.49 -2.24
C MET B 4 3.69 6.11 -2.58
N LEU B 5 3.30 4.88 -2.27
CA LEU B 5 1.95 4.41 -2.55
C LEU B 5 0.93 5.13 -1.67
N LEU B 6 1.23 5.21 -0.38
CA LEU B 6 0.35 5.87 0.57
C LEU B 6 0.09 7.31 0.15
N GLU B 7 1.15 8.00 -0.26
CA GLU B 7 1.05 9.38 -0.70
C GLU B 7 0.28 9.47 -2.02
N ALA B 8 0.54 8.51 -2.90
CA ALA B 8 -0.12 8.46 -4.21
C ALA B 8 -1.63 8.40 -4.06
N ALA B 9 -2.09 7.62 -3.08
CA ALA B 9 -3.52 7.48 -2.82
C ALA B 9 -4.16 8.81 -2.45
N ASP B 10 -3.45 9.59 -1.62
CA ASP B 10 -3.96 10.90 -1.19
C ASP B 10 -4.10 11.83 -2.38
N TYR B 11 -3.09 11.84 -3.24
CA TYR B 11 -3.10 12.67 -4.44
C TYR B 11 -4.23 12.26 -5.37
N LEU B 12 -4.16 11.01 -5.79
CA LEU B 12 -5.14 10.44 -6.71
C LEU B 12 -6.56 10.54 -6.15
N GLU B 13 -6.69 10.37 -4.84
CA GLU B 13 -7.99 10.43 -4.18
C GLU B 13 -8.95 9.39 -4.74
N GLU A 1 3.66 17.30 -17.98
CA GLU A 1 4.83 16.38 -17.92
C GLU A 1 4.67 15.37 -16.78
N SER A 2 5.78 15.06 -16.09
CA SER A 2 5.75 14.11 -14.99
C SER A 2 7.11 14.06 -14.29
N ASP A 3 7.09 14.13 -12.96
CA ASP A 3 8.30 14.08 -12.16
C ASP A 3 8.93 12.69 -12.20
N SER A 4 9.32 12.18 -11.03
CA SER A 4 9.94 10.88 -10.93
C SER A 4 9.02 9.79 -11.48
N VAL A 5 9.64 8.83 -12.16
CA VAL A 5 8.92 7.71 -12.73
C VAL A 5 8.24 6.90 -11.64
N GLU A 6 8.97 6.68 -10.55
CA GLU A 6 8.47 5.90 -9.42
C GLU A 6 7.18 6.48 -8.87
N PHE A 7 7.08 7.81 -8.85
CA PHE A 7 5.88 8.47 -8.34
C PHE A 7 4.65 8.07 -9.14
N ASN A 8 4.68 8.31 -10.45
CA ASN A 8 3.58 7.94 -11.32
C ASN A 8 3.44 6.43 -11.34
N ASN A 9 4.58 5.76 -11.21
CA ASN A 9 4.64 4.31 -11.19
C ASN A 9 3.72 3.78 -10.09
N ALA A 10 3.77 4.42 -8.93
CA ALA A 10 2.95 4.04 -7.80
C ALA A 10 1.49 4.42 -8.01
N ILE A 11 1.27 5.61 -8.57
CA ILE A 11 -0.08 6.10 -8.83
C ILE A 11 -0.90 5.08 -9.59
N SER A 12 -0.31 4.53 -10.65
CA SER A 12 -1.00 3.56 -11.48
C SER A 12 -1.50 2.39 -10.65
N TYR A 13 -0.72 1.98 -9.65
CA TYR A 13 -1.12 0.87 -8.80
C TYR A 13 -2.41 1.22 -8.08
N VAL A 14 -2.38 2.36 -7.38
CA VAL A 14 -3.53 2.85 -6.64
C VAL A 14 -4.72 3.03 -7.58
N ASN A 15 -4.45 3.53 -8.77
CA ASN A 15 -5.47 3.77 -9.77
C ASN A 15 -6.14 2.47 -10.20
N LYS A 16 -5.32 1.49 -10.61
CA LYS A 16 -5.83 0.20 -11.05
C LYS A 16 -6.66 -0.46 -9.97
N ILE A 17 -6.25 -0.30 -8.71
CA ILE A 17 -6.98 -0.87 -7.59
C ILE A 17 -8.39 -0.31 -7.53
N LYS A 18 -8.52 0.98 -7.82
CA LYS A 18 -9.80 1.66 -7.81
C LYS A 18 -10.73 1.10 -8.88
N THR A 19 -10.18 0.92 -10.07
CA THR A 19 -10.96 0.40 -11.21
C THR A 19 -11.21 -1.09 -11.09
N ARG A 20 -10.31 -1.80 -10.42
CA ARG A 20 -10.46 -3.23 -10.25
C ARG A 20 -11.70 -3.58 -9.43
N PHE A 21 -11.78 -3.01 -8.23
CA PHE A 21 -12.91 -3.26 -7.35
C PHE A 21 -13.96 -2.15 -7.44
N LEU A 22 -14.35 -1.77 -8.65
CA LEU A 22 -15.35 -0.72 -8.83
C LEU A 22 -16.61 -1.02 -8.02
N ASP A 23 -17.01 -2.28 -8.00
CA ASP A 23 -18.19 -2.72 -7.27
C ASP A 23 -17.88 -2.81 -5.79
N HIS A 24 -16.60 -3.06 -5.49
CA HIS A 24 -16.14 -3.21 -4.12
C HIS A 24 -15.25 -2.03 -3.69
N PRO A 25 -15.85 -0.85 -3.46
CA PRO A 25 -15.10 0.35 -3.04
C PRO A 25 -14.47 0.18 -1.67
N GLU A 26 -15.16 -0.57 -0.80
CA GLU A 26 -14.69 -0.82 0.56
C GLU A 26 -13.28 -1.40 0.56
N ILE A 27 -12.96 -2.18 -0.47
CA ILE A 27 -11.64 -2.80 -0.57
C ILE A 27 -10.56 -1.73 -0.69
N TYR A 28 -10.79 -0.79 -1.61
CA TYR A 28 -9.85 0.30 -1.84
C TYR A 28 -9.60 1.08 -0.56
N ARG A 29 -10.67 1.44 0.11
CA ARG A 29 -10.59 2.18 1.36
C ARG A 29 -9.75 1.44 2.40
N SER A 30 -10.13 0.20 2.67
CA SER A 30 -9.41 -0.63 3.64
C SER A 30 -7.92 -0.67 3.33
N PHE A 31 -7.60 -0.90 2.06
CA PHE A 31 -6.20 -0.95 1.61
C PHE A 31 -5.45 0.29 2.06
N LEU A 32 -6.05 1.45 1.82
CA LEU A 32 -5.44 2.73 2.18
C LEU A 32 -5.22 2.78 3.69
N GLU A 33 -6.20 2.31 4.44
CA GLU A 33 -6.11 2.30 5.90
C GLU A 33 -4.95 1.41 6.34
N ILE A 34 -4.67 0.37 5.55
CA ILE A 34 -3.56 -0.54 5.86
C ILE A 34 -2.25 0.23 5.83
N LEU A 35 -1.98 0.87 4.69
CA LEU A 35 -0.77 1.66 4.55
C LEU A 35 -0.79 2.78 5.59
N HIS A 36 -1.97 3.33 5.78
CA HIS A 36 -2.19 4.40 6.76
C HIS A 36 -1.78 3.94 8.15
N THR A 37 -2.16 2.71 8.49
CA THR A 37 -1.83 2.14 9.79
C THR A 37 -0.31 2.09 9.97
N TYR A 38 0.39 1.87 8.87
CA TYR A 38 1.85 1.80 8.89
C TYR A 38 2.45 3.13 9.32
N GLN A 39 2.20 4.17 8.53
CA GLN A 39 2.72 5.50 8.80
C GLN A 39 2.26 6.04 10.15
N LYS A 40 0.97 5.86 10.45
CA LYS A 40 0.40 6.35 11.71
C LYS A 40 1.19 5.85 12.92
N GLU A 41 1.59 4.58 12.87
CA GLU A 41 2.33 3.98 13.97
C GLU A 41 3.77 4.50 14.05
N GLN A 42 4.47 4.50 12.92
CA GLN A 42 5.85 4.96 12.86
C GLN A 42 5.98 6.42 13.27
N LEU A 43 5.03 7.25 12.83
CA LEU A 43 5.05 8.67 13.15
C LEU A 43 5.06 8.89 14.67
N HIS A 44 5.94 9.79 15.11
CA HIS A 44 6.08 10.10 16.53
C HIS A 44 6.87 8.99 17.20
N THR A 45 7.98 8.63 16.58
CA THR A 45 8.83 7.57 17.09
C THR A 45 9.18 7.79 18.55
N LYS A 46 9.19 6.72 19.32
CA LYS A 46 9.52 6.81 20.74
C LYS A 46 10.48 5.69 21.16
N GLY A 47 10.11 4.45 20.88
CA GLY A 47 10.95 3.32 21.22
C GLY A 47 12.14 3.19 20.29
N ARG A 48 12.57 1.95 20.06
CA ARG A 48 13.70 1.69 19.17
C ARG A 48 13.26 1.79 17.72
N PRO A 49 14.09 2.40 16.85
CA PRO A 49 13.78 2.55 15.43
C PRO A 49 13.46 1.20 14.78
N PHE A 50 12.26 1.11 14.20
CA PHE A 50 11.81 -0.10 13.53
C PHE A 50 11.67 -1.25 14.53
N ARG A 51 10.47 -1.82 14.61
CA ARG A 51 10.20 -2.93 15.53
C ARG A 51 8.77 -3.42 15.38
N GLY A 52 7.86 -2.47 15.37
CA GLY A 52 6.44 -2.78 15.24
C GLY A 52 6.04 -3.15 13.84
N MET A 53 5.01 -2.48 13.36
CA MET A 53 4.48 -2.70 12.03
C MET A 53 5.48 -2.29 10.96
N SER A 54 5.50 -3.03 9.86
CA SER A 54 6.40 -2.72 8.77
C SER A 54 5.87 -3.34 7.47
N GLU A 55 6.77 -3.70 6.57
CA GLU A 55 6.38 -4.30 5.30
C GLU A 55 5.71 -5.66 5.52
N GLU A 56 6.16 -6.36 6.56
CA GLU A 56 5.62 -7.68 6.88
C GLU A 56 4.12 -7.62 7.17
N GLU A 57 3.71 -6.70 8.04
CA GLU A 57 2.29 -6.58 8.40
C GLU A 57 1.48 -5.94 7.27
N VAL A 58 1.98 -4.84 6.71
CA VAL A 58 1.28 -4.17 5.62
C VAL A 58 0.96 -5.14 4.50
N PHE A 59 1.94 -5.96 4.16
CA PHE A 59 1.78 -6.96 3.11
C PHE A 59 0.69 -7.96 3.50
N THR A 60 0.55 -8.17 4.81
CA THR A 60 -0.43 -9.11 5.35
C THR A 60 -1.87 -8.64 5.10
N GLU A 61 -2.22 -7.48 5.68
CA GLU A 61 -3.58 -6.95 5.52
C GLU A 61 -3.95 -6.76 4.05
N VAL A 62 -3.01 -6.26 3.26
CA VAL A 62 -3.27 -6.05 1.84
C VAL A 62 -3.55 -7.37 1.14
N ALA A 63 -2.73 -8.38 1.45
CA ALA A 63 -2.90 -9.70 0.87
C ALA A 63 -4.27 -10.27 1.25
N ASN A 64 -4.64 -10.07 2.51
CA ASN A 64 -5.92 -10.53 3.02
C ASN A 64 -7.07 -9.86 2.29
N LEU A 65 -6.94 -8.56 2.05
CA LEU A 65 -7.96 -7.79 1.35
C LEU A 65 -8.14 -8.28 -0.08
N PHE A 66 -7.09 -8.13 -0.87
CA PHE A 66 -7.10 -8.54 -2.27
C PHE A 66 -7.04 -10.05 -2.41
N ARG A 67 -7.74 -10.77 -1.55
CA ARG A 67 -7.76 -12.23 -1.61
C ARG A 67 -8.38 -12.69 -2.93
N GLY A 68 -7.68 -13.60 -3.61
CA GLY A 68 -8.17 -14.09 -4.88
C GLY A 68 -7.67 -13.24 -6.03
N GLN A 69 -7.74 -11.92 -5.87
CA GLN A 69 -7.27 -11.00 -6.90
C GLN A 69 -5.78 -10.74 -6.74
N GLU A 70 -5.01 -11.82 -6.73
CA GLU A 70 -3.55 -11.73 -6.58
C GLU A 70 -2.89 -10.92 -7.69
N ASP A 71 -3.68 -10.49 -8.68
CA ASP A 71 -3.14 -9.73 -9.79
C ASP A 71 -2.53 -8.42 -9.29
N LEU A 72 -3.28 -7.70 -8.49
CA LEU A 72 -2.82 -6.44 -7.93
C LEU A 72 -1.68 -6.68 -6.93
N LEU A 73 -1.80 -7.79 -6.21
CA LEU A 73 -0.81 -8.18 -5.23
C LEU A 73 0.57 -8.25 -5.85
N SER A 74 0.62 -8.72 -7.09
CA SER A 74 1.87 -8.84 -7.82
C SER A 74 2.59 -7.50 -7.91
N GLU A 75 1.82 -6.45 -8.17
CA GLU A 75 2.38 -5.11 -8.27
C GLU A 75 2.85 -4.60 -6.91
N PHE A 76 2.05 -4.88 -5.89
CA PHE A 76 2.38 -4.47 -4.52
C PHE A 76 3.72 -5.01 -4.09
N GLY A 77 3.98 -6.28 -4.42
CA GLY A 77 5.23 -6.91 -4.06
C GLY A 77 6.43 -6.29 -4.76
N GLN A 78 6.23 -5.83 -6.00
CA GLN A 78 7.30 -5.22 -6.77
C GLN A 78 8.03 -4.15 -5.97
N PHE A 79 7.28 -3.24 -5.37
CA PHE A 79 7.87 -2.16 -4.57
C PHE A 79 8.51 -2.74 -3.31
N LEU A 80 7.83 -3.70 -2.70
CA LEU A 80 8.33 -4.33 -1.48
C LEU A 80 9.65 -5.04 -1.74
N PRO A 81 10.59 -4.99 -0.76
CA PRO A 81 11.90 -5.63 -0.89
C PRO A 81 11.80 -7.14 -1.10
N GLU A 82 11.56 -7.54 -2.34
CA GLU A 82 11.44 -8.95 -2.68
C GLU A 82 12.69 -9.73 -2.32
N ALA A 83 12.51 -10.93 -1.80
CA ALA A 83 13.64 -11.78 -1.41
C ALA A 83 14.55 -12.04 -2.60
N LYS A 84 13.95 -12.23 -3.77
CA LYS A 84 14.69 -12.48 -5.00
C LYS A 84 13.81 -12.26 -6.22
N ARG A 85 14.32 -11.48 -7.17
CA ARG A 85 13.58 -11.18 -8.39
C ARG A 85 13.42 -12.43 -9.25
N ASN B 1 9.42 2.67 0.54
CA ASN B 1 8.67 2.51 -0.73
C ASN B 1 7.17 2.75 -0.52
N ILE B 2 6.65 2.28 0.61
CA ILE B 2 5.24 2.44 0.93
C ILE B 2 4.86 3.91 1.02
N GLN B 3 5.77 4.73 1.54
CA GLN B 3 5.53 6.16 1.69
C GLN B 3 5.03 6.75 0.37
N MET B 4 5.59 6.27 -0.73
CA MET B 4 5.20 6.75 -2.06
C MET B 4 3.81 6.24 -2.42
N LEU B 5 3.55 4.95 -2.14
CA LEU B 5 2.27 4.35 -2.45
C LEU B 5 1.13 4.98 -1.66
N LEU B 6 1.29 5.03 -0.34
CA LEU B 6 0.28 5.62 0.53
C LEU B 6 0.03 7.07 0.12
N GLU B 7 1.12 7.76 -0.23
CA GLU B 7 1.03 9.16 -0.67
C GLU B 7 0.28 9.24 -1.99
N ALA B 8 0.49 8.24 -2.85
CA ALA B 8 -0.16 8.18 -4.15
C ALA B 8 -1.68 8.20 -4.01
N ALA B 9 -2.19 7.45 -3.04
CA ALA B 9 -3.62 7.38 -2.79
C ALA B 9 -4.20 8.77 -2.56
N ASP B 10 -3.53 9.56 -1.73
CA ASP B 10 -3.97 10.92 -1.43
C ASP B 10 -4.04 11.75 -2.70
N TYR B 11 -3.07 11.53 -3.59
CA TYR B 11 -3.01 12.26 -4.86
C TYR B 11 -4.27 12.03 -5.68
N LEU B 12 -4.59 10.77 -5.94
CA LEU B 12 -5.78 10.42 -6.72
C LEU B 12 -7.05 10.91 -6.04
N GLU B 13 -7.13 10.72 -4.73
CA GLU B 13 -8.30 11.15 -3.97
C GLU B 13 -8.46 12.67 -4.02
N GLU A 1 11.58 13.08 -6.39
CA GLU A 1 10.86 13.91 -5.37
C GLU A 1 9.52 14.40 -5.91
N SER A 2 9.53 14.87 -7.16
CA SER A 2 8.32 15.36 -7.80
C SER A 2 8.47 15.40 -9.31
N ASP A 3 9.12 14.36 -9.86
CA ASP A 3 9.34 14.26 -11.29
C ASP A 3 10.06 12.95 -11.63
N SER A 4 9.61 11.86 -11.03
CA SER A 4 10.21 10.55 -11.28
C SER A 4 9.20 9.56 -11.81
N VAL A 5 9.68 8.59 -12.56
CA VAL A 5 8.83 7.55 -13.11
C VAL A 5 8.19 6.78 -11.98
N GLU A 6 8.92 6.62 -10.88
CA GLU A 6 8.43 5.90 -9.72
C GLU A 6 7.17 6.56 -9.14
N PHE A 7 7.14 7.88 -9.17
CA PHE A 7 5.98 8.62 -8.65
C PHE A 7 4.73 8.22 -9.41
N ASN A 8 4.75 8.41 -10.74
CA ASN A 8 3.62 8.04 -11.57
C ASN A 8 3.44 6.52 -11.54
N ASN A 9 4.55 5.83 -11.34
CA ASN A 9 4.58 4.39 -11.26
C ASN A 9 3.66 3.92 -10.14
N ALA A 10 3.69 4.66 -9.03
CA ALA A 10 2.86 4.35 -7.87
C ALA A 10 1.40 4.70 -8.16
N ILE A 11 1.18 5.88 -8.73
CA ILE A 11 -0.17 6.34 -9.05
C ILE A 11 -0.92 5.29 -9.86
N SER A 12 -0.25 4.74 -10.87
CA SER A 12 -0.85 3.73 -11.73
C SER A 12 -1.35 2.54 -10.92
N TYR A 13 -0.58 2.14 -9.91
CA TYR A 13 -0.96 1.02 -9.07
C TYR A 13 -2.27 1.31 -8.34
N VAL A 14 -2.30 2.42 -7.62
CA VAL A 14 -3.48 2.81 -6.87
C VAL A 14 -4.70 2.94 -7.79
N ASN A 15 -4.48 3.47 -8.98
CA ASN A 15 -5.55 3.64 -9.96
C ASN A 15 -6.18 2.30 -10.29
N LYS A 16 -5.35 1.36 -10.72
CA LYS A 16 -5.81 0.02 -11.07
C LYS A 16 -6.63 -0.56 -9.93
N ILE A 17 -6.19 -0.30 -8.70
CA ILE A 17 -6.89 -0.79 -7.52
C ILE A 17 -8.30 -0.22 -7.47
N LYS A 18 -8.43 1.05 -7.82
CA LYS A 18 -9.73 1.72 -7.82
C LYS A 18 -10.64 1.13 -8.88
N THR A 19 -10.14 1.11 -10.11
CA THR A 19 -10.88 0.61 -11.25
C THR A 19 -11.20 -0.89 -11.11
N ARG A 20 -10.32 -1.62 -10.45
CA ARG A 20 -10.52 -3.04 -10.24
C ARG A 20 -11.67 -3.30 -9.28
N PHE A 21 -11.63 -2.61 -8.15
CA PHE A 21 -12.64 -2.76 -7.12
C PHE A 21 -13.77 -1.74 -7.29
N LEU A 22 -14.19 -1.50 -8.52
CA LEU A 22 -15.27 -0.55 -8.80
C LEU A 22 -16.58 -0.96 -8.15
N ASP A 23 -16.84 -2.27 -8.10
CA ASP A 23 -18.08 -2.78 -7.50
C ASP A 23 -18.00 -2.69 -5.97
N HIS A 24 -16.82 -2.97 -5.44
CA HIS A 24 -16.58 -2.93 -4.01
C HIS A 24 -15.59 -1.83 -3.64
N PRO A 25 -16.02 -0.56 -3.67
CA PRO A 25 -15.16 0.58 -3.34
C PRO A 25 -14.68 0.52 -1.89
N GLU A 26 -15.50 -0.07 -1.02
CA GLU A 26 -15.17 -0.20 0.39
C GLU A 26 -13.79 -0.83 0.56
N ILE A 27 -13.42 -1.70 -0.38
CA ILE A 27 -12.12 -2.36 -0.33
C ILE A 27 -10.99 -1.34 -0.44
N TYR A 28 -11.20 -0.34 -1.30
CA TYR A 28 -10.21 0.71 -1.52
C TYR A 28 -9.87 1.41 -0.21
N ARG A 29 -10.89 1.79 0.54
CA ARG A 29 -10.71 2.47 1.81
C ARG A 29 -9.84 1.67 2.77
N SER A 30 -10.26 0.45 3.07
CA SER A 30 -9.52 -0.42 3.98
C SER A 30 -8.03 -0.46 3.62
N PHE A 31 -7.74 -0.68 2.34
CA PHE A 31 -6.35 -0.72 1.85
C PHE A 31 -5.61 0.52 2.30
N LEU A 32 -6.22 1.68 2.11
CA LEU A 32 -5.61 2.95 2.48
C LEU A 32 -5.30 2.96 3.97
N GLU A 33 -6.22 2.42 4.76
CA GLU A 33 -6.05 2.33 6.20
C GLU A 33 -4.87 1.44 6.54
N ILE A 34 -4.61 0.46 5.68
CA ILE A 34 -3.48 -0.45 5.88
C ILE A 34 -2.17 0.33 5.84
N LEU A 35 -1.94 1.02 4.73
CA LEU A 35 -0.74 1.83 4.58
C LEU A 35 -0.71 2.88 5.68
N HIS A 36 -1.88 3.39 5.99
CA HIS A 36 -2.05 4.38 7.04
C HIS A 36 -1.63 3.81 8.39
N THR A 37 -2.01 2.56 8.65
CA THR A 37 -1.66 1.89 9.90
C THR A 37 -0.15 1.78 10.01
N TYR A 38 0.50 1.51 8.88
CA TYR A 38 1.94 1.40 8.82
C TYR A 38 2.61 2.63 9.39
N GLN A 39 2.27 3.78 8.82
CA GLN A 39 2.83 5.05 9.23
C GLN A 39 2.58 5.33 10.71
N LYS A 40 1.36 5.06 11.18
CA LYS A 40 0.98 5.31 12.57
C LYS A 40 1.88 4.55 13.54
N GLU A 41 1.97 3.24 13.36
CA GLU A 41 2.78 2.39 14.24
C GLU A 41 4.27 2.66 14.05
N GLN A 42 4.67 2.89 12.81
CA GLN A 42 6.07 3.15 12.47
C GLN A 42 6.65 4.29 13.29
N LEU A 43 6.04 5.48 13.17
CA LEU A 43 6.49 6.65 13.88
C LEU A 43 6.27 6.53 15.39
N HIS A 44 7.12 7.22 16.15
CA HIS A 44 7.03 7.20 17.60
C HIS A 44 7.91 8.28 18.23
N THR A 45 9.18 8.31 17.83
CA THR A 45 10.14 9.30 18.35
C THR A 45 11.29 9.49 17.36
N LYS A 46 12.46 9.87 17.87
CA LYS A 46 13.63 10.08 17.04
C LYS A 46 14.21 8.75 16.58
N GLY A 47 15.23 8.81 15.73
CA GLY A 47 15.86 7.61 15.22
C GLY A 47 14.96 6.85 14.27
N ARG A 48 15.54 6.35 13.17
CA ARG A 48 14.78 5.61 12.18
C ARG A 48 14.17 4.34 12.79
N PRO A 49 12.86 4.12 12.57
CA PRO A 49 12.14 2.95 13.09
C PRO A 49 12.54 1.66 12.39
N PHE A 50 12.59 0.57 13.15
CA PHE A 50 12.96 -0.74 12.60
C PHE A 50 12.76 -1.83 13.65
N ARG A 51 11.56 -1.88 14.21
CA ARG A 51 11.24 -2.87 15.23
C ARG A 51 9.75 -3.17 15.27
N GLY A 52 8.97 -2.12 15.14
CA GLY A 52 7.52 -2.26 15.17
C GLY A 52 6.95 -2.80 13.88
N MET A 53 5.91 -2.15 13.40
CA MET A 53 5.23 -2.54 12.17
C MET A 53 6.10 -2.23 10.96
N SER A 54 5.93 -3.01 9.91
CA SER A 54 6.71 -2.81 8.69
C SER A 54 6.00 -3.40 7.49
N GLU A 55 6.78 -3.89 6.52
CA GLU A 55 6.23 -4.46 5.30
C GLU A 55 5.55 -5.80 5.58
N GLU A 56 6.03 -6.49 6.61
CA GLU A 56 5.48 -7.80 6.97
C GLU A 56 3.97 -7.73 7.21
N GLU A 57 3.53 -6.77 8.01
CA GLU A 57 2.11 -6.63 8.33
C GLU A 57 1.34 -6.02 7.16
N VAL A 58 1.83 -4.90 6.64
CA VAL A 58 1.17 -4.21 5.54
C VAL A 58 0.91 -5.16 4.37
N PHE A 59 1.91 -5.96 4.05
CA PHE A 59 1.80 -6.92 2.96
C PHE A 59 0.70 -7.94 3.26
N THR A 60 0.58 -8.31 4.54
CA THR A 60 -0.41 -9.28 4.96
C THR A 60 -1.83 -8.71 4.91
N GLU A 61 -2.02 -7.55 5.51
CA GLU A 61 -3.32 -6.90 5.56
C GLU A 61 -3.85 -6.64 4.15
N VAL A 62 -2.99 -6.12 3.29
CA VAL A 62 -3.37 -5.84 1.90
C VAL A 62 -3.70 -7.14 1.18
N ALA A 63 -2.86 -8.16 1.40
CA ALA A 63 -3.07 -9.47 0.79
C ALA A 63 -4.41 -10.04 1.22
N ASN A 64 -4.72 -9.90 2.51
CA ASN A 64 -5.97 -10.38 3.07
C ASN A 64 -7.15 -9.73 2.37
N LEU A 65 -7.01 -8.44 2.07
CA LEU A 65 -8.05 -7.68 1.38
C LEU A 65 -8.21 -8.15 -0.06
N PHE A 66 -7.16 -7.95 -0.83
CA PHE A 66 -7.14 -8.30 -2.25
C PHE A 66 -7.01 -9.82 -2.44
N ARG A 67 -7.73 -10.59 -1.64
CA ARG A 67 -7.69 -12.04 -1.74
C ARG A 67 -8.20 -12.50 -3.09
N GLY A 68 -7.50 -13.49 -3.67
CA GLY A 68 -7.88 -14.01 -4.97
C GLY A 68 -7.36 -13.15 -6.11
N GLN A 69 -7.50 -11.83 -5.97
CA GLN A 69 -7.04 -10.89 -6.99
C GLN A 69 -5.58 -10.51 -6.73
N GLU A 70 -4.74 -11.53 -6.59
CA GLU A 70 -3.31 -11.33 -6.32
C GLU A 70 -2.59 -10.69 -7.51
N ASP A 71 -3.34 -10.29 -8.53
CA ASP A 71 -2.74 -9.67 -9.71
C ASP A 71 -2.05 -8.37 -9.31
N LEU A 72 -2.76 -7.55 -8.56
CA LEU A 72 -2.24 -6.28 -8.09
C LEU A 72 -1.20 -6.51 -6.98
N LEU A 73 -1.44 -7.55 -6.20
CA LEU A 73 -0.56 -7.91 -5.10
C LEU A 73 0.87 -8.09 -5.59
N SER A 74 1.02 -8.66 -6.78
CA SER A 74 2.33 -8.88 -7.37
C SER A 74 3.13 -7.58 -7.44
N GLU A 75 2.45 -6.50 -7.83
CA GLU A 75 3.08 -5.20 -7.93
C GLU A 75 3.49 -4.69 -6.56
N PHE A 76 2.57 -4.81 -5.62
CA PHE A 76 2.81 -4.36 -4.24
C PHE A 76 4.04 -5.04 -3.64
N GLY A 77 4.14 -6.35 -3.85
CA GLY A 77 5.25 -7.12 -3.31
C GLY A 77 6.60 -6.71 -3.87
N GLN A 78 6.67 -6.47 -5.17
CA GLN A 78 7.91 -6.09 -5.83
C GLN A 78 8.57 -4.90 -5.13
N PHE A 79 7.78 -3.89 -4.80
CA PHE A 79 8.29 -2.69 -4.13
C PHE A 79 8.83 -3.04 -2.75
N LEU A 80 8.11 -3.92 -2.04
CA LEU A 80 8.52 -4.32 -0.69
C LEU A 80 9.84 -5.11 -0.73
N PRO A 81 10.81 -4.73 0.13
CA PRO A 81 12.12 -5.40 0.18
C PRO A 81 12.00 -6.82 0.73
N GLU A 82 12.50 -7.79 -0.03
CA GLU A 82 12.44 -9.19 0.38
C GLU A 82 13.72 -9.58 1.14
N ALA A 83 14.15 -8.71 2.04
CA ALA A 83 15.35 -8.97 2.84
C ALA A 83 15.56 -7.91 3.90
N LYS A 84 15.85 -8.36 5.13
CA LYS A 84 16.07 -7.44 6.24
C LYS A 84 17.44 -6.78 6.12
N ARG A 85 18.24 -6.84 7.20
CA ARG A 85 19.57 -6.24 7.20
C ARG A 85 20.42 -6.79 6.06
N ASN B 1 9.36 3.36 -0.34
CA ASN B 1 8.55 2.65 -1.35
C ASN B 1 7.06 2.80 -1.06
N ILE B 2 6.68 2.59 0.19
CA ILE B 2 5.29 2.70 0.62
C ILE B 2 4.80 4.15 0.54
N GLN B 3 5.68 5.09 0.85
CA GLN B 3 5.33 6.51 0.82
C GLN B 3 4.72 6.88 -0.52
N MET B 4 5.22 6.26 -1.59
CA MET B 4 4.72 6.54 -2.93
C MET B 4 3.27 6.10 -3.10
N LEU B 5 2.96 4.88 -2.65
CA LEU B 5 1.60 4.36 -2.76
C LEU B 5 0.65 5.10 -1.81
N LEU B 6 1.10 5.28 -0.57
CA LEU B 6 0.33 5.97 0.44
C LEU B 6 -0.03 7.37 -0.03
N GLU B 7 0.96 8.06 -0.61
CA GLU B 7 0.77 9.41 -1.12
C GLU B 7 -0.05 9.40 -2.40
N ALA B 8 0.18 8.40 -3.24
CA ALA B 8 -0.53 8.25 -4.51
C ALA B 8 -2.05 8.19 -4.28
N ALA B 9 -2.45 7.47 -3.24
CA ALA B 9 -3.87 7.33 -2.92
C ALA B 9 -4.52 8.70 -2.74
N ASP B 10 -3.82 9.59 -2.04
CA ASP B 10 -4.33 10.93 -1.81
C ASP B 10 -4.48 11.68 -3.13
N TYR B 11 -3.53 11.46 -4.03
CA TYR B 11 -3.53 12.12 -5.33
C TYR B 11 -4.84 11.82 -6.08
N LEU B 12 -5.12 10.53 -6.26
CA LEU B 12 -6.34 10.12 -6.96
C LEU B 12 -7.58 10.57 -6.18
N GLU B 13 -7.60 10.27 -4.89
CA GLU B 13 -8.71 10.63 -4.01
C GLU B 13 -10.04 10.13 -4.58
N GLU A 1 13.74 11.74 -15.89
CA GLU A 1 13.73 13.24 -15.90
C GLU A 1 12.60 13.77 -15.00
N SER A 2 11.69 14.54 -15.58
CA SER A 2 10.57 15.10 -14.83
C SER A 2 9.69 13.99 -14.24
N ASP A 3 9.39 14.10 -12.94
CA ASP A 3 8.57 13.13 -12.26
C ASP A 3 9.24 11.75 -12.23
N SER A 4 9.52 11.25 -11.03
CA SER A 4 10.16 9.96 -10.86
C SER A 4 9.25 8.83 -11.33
N VAL A 5 9.85 7.83 -11.94
CA VAL A 5 9.11 6.68 -12.42
C VAL A 5 8.37 6.01 -11.27
N GLU A 6 9.06 5.90 -10.14
CA GLU A 6 8.48 5.29 -8.95
C GLU A 6 7.21 5.99 -8.50
N PHE A 7 7.20 7.32 -8.59
CA PHE A 7 6.04 8.11 -8.19
C PHE A 7 4.81 7.70 -8.98
N ASN A 8 4.89 7.80 -10.30
CA ASN A 8 3.79 7.41 -11.17
C ASN A 8 3.55 5.93 -11.05
N ASN A 9 4.64 5.21 -10.80
CA ASN A 9 4.60 3.77 -10.62
C ASN A 9 3.61 3.40 -9.52
N ALA A 10 3.63 4.19 -8.45
CA ALA A 10 2.73 4.00 -7.33
C ALA A 10 1.31 4.40 -7.68
N ILE A 11 1.18 5.57 -8.31
CA ILE A 11 -0.13 6.10 -8.70
C ILE A 11 -0.92 5.07 -9.52
N SER A 12 -0.24 4.44 -10.47
CA SER A 12 -0.87 3.44 -11.32
C SER A 12 -1.47 2.31 -10.51
N TYR A 13 -0.80 1.94 -9.42
CA TYR A 13 -1.28 0.86 -8.57
C TYR A 13 -2.59 1.26 -7.89
N VAL A 14 -2.58 2.41 -7.23
CA VAL A 14 -3.77 2.91 -6.54
C VAL A 14 -4.93 3.10 -7.50
N ASN A 15 -4.65 3.68 -8.66
CA ASN A 15 -5.67 3.93 -9.67
C ASN A 15 -6.34 2.64 -10.10
N LYS A 16 -5.54 1.73 -10.63
CA LYS A 16 -6.04 0.45 -11.11
C LYS A 16 -6.84 -0.26 -10.01
N ILE A 17 -6.37 -0.16 -8.77
CA ILE A 17 -7.06 -0.77 -7.64
C ILE A 17 -8.46 -0.17 -7.49
N LYS A 18 -8.54 1.14 -7.67
CA LYS A 18 -9.81 1.86 -7.56
C LYS A 18 -10.78 1.39 -8.64
N THR A 19 -10.35 1.54 -9.89
CA THR A 19 -11.15 1.16 -11.04
C THR A 19 -11.54 -0.32 -10.99
N ARG A 20 -10.66 -1.13 -10.42
CA ARG A 20 -10.90 -2.56 -10.32
C ARG A 20 -12.11 -2.85 -9.43
N PHE A 21 -12.05 -2.39 -8.19
CA PHE A 21 -13.13 -2.62 -7.24
C PHE A 21 -14.15 -1.48 -7.22
N LEU A 22 -14.50 -0.96 -8.39
CA LEU A 22 -15.47 0.12 -8.49
C LEU A 22 -16.78 -0.27 -7.79
N ASP A 23 -17.12 -1.55 -7.88
CA ASP A 23 -18.34 -2.06 -7.26
C ASP A 23 -18.17 -2.19 -5.76
N HIS A 24 -16.98 -2.63 -5.34
CA HIS A 24 -16.68 -2.81 -3.93
C HIS A 24 -15.75 -1.70 -3.41
N PRO A 25 -16.29 -0.50 -3.12
CA PRO A 25 -15.50 0.63 -2.61
C PRO A 25 -14.80 0.31 -1.30
N GLU A 26 -15.46 -0.48 -0.46
CA GLU A 26 -14.91 -0.87 0.84
C GLU A 26 -13.49 -1.42 0.70
N ILE A 27 -13.22 -2.06 -0.44
CA ILE A 27 -11.89 -2.63 -0.70
C ILE A 27 -10.84 -1.54 -0.77
N TYR A 28 -11.15 -0.48 -1.51
CA TYR A 28 -10.24 0.65 -1.69
C TYR A 28 -9.86 1.26 -0.34
N ARG A 29 -10.86 1.53 0.47
CA ARG A 29 -10.64 2.12 1.79
C ARG A 29 -9.74 1.25 2.66
N SER A 30 -10.09 -0.02 2.80
CA SER A 30 -9.31 -0.95 3.60
C SER A 30 -7.83 -0.94 3.20
N PHE A 31 -7.57 -1.09 1.90
CA PHE A 31 -6.20 -1.09 1.38
C PHE A 31 -5.44 0.15 1.86
N LEU A 32 -6.07 1.31 1.69
CA LEU A 32 -5.45 2.57 2.10
C LEU A 32 -5.19 2.60 3.59
N GLU A 33 -6.15 2.11 4.38
CA GLU A 33 -6.00 2.08 5.82
C GLU A 33 -4.82 1.21 6.21
N ILE A 34 -4.57 0.16 5.44
CA ILE A 34 -3.45 -0.73 5.70
C ILE A 34 -2.13 0.02 5.60
N LEU A 35 -1.88 0.56 4.42
CA LEU A 35 -0.66 1.34 4.17
C LEU A 35 -0.60 2.51 5.15
N HIS A 36 -1.76 3.09 5.41
CA HIS A 36 -1.87 4.21 6.33
C HIS A 36 -1.46 3.82 7.75
N THR A 37 -1.90 2.64 8.18
CA THR A 37 -1.56 2.14 9.52
C THR A 37 -0.05 2.08 9.69
N TYR A 38 0.63 1.59 8.65
CA TYR A 38 2.07 1.46 8.68
C TYR A 38 2.76 2.82 8.72
N GLN A 39 2.43 3.66 7.75
CA GLN A 39 3.01 4.97 7.62
C GLN A 39 2.76 5.86 8.84
N LYS A 40 1.52 5.94 9.30
CA LYS A 40 1.18 6.77 10.45
C LYS A 40 2.09 6.47 11.64
N GLU A 41 2.21 5.19 11.98
CA GLU A 41 3.05 4.79 13.10
C GLU A 41 4.52 5.03 12.78
N GLN A 42 4.89 4.81 11.53
CA GLN A 42 6.26 5.00 11.08
C GLN A 42 6.70 6.45 11.30
N LEU A 43 5.80 7.39 11.04
CA LEU A 43 6.09 8.80 11.20
C LEU A 43 6.60 9.12 12.60
N HIS A 44 6.01 8.46 13.60
CA HIS A 44 6.41 8.68 14.99
C HIS A 44 5.80 7.62 15.89
N THR A 45 6.62 7.11 16.82
CA THR A 45 6.18 6.08 17.75
C THR A 45 5.31 6.67 18.87
N LYS A 46 4.23 7.33 18.49
CA LYS A 46 3.33 7.93 19.48
C LYS A 46 1.89 7.48 19.24
N GLY A 47 1.30 6.84 20.24
CA GLY A 47 -0.07 6.38 20.11
C GLY A 47 -0.40 5.25 21.07
N ARG A 48 -1.24 4.33 20.63
CA ARG A 48 -1.64 3.19 21.44
C ARG A 48 -0.67 2.02 21.27
N PRO A 49 -0.46 1.23 22.35
CA PRO A 49 0.44 0.08 22.32
C PRO A 49 0.11 -0.88 21.17
N PHE A 50 1.15 -1.48 20.59
CA PHE A 50 0.97 -2.41 19.48
C PHE A 50 2.13 -3.40 19.40
N ARG A 51 1.83 -4.63 19.01
CA ARG A 51 2.83 -5.68 18.91
C ARG A 51 3.69 -5.55 17.66
N GLY A 52 4.24 -4.36 17.46
CA GLY A 52 5.08 -4.10 16.32
C GLY A 52 4.33 -3.95 15.02
N MET A 53 4.90 -3.18 14.10
CA MET A 53 4.28 -2.93 12.81
C MET A 53 5.34 -2.61 11.76
N SER A 54 5.20 -3.20 10.58
CA SER A 54 6.16 -2.97 9.50
C SER A 54 5.62 -3.51 8.17
N GLU A 55 6.54 -3.93 7.30
CA GLU A 55 6.18 -4.45 5.99
C GLU A 55 5.46 -5.80 6.11
N GLU A 56 5.86 -6.58 7.11
CA GLU A 56 5.26 -7.90 7.33
C GLU A 56 3.74 -7.81 7.48
N GLU A 57 3.29 -6.87 8.29
CA GLU A 57 1.85 -6.68 8.52
C GLU A 57 1.15 -6.18 7.27
N VAL A 58 1.66 -5.09 6.71
CA VAL A 58 1.07 -4.49 5.52
C VAL A 58 0.92 -5.51 4.40
N PHE A 59 1.96 -6.31 4.20
CA PHE A 59 1.94 -7.34 3.17
C PHE A 59 0.80 -8.33 3.43
N THR A 60 0.58 -8.62 4.71
CA THR A 60 -0.46 -9.57 5.11
C THR A 60 -1.86 -8.96 4.93
N GLU A 61 -2.05 -7.76 5.49
CA GLU A 61 -3.34 -7.07 5.40
C GLU A 61 -3.77 -6.85 3.96
N VAL A 62 -2.85 -6.35 3.14
CA VAL A 62 -3.14 -6.10 1.73
C VAL A 62 -3.43 -7.41 1.02
N ALA A 63 -2.63 -8.43 1.32
CA ALA A 63 -2.81 -9.75 0.72
C ALA A 63 -4.18 -10.30 1.09
N ASN A 64 -4.58 -10.08 2.34
CA ASN A 64 -5.87 -10.54 2.82
C ASN A 64 -7.00 -9.93 1.99
N LEU A 65 -6.85 -8.67 1.63
CA LEU A 65 -7.84 -7.97 0.82
C LEU A 65 -7.87 -8.51 -0.60
N PHE A 66 -6.74 -8.36 -1.28
CA PHE A 66 -6.60 -8.81 -2.66
C PHE A 66 -6.46 -10.34 -2.75
N ARG A 67 -7.25 -11.06 -1.95
CA ARG A 67 -7.21 -12.51 -1.96
C ARG A 67 -7.63 -13.05 -3.32
N GLY A 68 -6.87 -13.99 -3.85
CA GLY A 68 -7.18 -14.58 -5.14
C GLY A 68 -6.73 -13.69 -6.29
N GLN A 69 -6.94 -12.39 -6.15
CA GLN A 69 -6.55 -11.42 -7.18
C GLN A 69 -5.06 -11.09 -7.05
N GLU A 70 -4.23 -12.14 -7.10
CA GLU A 70 -2.78 -11.99 -6.99
C GLU A 70 -2.20 -11.10 -8.09
N ASP A 71 -3.05 -10.67 -9.03
CA ASP A 71 -2.59 -9.83 -10.13
C ASP A 71 -2.05 -8.51 -9.57
N LEU A 72 -2.87 -7.84 -8.77
CA LEU A 72 -2.46 -6.58 -8.15
C LEU A 72 -1.44 -6.85 -7.06
N LEU A 73 -1.59 -8.00 -6.42
CA LEU A 73 -0.70 -8.42 -5.37
C LEU A 73 0.74 -8.40 -5.87
N SER A 74 0.91 -8.81 -7.12
CA SER A 74 2.20 -8.86 -7.75
C SER A 74 2.86 -7.48 -7.74
N GLU A 75 2.09 -6.45 -8.03
CA GLU A 75 2.59 -5.09 -8.04
C GLU A 75 3.09 -4.68 -6.66
N PHE A 76 2.22 -4.82 -5.67
CA PHE A 76 2.58 -4.49 -4.29
C PHE A 76 3.78 -5.29 -3.83
N GLY A 77 3.81 -6.56 -4.22
CA GLY A 77 4.88 -7.46 -3.83
C GLY A 77 6.27 -6.98 -4.22
N GLN A 78 6.45 -6.57 -5.48
CA GLN A 78 7.76 -6.12 -5.94
C GLN A 78 8.26 -4.96 -5.10
N PHE A 79 7.36 -4.08 -4.67
CA PHE A 79 7.74 -2.93 -3.85
C PHE A 79 8.42 -3.39 -2.57
N LEU A 80 7.80 -4.36 -1.90
CA LEU A 80 8.32 -4.91 -0.67
C LEU A 80 9.50 -5.85 -0.95
N PRO A 81 10.53 -5.86 -0.08
CA PRO A 81 11.71 -6.72 -0.26
C PRO A 81 11.33 -8.18 -0.42
N GLU A 82 11.98 -8.85 -1.37
CA GLU A 82 11.72 -10.27 -1.65
C GLU A 82 10.30 -10.47 -2.15
N ALA A 83 10.18 -10.98 -3.37
CA ALA A 83 8.88 -11.24 -3.98
C ALA A 83 9.04 -11.83 -5.38
N LYS A 84 8.25 -12.88 -5.67
CA LYS A 84 8.29 -13.54 -6.96
C LYS A 84 7.20 -14.59 -7.07
N ARG A 85 6.60 -14.68 -8.26
CA ARG A 85 5.53 -15.65 -8.50
C ARG A 85 6.07 -17.07 -8.53
N ASN B 1 9.80 4.71 0.50
CA ASN B 1 9.11 3.40 0.39
C ASN B 1 7.74 3.44 1.06
N ILE B 2 6.73 2.93 0.35
CA ILE B 2 5.36 2.90 0.85
C ILE B 2 4.72 4.29 0.89
N GLN B 3 5.52 5.30 1.24
CA GLN B 3 5.03 6.67 1.30
C GLN B 3 4.45 7.07 -0.05
N MET B 4 5.02 6.49 -1.11
CA MET B 4 4.57 6.77 -2.46
C MET B 4 3.10 6.39 -2.63
N LEU B 5 2.72 5.25 -2.06
CA LEU B 5 1.33 4.80 -2.14
C LEU B 5 0.42 5.66 -1.29
N LEU B 6 0.82 5.95 -0.05
CA LEU B 6 0.01 6.79 0.83
C LEU B 6 -0.22 8.14 0.16
N GLU B 7 0.83 8.67 -0.44
CA GLU B 7 0.78 9.95 -1.12
C GLU B 7 -0.11 9.83 -2.37
N ALA B 8 0.03 8.70 -3.06
CA ALA B 8 -0.74 8.44 -4.27
C ALA B 8 -2.25 8.52 -4.02
N ALA B 9 -2.69 7.89 -2.93
CA ALA B 9 -4.11 7.88 -2.57
C ALA B 9 -4.64 9.30 -2.43
N ASP B 10 -3.86 10.16 -1.77
CA ASP B 10 -4.26 11.54 -1.56
C ASP B 10 -4.40 12.27 -2.89
N TYR B 11 -3.49 11.97 -3.82
CA TYR B 11 -3.51 12.60 -5.14
C TYR B 11 -4.78 12.26 -5.91
N LEU B 12 -5.02 10.95 -6.10
CA LEU B 12 -6.19 10.49 -6.83
C LEU B 12 -7.48 10.94 -6.14
N GLU B 13 -7.56 10.72 -4.83
CA GLU B 13 -8.73 11.10 -4.06
C GLU B 13 -8.93 12.62 -4.07
N GLU A 1 5.13 11.64 -17.44
CA GLU A 1 5.38 13.05 -17.06
C GLU A 1 5.46 13.21 -15.55
N SER A 2 4.95 14.33 -15.04
CA SER A 2 4.95 14.61 -13.62
C SER A 2 6.36 14.47 -13.02
N ASP A 3 6.43 14.07 -11.76
CA ASP A 3 7.71 13.90 -11.08
C ASP A 3 8.41 12.62 -11.53
N SER A 4 9.01 11.91 -10.58
CA SER A 4 9.70 10.67 -10.88
C SER A 4 8.78 9.59 -11.38
N VAL A 5 9.35 8.69 -12.17
CA VAL A 5 8.62 7.56 -12.72
C VAL A 5 7.97 6.77 -11.61
N GLU A 6 8.66 6.68 -10.47
CA GLU A 6 8.17 5.94 -9.32
C GLU A 6 6.83 6.50 -8.84
N PHE A 7 6.70 7.83 -8.86
CA PHE A 7 5.48 8.48 -8.43
C PHE A 7 4.28 8.06 -9.26
N ASN A 8 4.38 8.25 -10.58
CA ASN A 8 3.32 7.86 -11.49
C ASN A 8 3.15 6.35 -11.50
N ASN A 9 4.26 5.65 -11.35
CA ASN A 9 4.28 4.20 -11.31
C ASN A 9 3.38 3.71 -10.19
N ALA A 10 3.40 4.44 -9.08
CA ALA A 10 2.59 4.11 -7.92
C ALA A 10 1.12 4.41 -8.18
N ILE A 11 0.87 5.55 -8.81
CA ILE A 11 -0.50 5.96 -9.13
C ILE A 11 -1.25 4.88 -9.89
N SER A 12 -0.58 4.28 -10.87
CA SER A 12 -1.20 3.24 -11.68
C SER A 12 -1.69 2.09 -10.81
N TYR A 13 -0.96 1.79 -9.74
CA TYR A 13 -1.34 0.71 -8.84
C TYR A 13 -2.63 1.06 -8.09
N VAL A 14 -2.61 2.20 -7.41
CA VAL A 14 -3.76 2.66 -6.64
C VAL A 14 -4.98 2.86 -7.54
N ASN A 15 -4.75 3.47 -8.69
CA ASN A 15 -5.81 3.75 -9.66
C ASN A 15 -6.44 2.46 -10.14
N LYS A 16 -5.61 1.55 -10.62
CA LYS A 16 -6.09 0.25 -11.12
C LYS A 16 -6.93 -0.43 -10.04
N ILE A 17 -6.50 -0.29 -8.79
CA ILE A 17 -7.22 -0.86 -7.66
C ILE A 17 -8.62 -0.27 -7.59
N LYS A 18 -8.71 1.02 -7.90
CA LYS A 18 -9.98 1.74 -7.88
C LYS A 18 -10.93 1.18 -8.93
N THR A 19 -10.45 1.09 -10.16
CA THR A 19 -11.25 0.59 -11.28
C THR A 19 -11.56 -0.90 -11.12
N ARG A 20 -10.68 -1.62 -10.47
CA ARG A 20 -10.87 -3.05 -10.26
C ARG A 20 -12.09 -3.32 -9.39
N PHE A 21 -12.05 -2.82 -8.16
CA PHE A 21 -13.14 -3.00 -7.21
C PHE A 21 -14.10 -1.82 -7.22
N LEU A 22 -14.45 -1.34 -8.41
CA LEU A 22 -15.38 -0.21 -8.53
C LEU A 22 -16.67 -0.47 -7.76
N ASP A 23 -17.11 -1.72 -7.76
CA ASP A 23 -18.33 -2.11 -7.07
C ASP A 23 -18.10 -2.17 -5.56
N HIS A 24 -16.91 -2.61 -5.15
CA HIS A 24 -16.56 -2.73 -3.76
C HIS A 24 -15.59 -1.62 -3.33
N PRO A 25 -16.10 -0.40 -3.08
CA PRO A 25 -15.28 0.74 -2.66
C PRO A 25 -14.51 0.45 -1.37
N GLU A 26 -15.12 -0.32 -0.49
CA GLU A 26 -14.50 -0.67 0.80
C GLU A 26 -13.10 -1.24 0.58
N ILE A 27 -12.91 -1.93 -0.54
CA ILE A 27 -11.62 -2.53 -0.86
C ILE A 27 -10.57 -1.45 -1.08
N TYR A 28 -10.92 -0.46 -1.89
CA TYR A 28 -10.01 0.65 -2.19
C TYR A 28 -9.59 1.38 -0.92
N ARG A 29 -10.58 1.73 -0.11
CA ARG A 29 -10.34 2.44 1.14
C ARG A 29 -9.44 1.62 2.06
N SER A 30 -9.87 0.40 2.38
CA SER A 30 -9.13 -0.49 3.27
C SER A 30 -7.64 -0.49 2.94
N PHE A 31 -7.31 -0.72 1.66
CA PHE A 31 -5.92 -0.75 1.22
C PHE A 31 -5.19 0.50 1.69
N LEU A 32 -5.82 1.65 1.49
CA LEU A 32 -5.23 2.92 1.90
C LEU A 32 -5.06 2.95 3.41
N GLU A 33 -6.04 2.41 4.11
CA GLU A 33 -6.01 2.35 5.57
C GLU A 33 -4.86 1.46 6.02
N ILE A 34 -4.52 0.47 5.20
CA ILE A 34 -3.43 -0.44 5.51
C ILE A 34 -2.11 0.32 5.55
N LEU A 35 -1.78 0.96 4.43
CA LEU A 35 -0.56 1.76 4.35
C LEU A 35 -0.59 2.82 5.44
N HIS A 36 -1.79 3.34 5.69
CA HIS A 36 -2.02 4.35 6.71
C HIS A 36 -1.66 3.83 8.10
N THR A 37 -2.15 2.63 8.42
CA THR A 37 -1.89 2.00 9.71
C THR A 37 -0.40 1.91 9.97
N TYR A 38 0.35 1.51 8.95
CA TYR A 38 1.80 1.39 9.05
C TYR A 38 2.42 2.65 9.63
N GLN A 39 1.92 3.80 9.18
CA GLN A 39 2.41 5.09 9.64
C GLN A 39 1.93 5.40 11.05
N LYS A 40 0.67 5.04 11.33
CA LYS A 40 0.08 5.29 12.64
C LYS A 40 0.86 4.54 13.73
N GLU A 41 0.97 3.23 13.57
CA GLU A 41 1.69 2.40 14.53
C GLU A 41 3.20 2.45 14.32
N GLN A 42 3.74 3.66 14.24
CA GLN A 42 5.17 3.83 14.03
C GLN A 42 5.69 5.05 14.78
N LEU A 43 5.06 6.20 14.55
CA LEU A 43 5.47 7.44 15.20
C LEU A 43 4.86 7.58 16.59
N HIS A 44 4.77 6.46 17.30
CA HIS A 44 4.23 6.43 18.65
C HIS A 44 5.11 5.56 19.52
N THR A 45 5.57 6.11 20.64
CA THR A 45 6.44 5.37 21.52
C THR A 45 6.06 5.58 22.99
N LYS A 46 5.99 4.48 23.74
CA LYS A 46 5.65 4.55 25.15
C LYS A 46 5.70 3.17 25.80
N GLY A 47 6.79 2.45 25.54
CA GLY A 47 6.95 1.12 26.10
C GLY A 47 8.27 0.49 25.71
N ARG A 48 8.26 -0.83 25.52
CA ARG A 48 9.46 -1.55 25.13
C ARG A 48 9.81 -1.28 23.67
N PRO A 49 11.10 -1.08 23.35
CA PRO A 49 11.55 -0.82 21.98
C PRO A 49 11.16 -1.94 21.02
N PHE A 50 10.54 -1.57 19.90
CA PHE A 50 10.11 -2.53 18.89
C PHE A 50 9.50 -1.82 17.70
N ARG A 51 9.79 -2.31 16.50
CA ARG A 51 9.25 -1.72 15.27
C ARG A 51 7.74 -1.65 15.32
N GLY A 52 7.15 -2.69 15.88
CA GLY A 52 5.71 -2.77 16.01
C GLY A 52 5.02 -3.14 14.72
N MET A 53 5.40 -2.48 13.65
CA MET A 53 4.81 -2.73 12.35
C MET A 53 5.71 -2.22 11.22
N SER A 54 5.62 -2.88 10.07
CA SER A 54 6.42 -2.50 8.91
C SER A 54 5.86 -3.17 7.64
N GLU A 55 6.75 -3.59 6.75
CA GLU A 55 6.34 -4.24 5.52
C GLU A 55 5.68 -5.58 5.81
N GLU A 56 6.09 -6.21 6.91
CA GLU A 56 5.56 -7.51 7.30
C GLU A 56 4.04 -7.50 7.45
N GLU A 57 3.53 -6.52 8.19
CA GLU A 57 2.09 -6.42 8.41
C GLU A 57 1.35 -5.89 7.18
N VAL A 58 1.85 -4.78 6.63
CA VAL A 58 1.23 -4.16 5.46
C VAL A 58 1.05 -5.18 4.33
N PHE A 59 2.07 -5.98 4.11
CA PHE A 59 2.00 -7.01 3.06
C PHE A 59 0.90 -8.02 3.36
N THR A 60 0.71 -8.31 4.64
CA THR A 60 -0.31 -9.27 5.06
C THR A 60 -1.71 -8.70 4.94
N GLU A 61 -1.93 -7.51 5.51
CA GLU A 61 -3.24 -6.86 5.47
C GLU A 61 -3.70 -6.66 4.02
N VAL A 62 -2.80 -6.18 3.17
CA VAL A 62 -3.13 -5.97 1.76
C VAL A 62 -3.44 -7.31 1.10
N ALA A 63 -2.63 -8.32 1.41
CA ALA A 63 -2.82 -9.66 0.86
C ALA A 63 -4.20 -10.19 1.26
N ASN A 64 -4.56 -9.95 2.52
CA ASN A 64 -5.85 -10.37 3.05
C ASN A 64 -6.98 -9.72 2.25
N LEU A 65 -6.80 -8.45 1.91
CA LEU A 65 -7.77 -7.70 1.14
C LEU A 65 -7.97 -8.31 -0.24
N PHE A 66 -6.90 -8.26 -1.03
CA PHE A 66 -6.91 -8.79 -2.39
C PHE A 66 -6.86 -10.31 -2.41
N ARG A 67 -7.62 -10.96 -1.52
CA ARG A 67 -7.64 -12.41 -1.47
C ARG A 67 -8.10 -12.97 -2.81
N GLY A 68 -7.34 -13.92 -3.34
CA GLY A 68 -7.67 -14.50 -4.62
C GLY A 68 -7.18 -13.66 -5.78
N GLN A 69 -7.36 -12.34 -5.66
CA GLN A 69 -6.93 -11.40 -6.68
C GLN A 69 -5.43 -11.11 -6.55
N GLU A 70 -4.63 -12.16 -6.46
CA GLU A 70 -3.19 -12.03 -6.31
C GLU A 70 -2.55 -11.31 -7.49
N ASP A 71 -3.36 -10.94 -8.48
CA ASP A 71 -2.85 -10.24 -9.66
C ASP A 71 -2.22 -8.91 -9.25
N LEU A 72 -2.94 -8.16 -8.44
CA LEU A 72 -2.47 -6.87 -7.96
C LEU A 72 -1.35 -7.07 -6.95
N LEU A 73 -1.47 -8.12 -6.16
CA LEU A 73 -0.52 -8.47 -5.14
C LEU A 73 0.89 -8.56 -5.72
N SER A 74 0.99 -9.13 -6.91
CA SER A 74 2.27 -9.28 -7.58
C SER A 74 2.99 -7.95 -7.71
N GLU A 75 2.23 -6.90 -8.03
CA GLU A 75 2.80 -5.57 -8.18
C GLU A 75 3.24 -5.00 -6.82
N PHE A 76 2.37 -5.14 -5.82
CA PHE A 76 2.66 -4.64 -4.48
C PHE A 76 3.96 -5.23 -3.93
N GLY A 77 4.12 -6.54 -4.10
CA GLY A 77 5.30 -7.22 -3.62
C GLY A 77 6.58 -6.65 -4.20
N GLN A 78 6.58 -6.38 -5.49
CA GLN A 78 7.76 -5.83 -6.16
C GLN A 78 8.21 -4.53 -5.50
N PHE A 79 7.26 -3.66 -5.17
CA PHE A 79 7.57 -2.39 -4.53
C PHE A 79 8.21 -2.61 -3.17
N LEU A 80 7.71 -3.57 -2.42
CA LEU A 80 8.24 -3.88 -1.10
C LEU A 80 9.67 -4.39 -1.20
N PRO A 81 10.57 -3.93 -0.30
CA PRO A 81 11.98 -4.35 -0.30
C PRO A 81 12.17 -5.74 0.29
N GLU A 82 11.36 -6.69 -0.17
CA GLU A 82 11.44 -8.07 0.31
C GLU A 82 12.81 -8.67 0.00
N ALA A 83 13.29 -8.45 -1.22
CA ALA A 83 14.58 -8.99 -1.65
C ALA A 83 14.54 -10.52 -1.73
N LYS A 84 15.24 -11.07 -2.71
CA LYS A 84 15.29 -12.52 -2.89
C LYS A 84 16.53 -12.94 -3.68
N ARG A 85 17.10 -14.07 -3.29
CA ARG A 85 18.30 -14.60 -3.95
C ARG A 85 18.57 -16.02 -3.47
N ASN B 1 10.26 4.17 0.10
CA ASN B 1 9.30 3.09 -0.25
C ASN B 1 8.00 3.21 0.54
N ILE B 2 6.91 2.77 -0.07
CA ILE B 2 5.58 2.82 0.54
C ILE B 2 5.03 4.25 0.60
N GLN B 3 5.89 5.21 0.88
CA GLN B 3 5.45 6.61 0.95
C GLN B 3 4.80 7.02 -0.37
N MET B 4 5.35 6.51 -1.47
CA MET B 4 4.85 6.81 -2.80
C MET B 4 3.41 6.32 -2.98
N LEU B 5 3.13 5.10 -2.56
CA LEU B 5 1.78 4.54 -2.67
C LEU B 5 0.83 5.25 -1.71
N LEU B 6 1.31 5.46 -0.49
CA LEU B 6 0.54 6.14 0.54
C LEU B 6 0.18 7.56 0.11
N GLU B 7 1.18 8.25 -0.44
CA GLU B 7 0.99 9.63 -0.91
C GLU B 7 0.17 9.65 -2.20
N ALA B 8 0.37 8.63 -3.03
CA ALA B 8 -0.34 8.52 -4.30
C ALA B 8 -1.84 8.60 -4.10
N ALA B 9 -2.32 7.96 -3.04
CA ALA B 9 -3.75 7.95 -2.73
C ALA B 9 -4.28 9.36 -2.53
N ASP B 10 -3.51 10.19 -1.81
CA ASP B 10 -3.92 11.56 -1.55
C ASP B 10 -4.07 12.36 -2.85
N TYR B 11 -3.04 12.29 -3.69
CA TYR B 11 -3.05 12.99 -4.97
C TYR B 11 -4.21 12.53 -5.85
N LEU B 12 -4.23 11.23 -6.10
CA LEU B 12 -5.26 10.62 -6.94
C LEU B 12 -6.66 10.91 -6.42
N GLU B 13 -6.83 10.90 -5.10
CA GLU B 13 -8.12 11.17 -4.49
C GLU B 13 -8.62 12.56 -4.86
N GLU A 1 11.39 17.55 -13.36
CA GLU A 1 12.02 17.40 -12.02
C GLU A 1 10.97 17.25 -10.93
N SER A 2 9.91 16.50 -11.23
CA SER A 2 8.83 16.28 -10.27
C SER A 2 7.97 15.10 -10.71
N ASP A 3 7.65 15.04 -11.99
CA ASP A 3 6.83 13.97 -12.55
C ASP A 3 7.65 12.70 -12.76
N SER A 4 8.40 12.30 -11.72
CA SER A 4 9.21 11.11 -11.79
C SER A 4 8.42 9.89 -12.17
N VAL A 5 9.05 9.02 -12.94
CA VAL A 5 8.44 7.79 -13.38
C VAL A 5 7.95 6.97 -12.19
N GLU A 6 8.76 6.97 -11.14
CA GLU A 6 8.43 6.23 -9.92
C GLU A 6 7.13 6.73 -9.30
N PHE A 7 6.95 8.05 -9.28
CA PHE A 7 5.75 8.64 -8.70
C PHE A 7 4.51 8.15 -9.42
N ASN A 8 4.48 8.33 -10.75
CA ASN A 8 3.36 7.88 -11.55
C ASN A 8 3.28 6.37 -11.49
N ASN A 9 4.45 5.75 -11.37
CA ASN A 9 4.56 4.30 -11.27
C ASN A 9 3.70 3.79 -10.14
N ALA A 10 3.76 4.50 -9.01
CA ALA A 10 2.98 4.15 -7.84
C ALA A 10 1.50 4.49 -8.03
N ILE A 11 1.24 5.67 -8.60
CA ILE A 11 -0.12 6.13 -8.83
C ILE A 11 -0.93 5.08 -9.58
N SER A 12 -0.36 4.55 -10.65
CA SER A 12 -1.05 3.55 -11.46
C SER A 12 -1.49 2.36 -10.61
N TYR A 13 -0.68 1.99 -9.62
CA TYR A 13 -1.02 0.89 -8.75
C TYR A 13 -2.31 1.19 -7.99
N VAL A 14 -2.34 2.37 -7.39
CA VAL A 14 -3.50 2.82 -6.62
C VAL A 14 -4.71 3.03 -7.54
N ASN A 15 -4.43 3.53 -8.73
CA ASN A 15 -5.47 3.80 -9.72
C ASN A 15 -6.13 2.51 -10.19
N LYS A 16 -5.32 1.50 -10.46
CA LYS A 16 -5.84 0.20 -10.93
C LYS A 16 -6.63 -0.48 -9.83
N ILE A 17 -6.14 -0.38 -8.59
CA ILE A 17 -6.81 -0.98 -7.45
C ILE A 17 -8.21 -0.40 -7.27
N LYS A 18 -8.30 0.93 -7.41
CA LYS A 18 -9.57 1.62 -7.27
C LYS A 18 -10.53 1.22 -8.38
N THR A 19 -10.08 1.37 -9.61
CA THR A 19 -10.89 1.04 -10.78
C THR A 19 -11.29 -0.45 -10.77
N ARG A 20 -10.44 -1.28 -10.16
CA ARG A 20 -10.71 -2.71 -10.09
C ARG A 20 -11.94 -2.99 -9.24
N PHE A 21 -11.92 -2.53 -7.99
CA PHE A 21 -13.02 -2.75 -7.07
C PHE A 21 -14.00 -1.57 -7.05
N LEU A 22 -14.32 -1.03 -8.22
CA LEU A 22 -15.26 0.09 -8.30
C LEU A 22 -16.58 -0.25 -7.62
N ASP A 23 -16.99 -1.51 -7.72
CA ASP A 23 -18.23 -1.97 -7.11
C ASP A 23 -18.06 -2.10 -5.60
N HIS A 24 -16.89 -2.58 -5.17
CA HIS A 24 -16.59 -2.76 -3.77
C HIS A 24 -15.62 -1.69 -3.26
N PRO A 25 -16.12 -0.46 -2.99
CA PRO A 25 -15.29 0.65 -2.51
C PRO A 25 -14.60 0.30 -1.19
N GLU A 26 -15.25 -0.53 -0.38
CA GLU A 26 -14.71 -0.95 0.90
C GLU A 26 -13.29 -1.49 0.75
N ILE A 27 -13.03 -2.14 -0.37
CA ILE A 27 -11.71 -2.71 -0.65
C ILE A 27 -10.67 -1.59 -0.78
N TYR A 28 -11.02 -0.58 -1.57
CA TYR A 28 -10.14 0.56 -1.80
C TYR A 28 -9.80 1.23 -0.49
N ARG A 29 -10.86 1.64 0.20
CA ARG A 29 -10.74 2.31 1.49
C ARG A 29 -9.84 1.52 2.44
N SER A 30 -10.17 0.25 2.64
CA SER A 30 -9.39 -0.62 3.52
C SER A 30 -7.91 -0.62 3.16
N PHE A 31 -7.61 -0.86 1.89
CA PHE A 31 -6.22 -0.89 1.41
C PHE A 31 -5.50 0.39 1.81
N LEU A 32 -6.10 1.53 1.49
CA LEU A 32 -5.52 2.82 1.81
C LEU A 32 -5.31 2.95 3.32
N GLU A 33 -6.26 2.40 4.08
CA GLU A 33 -6.19 2.43 5.53
C GLU A 33 -5.01 1.58 5.99
N ILE A 34 -4.71 0.53 5.23
CA ILE A 34 -3.61 -0.36 5.56
C ILE A 34 -2.30 0.40 5.55
N LEU A 35 -2.00 1.02 4.42
CA LEU A 35 -0.78 1.81 4.28
C LEU A 35 -0.79 2.93 5.31
N HIS A 36 -1.99 3.51 5.49
CA HIS A 36 -2.18 4.57 6.46
C HIS A 36 -1.86 4.08 7.86
N THR A 37 -2.23 2.83 8.14
CA THR A 37 -1.97 2.22 9.44
C THR A 37 -0.47 2.12 9.68
N TYR A 38 0.26 1.81 8.62
CA TYR A 38 1.72 1.68 8.72
C TYR A 38 2.35 2.98 9.18
N GLN A 39 2.22 4.01 8.36
CA GLN A 39 2.80 5.31 8.65
C GLN A 39 2.27 5.90 9.95
N LYS A 40 0.96 5.79 10.17
CA LYS A 40 0.34 6.32 11.37
C LYS A 40 0.97 5.68 12.61
N GLU A 41 1.13 4.36 12.58
CA GLU A 41 1.72 3.62 13.69
C GLU A 41 3.24 3.73 13.68
N GLN A 42 3.75 4.91 13.33
CA GLN A 42 5.18 5.15 13.28
C GLN A 42 5.56 6.35 14.15
N LEU A 43 4.67 7.33 14.22
CA LEU A 43 4.90 8.53 15.02
C LEU A 43 4.76 8.24 16.52
N HIS A 44 5.60 7.34 17.01
CA HIS A 44 5.56 6.96 18.42
C HIS A 44 6.96 6.60 18.93
N THR A 45 7.96 7.33 18.44
CA THR A 45 9.35 7.10 18.84
C THR A 45 9.73 5.62 18.73
N LYS A 46 10.49 5.12 19.70
CA LYS A 46 10.90 3.73 19.71
C LYS A 46 10.69 3.12 21.09
N GLY A 47 9.89 3.79 21.91
CA GLY A 47 9.61 3.29 23.25
C GLY A 47 8.72 2.06 23.23
N ARG A 48 7.71 2.08 22.37
CA ARG A 48 6.78 0.97 22.24
C ARG A 48 7.53 -0.32 21.88
N PRO A 49 7.11 -1.46 22.47
CA PRO A 49 7.74 -2.76 22.21
C PRO A 49 7.53 -3.25 20.78
N PHE A 50 8.61 -3.74 20.17
CA PHE A 50 8.56 -4.24 18.81
C PHE A 50 8.25 -3.14 17.82
N ARG A 51 8.89 -3.20 16.64
CA ARG A 51 8.68 -2.19 15.60
C ARG A 51 7.26 -2.25 15.06
N GLY A 52 6.48 -3.19 15.58
CA GLY A 52 5.10 -3.35 15.16
C GLY A 52 4.96 -3.56 13.67
N MET A 53 4.13 -2.72 13.06
CA MET A 53 3.87 -2.78 11.64
C MET A 53 5.06 -2.26 10.84
N SER A 54 5.34 -2.88 9.70
CA SER A 54 6.47 -2.45 8.87
C SER A 54 6.34 -2.95 7.44
N GLU A 55 6.39 -4.26 7.29
CA GLU A 55 6.30 -4.88 5.97
C GLU A 55 5.53 -6.19 6.06
N GLU A 56 5.78 -6.92 7.15
CA GLU A 56 5.13 -8.20 7.38
C GLU A 56 3.62 -8.02 7.47
N GLU A 57 3.19 -7.08 8.30
CA GLU A 57 1.78 -6.79 8.47
C GLU A 57 1.20 -6.07 7.27
N VAL A 58 1.95 -5.10 6.74
CA VAL A 58 1.49 -4.35 5.57
C VAL A 58 1.15 -5.30 4.43
N PHE A 59 2.04 -6.26 4.19
CA PHE A 59 1.84 -7.25 3.14
C PHE A 59 0.64 -8.14 3.45
N THR A 60 0.53 -8.54 4.71
CA THR A 60 -0.57 -9.40 5.15
C THR A 60 -1.93 -8.74 4.97
N GLU A 61 -2.03 -7.50 5.43
CA GLU A 61 -3.27 -6.74 5.34
C GLU A 61 -3.74 -6.59 3.89
N VAL A 62 -2.85 -6.12 3.03
CA VAL A 62 -3.18 -5.92 1.62
C VAL A 62 -3.47 -7.25 0.93
N ALA A 63 -2.62 -8.25 1.18
CA ALA A 63 -2.78 -9.56 0.58
C ALA A 63 -4.10 -10.21 0.99
N ASN A 64 -4.42 -10.11 2.27
CA ASN A 64 -5.66 -10.69 2.79
C ASN A 64 -6.86 -10.05 2.10
N LEU A 65 -6.76 -8.75 1.88
CA LEU A 65 -7.81 -7.99 1.22
C LEU A 65 -8.04 -8.50 -0.19
N PHE A 66 -6.99 -8.36 -1.01
CA PHE A 66 -7.04 -8.79 -2.40
C PHE A 66 -6.93 -10.31 -2.52
N ARG A 67 -7.65 -11.04 -1.67
CA ARG A 67 -7.61 -12.49 -1.71
C ARG A 67 -8.08 -13.01 -3.07
N GLY A 68 -7.36 -14.00 -3.59
CA GLY A 68 -7.70 -14.56 -4.89
C GLY A 68 -7.18 -13.71 -6.03
N GLN A 69 -7.36 -12.40 -5.91
CA GLN A 69 -6.90 -11.46 -6.93
C GLN A 69 -5.44 -11.09 -6.69
N GLU A 70 -4.59 -12.11 -6.63
CA GLU A 70 -3.16 -11.91 -6.39
C GLU A 70 -2.48 -11.17 -7.55
N ASP A 71 -3.26 -10.83 -8.58
CA ASP A 71 -2.71 -10.13 -9.72
C ASP A 71 -2.13 -8.77 -9.31
N LEU A 72 -2.87 -8.06 -8.46
CA LEU A 72 -2.43 -6.77 -7.97
C LEU A 72 -1.29 -6.94 -6.97
N LEU A 73 -1.38 -8.00 -6.18
CA LEU A 73 -0.40 -8.32 -5.18
C LEU A 73 0.99 -8.43 -5.79
N SER A 74 1.05 -8.98 -7.01
CA SER A 74 2.32 -9.13 -7.70
C SER A 74 3.07 -7.81 -7.77
N GLU A 75 2.33 -6.73 -8.03
CA GLU A 75 2.92 -5.41 -8.11
C GLU A 75 3.31 -4.90 -6.73
N PHE A 76 2.45 -5.16 -5.75
CA PHE A 76 2.70 -4.74 -4.37
C PHE A 76 4.04 -5.28 -3.86
N GLY A 77 4.29 -6.55 -4.16
CA GLY A 77 5.53 -7.19 -3.73
C GLY A 77 6.76 -6.54 -4.33
N GLN A 78 6.66 -6.09 -5.58
CA GLN A 78 7.77 -5.45 -6.26
C GLN A 78 8.36 -4.32 -5.43
N PHE A 79 7.49 -3.46 -4.91
CA PHE A 79 7.92 -2.34 -4.08
C PHE A 79 8.48 -2.83 -2.75
N LEU A 80 7.78 -3.78 -2.14
CA LEU A 80 8.20 -4.34 -0.86
C LEU A 80 9.55 -5.05 -1.00
N PRO A 81 10.54 -4.67 -0.16
CA PRO A 81 11.87 -5.29 -0.20
C PRO A 81 11.84 -6.74 0.29
N GLU A 82 12.24 -7.66 -0.58
CA GLU A 82 12.26 -9.08 -0.24
C GLU A 82 12.75 -9.92 -1.43
N ALA A 83 12.17 -9.66 -2.60
CA ALA A 83 12.53 -10.38 -3.82
C ALA A 83 12.36 -11.89 -3.63
N LYS A 84 13.25 -12.67 -4.23
CA LYS A 84 13.20 -14.13 -4.14
C LYS A 84 11.94 -14.68 -4.78
N ARG A 85 12.08 -15.82 -5.46
CA ARG A 85 10.95 -16.46 -6.13
C ARG A 85 9.82 -16.75 -5.15
N ASN B 1 9.13 4.08 -1.42
CA ASN B 1 8.56 2.81 -0.94
C ASN B 1 7.08 2.96 -0.56
N ILE B 2 6.68 2.44 0.59
CA ILE B 2 5.29 2.53 1.03
C ILE B 2 4.81 3.98 1.02
N GLN B 3 5.72 4.89 1.35
CA GLN B 3 5.41 6.32 1.37
C GLN B 3 4.86 6.76 0.02
N MET B 4 5.43 6.24 -1.05
CA MET B 4 5.00 6.60 -2.40
C MET B 4 3.57 6.14 -2.67
N LEU B 5 3.26 4.90 -2.34
CA LEU B 5 1.91 4.36 -2.56
C LEU B 5 0.91 5.07 -1.66
N LEU B 6 1.28 5.22 -0.39
CA LEU B 6 0.43 5.89 0.60
C LEU B 6 0.13 7.32 0.15
N GLU B 7 1.18 8.03 -0.23
CA GLU B 7 1.05 9.41 -0.69
C GLU B 7 0.22 9.46 -1.97
N ALA B 8 0.40 8.45 -2.81
CA ALA B 8 -0.33 8.36 -4.08
C ALA B 8 -1.84 8.41 -3.86
N ALA B 9 -2.32 7.56 -2.96
CA ALA B 9 -3.75 7.51 -2.66
C ALA B 9 -4.33 8.90 -2.46
N ASP B 10 -3.62 9.73 -1.70
CA ASP B 10 -4.06 11.11 -1.46
C ASP B 10 -4.16 11.88 -2.77
N TYR B 11 -3.19 11.65 -3.65
CA TYR B 11 -3.15 12.31 -4.95
C TYR B 11 -4.40 12.00 -5.77
N LEU B 12 -4.70 10.71 -5.90
CA LEU B 12 -5.86 10.27 -6.68
C LEU B 12 -7.17 10.78 -6.09
N GLU B 13 -7.35 10.61 -4.79
CA GLU B 13 -8.57 11.05 -4.12
C GLU B 13 -8.66 12.58 -4.12
N GLU A 1 2.43 16.26 -16.24
CA GLU A 1 1.88 15.45 -15.12
C GLU A 1 2.94 15.24 -14.04
N SER A 2 2.99 14.02 -13.49
CA SER A 2 3.96 13.70 -12.45
C SER A 2 5.38 13.80 -12.99
N ASP A 3 6.27 14.42 -12.21
CA ASP A 3 7.66 14.59 -12.62
C ASP A 3 8.39 13.25 -12.63
N SER A 4 8.57 12.67 -11.45
CA SER A 4 9.24 11.39 -11.31
C SER A 4 8.42 10.26 -11.88
N VAL A 5 9.09 9.34 -12.55
CA VAL A 5 8.43 8.18 -13.14
C VAL A 5 7.86 7.30 -12.04
N GLU A 6 8.65 7.09 -11.00
CA GLU A 6 8.24 6.25 -9.87
C GLU A 6 6.96 6.76 -9.21
N PHE A 7 6.84 8.09 -9.10
CA PHE A 7 5.66 8.69 -8.49
C PHE A 7 4.40 8.29 -9.24
N ASN A 8 4.37 8.58 -10.55
CA ASN A 8 3.24 8.23 -11.38
C ASN A 8 3.12 6.72 -11.45
N ASN A 9 4.27 6.07 -11.39
CA ASN A 9 4.36 4.62 -11.42
C ASN A 9 3.50 4.03 -10.31
N ALA A 10 3.59 4.64 -9.13
CA ALA A 10 2.82 4.21 -7.98
C ALA A 10 1.35 4.58 -8.15
N ILE A 11 1.11 5.79 -8.67
CA ILE A 11 -0.25 6.28 -8.87
C ILE A 11 -1.07 5.28 -9.68
N SER A 12 -0.48 4.75 -10.75
CA SER A 12 -1.17 3.80 -11.61
C SER A 12 -1.63 2.59 -10.82
N TYR A 13 -0.83 2.17 -9.82
CA TYR A 13 -1.20 1.03 -9.01
C TYR A 13 -2.49 1.32 -8.25
N VAL A 14 -2.49 2.46 -7.56
CA VAL A 14 -3.67 2.89 -6.81
C VAL A 14 -4.86 3.11 -7.74
N ASN A 15 -4.57 3.72 -8.88
CA ASN A 15 -5.58 4.02 -9.90
C ASN A 15 -6.24 2.75 -10.41
N LYS A 16 -5.43 1.73 -10.69
CA LYS A 16 -5.94 0.46 -11.20
C LYS A 16 -6.75 -0.26 -10.12
N ILE A 17 -6.27 -0.20 -8.88
CA ILE A 17 -6.95 -0.83 -7.76
C ILE A 17 -8.35 -0.23 -7.60
N LYS A 18 -8.44 1.09 -7.75
CA LYS A 18 -9.70 1.80 -7.64
C LYS A 18 -10.67 1.34 -8.72
N THR A 19 -10.23 1.46 -9.97
CA THR A 19 -11.04 1.09 -11.12
C THR A 19 -11.39 -0.39 -11.11
N ARG A 20 -10.50 -1.20 -10.54
CA ARG A 20 -10.73 -2.64 -10.48
C ARG A 20 -11.92 -2.99 -9.61
N PHE A 21 -11.87 -2.60 -8.34
CA PHE A 21 -12.95 -2.89 -7.41
C PHE A 21 -13.95 -1.74 -7.34
N LEU A 22 -14.30 -1.15 -8.49
CA LEU A 22 -15.27 -0.07 -8.53
C LEU A 22 -16.57 -0.47 -7.82
N ASP A 23 -16.93 -1.74 -7.96
CA ASP A 23 -18.14 -2.26 -7.34
C ASP A 23 -17.96 -2.44 -5.84
N HIS A 24 -16.77 -2.88 -5.44
CA HIS A 24 -16.46 -3.09 -4.04
C HIS A 24 -15.53 -2.00 -3.49
N PRO A 25 -16.08 -0.81 -3.17
CA PRO A 25 -15.29 0.31 -2.64
C PRO A 25 -14.58 -0.04 -1.34
N GLU A 26 -15.24 -0.85 -0.51
CA GLU A 26 -14.68 -1.26 0.78
C GLU A 26 -13.27 -1.80 0.62
N ILE A 27 -13.00 -2.41 -0.54
CA ILE A 27 -11.69 -2.99 -0.82
C ILE A 27 -10.64 -1.88 -0.88
N TYR A 28 -10.95 -0.82 -1.62
CA TYR A 28 -10.04 0.31 -1.78
C TYR A 28 -9.78 1.00 -0.44
N ARG A 29 -10.86 1.28 0.29
CA ARG A 29 -10.76 1.94 1.58
C ARG A 29 -9.84 1.19 2.53
N SER A 30 -10.13 -0.09 2.73
CA SER A 30 -9.32 -0.93 3.61
C SER A 30 -7.85 -0.88 3.22
N PHE A 31 -7.58 -0.97 1.92
CA PHE A 31 -6.21 -0.91 1.42
C PHE A 31 -5.51 0.35 1.89
N LEU A 32 -6.20 1.49 1.77
CA LEU A 32 -5.65 2.77 2.17
C LEU A 32 -5.35 2.83 3.66
N GLU A 33 -6.30 2.39 4.48
CA GLU A 33 -6.11 2.41 5.93
C GLU A 33 -4.95 1.50 6.32
N ILE A 34 -4.65 0.51 5.48
CA ILE A 34 -3.53 -0.39 5.75
C ILE A 34 -2.22 0.38 5.65
N LEU A 35 -1.98 0.99 4.49
CA LEU A 35 -0.77 1.79 4.28
C LEU A 35 -0.73 2.91 5.31
N HIS A 36 -1.90 3.49 5.56
CA HIS A 36 -2.04 4.57 6.53
C HIS A 36 -1.66 4.11 7.94
N THR A 37 -2.21 2.98 8.35
CA THR A 37 -1.93 2.41 9.66
C THR A 37 -0.44 2.30 9.90
N TYR A 38 0.29 1.87 8.88
CA TYR A 38 1.73 1.73 8.97
C TYR A 38 2.39 3.04 9.42
N GLN A 39 1.93 4.15 8.84
CA GLN A 39 2.47 5.45 9.17
C GLN A 39 2.02 5.94 10.55
N LYS A 40 0.77 5.67 10.89
CA LYS A 40 0.22 6.09 12.18
C LYS A 40 1.05 5.54 13.34
N GLU A 41 1.02 4.23 13.51
CA GLU A 41 1.76 3.57 14.59
C GLU A 41 3.24 3.38 14.20
N GLN A 42 3.81 4.36 13.50
CA GLN A 42 5.20 4.29 13.09
C GLN A 42 6.11 5.01 14.08
N LEU A 43 5.69 6.19 14.50
CA LEU A 43 6.47 7.00 15.44
C LEU A 43 6.85 6.19 16.69
N HIS A 44 5.88 5.49 17.26
CA HIS A 44 6.11 4.68 18.44
C HIS A 44 4.85 3.91 18.82
N THR A 45 4.22 3.29 17.83
CA THR A 45 3.00 2.50 18.02
C THR A 45 1.88 3.32 18.65
N LYS A 46 0.70 3.26 18.04
CA LYS A 46 -0.47 4.00 18.54
C LYS A 46 -1.75 3.21 18.25
N GLY A 47 -2.64 3.17 19.24
CA GLY A 47 -3.89 2.45 19.07
C GLY A 47 -3.71 0.95 19.03
N ARG A 48 -3.80 0.38 17.83
CA ARG A 48 -3.65 -1.06 17.65
C ARG A 48 -2.37 -1.58 18.31
N PRO A 49 -2.46 -2.76 18.96
CA PRO A 49 -1.31 -3.39 19.63
C PRO A 49 -0.18 -3.75 18.67
N PHE A 50 0.62 -4.75 19.06
CA PHE A 50 1.75 -5.21 18.25
C PHE A 50 2.97 -4.34 18.49
N ARG A 51 4.15 -4.98 18.52
CA ARG A 51 5.41 -4.28 18.78
C ARG A 51 5.89 -3.53 17.55
N GLY A 52 5.02 -2.72 17.00
CA GLY A 52 5.35 -1.92 15.83
C GLY A 52 5.08 -2.63 14.52
N MET A 53 4.26 -2.00 13.69
CA MET A 53 3.91 -2.52 12.38
C MET A 53 4.93 -2.09 11.33
N SER A 54 5.20 -2.96 10.36
CA SER A 54 6.17 -2.65 9.32
C SER A 54 5.75 -3.28 7.99
N GLU A 55 6.74 -3.54 7.13
CA GLU A 55 6.47 -4.13 5.82
C GLU A 55 5.76 -5.48 5.96
N GLU A 56 6.16 -6.26 6.97
CA GLU A 56 5.58 -7.57 7.19
C GLU A 56 4.06 -7.48 7.39
N GLU A 57 3.63 -6.53 8.22
CA GLU A 57 2.21 -6.36 8.49
C GLU A 57 1.47 -5.74 7.30
N VAL A 58 2.06 -4.70 6.70
CA VAL A 58 1.44 -4.03 5.55
C VAL A 58 1.09 -5.04 4.47
N PHE A 59 2.03 -5.91 4.15
CA PHE A 59 1.81 -6.94 3.13
C PHE A 59 0.72 -7.90 3.56
N THR A 60 0.62 -8.14 4.87
CA THR A 60 -0.38 -9.06 5.40
C THR A 60 -1.80 -8.54 5.20
N GLU A 61 -2.08 -7.35 5.73
CA GLU A 61 -3.41 -6.75 5.62
C GLU A 61 -3.83 -6.60 4.16
N VAL A 62 -2.92 -6.12 3.32
CA VAL A 62 -3.21 -5.94 1.90
C VAL A 62 -3.47 -7.28 1.23
N ALA A 63 -2.65 -8.27 1.56
CA ALA A 63 -2.81 -9.61 1.00
C ALA A 63 -4.16 -10.19 1.38
N ASN A 64 -4.56 -9.97 2.63
CA ASN A 64 -5.85 -10.44 3.12
C ASN A 64 -6.98 -9.86 2.28
N LEU A 65 -6.83 -8.59 1.91
CA LEU A 65 -7.82 -7.91 1.07
C LEU A 65 -7.84 -8.51 -0.32
N PHE A 66 -6.69 -8.43 -0.97
CA PHE A 66 -6.52 -8.93 -2.33
C PHE A 66 -6.54 -10.46 -2.40
N ARG A 67 -7.36 -11.09 -1.56
CA ARG A 67 -7.45 -12.54 -1.56
C ARG A 67 -7.98 -13.02 -2.90
N GLY A 68 -7.18 -13.83 -3.61
CA GLY A 68 -7.58 -14.33 -4.90
C GLY A 68 -7.12 -13.42 -6.03
N GLN A 69 -7.21 -12.10 -5.80
CA GLN A 69 -6.79 -11.13 -6.81
C GLN A 69 -5.28 -10.89 -6.73
N GLU A 70 -4.52 -11.98 -6.77
CA GLU A 70 -3.06 -11.91 -6.68
C GLU A 70 -2.45 -11.10 -7.82
N ASP A 71 -3.27 -10.69 -8.79
CA ASP A 71 -2.79 -9.90 -9.91
C ASP A 71 -2.26 -8.55 -9.44
N LEU A 72 -3.05 -7.86 -8.63
CA LEU A 72 -2.64 -6.56 -8.09
C LEU A 72 -1.58 -6.78 -7.03
N LEU A 73 -1.83 -7.76 -6.18
CA LEU A 73 -0.92 -8.11 -5.11
C LEU A 73 0.49 -8.35 -5.62
N SER A 74 0.59 -8.93 -6.81
CA SER A 74 1.89 -9.20 -7.41
C SER A 74 2.71 -7.92 -7.53
N GLU A 75 2.07 -6.84 -7.96
CA GLU A 75 2.74 -5.55 -8.10
C GLU A 75 3.13 -5.02 -6.73
N PHE A 76 2.23 -5.15 -5.76
CA PHE A 76 2.50 -4.68 -4.40
C PHE A 76 3.75 -5.35 -3.83
N GLY A 77 3.84 -6.66 -4.04
CA GLY A 77 4.98 -7.42 -3.54
C GLY A 77 6.29 -6.98 -4.16
N GLN A 78 6.26 -6.62 -5.44
CA GLN A 78 7.46 -6.19 -6.15
C GLN A 78 8.17 -5.07 -5.40
N PHE A 79 7.41 -4.06 -4.97
CA PHE A 79 7.99 -2.94 -4.23
C PHE A 79 8.53 -3.39 -2.88
N LEU A 80 7.73 -4.20 -2.18
CA LEU A 80 8.11 -4.72 -0.87
C LEU A 80 9.32 -5.66 -1.00
N PRO A 81 10.33 -5.49 -0.13
CA PRO A 81 11.53 -6.35 -0.15
C PRO A 81 11.23 -7.77 0.31
N GLU A 82 11.54 -8.75 -0.53
CA GLU A 82 11.31 -10.15 -0.21
C GLU A 82 12.46 -10.70 0.62
N ALA A 83 12.83 -9.99 1.68
CA ALA A 83 13.92 -10.40 2.55
C ALA A 83 13.57 -11.67 3.32
N LYS A 84 13.97 -11.72 4.60
CA LYS A 84 13.71 -12.88 5.44
C LYS A 84 12.21 -13.12 5.59
N ARG A 85 11.82 -14.40 5.63
CA ARG A 85 10.42 -14.77 5.78
C ARG A 85 9.80 -14.12 7.01
N ASN B 1 9.77 2.67 -0.79
CA ASN B 1 8.49 1.95 -1.05
C ASN B 1 7.44 2.28 0.00
N ILE B 2 6.17 2.13 -0.38
CA ILE B 2 5.04 2.41 0.51
C ILE B 2 4.85 3.91 0.69
N GLN B 3 5.95 4.65 0.75
CA GLN B 3 5.90 6.10 0.89
C GLN B 3 5.25 6.72 -0.34
N MET B 4 5.68 6.27 -1.50
CA MET B 4 5.14 6.76 -2.77
C MET B 4 3.73 6.24 -3.00
N LEU B 5 3.52 4.96 -2.69
CA LEU B 5 2.20 4.35 -2.87
C LEU B 5 1.16 4.99 -1.96
N LEU B 6 1.53 5.14 -0.69
CA LEU B 6 0.64 5.76 0.29
C LEU B 6 0.33 7.19 -0.12
N GLU B 7 1.37 7.91 -0.53
CA GLU B 7 1.21 9.29 -0.98
C GLU B 7 0.35 9.35 -2.24
N ALA B 8 0.46 8.31 -3.06
CA ALA B 8 -0.31 8.22 -4.30
C ALA B 8 -1.81 8.32 -4.04
N ALA B 9 -2.28 7.61 -3.02
CA ALA B 9 -3.69 7.61 -2.68
C ALA B 9 -4.20 9.03 -2.45
N ASP B 10 -3.44 9.81 -1.69
CA ASP B 10 -3.80 11.19 -1.40
C ASP B 10 -3.90 12.00 -2.69
N TYR B 11 -3.03 11.68 -3.64
CA TYR B 11 -3.00 12.36 -4.92
C TYR B 11 -4.28 12.10 -5.71
N LEU B 12 -4.68 10.83 -5.78
CA LEU B 12 -5.88 10.44 -6.51
C LEU B 12 -7.15 10.80 -5.74
N GLU B 13 -7.05 11.77 -4.84
CA GLU B 13 -8.19 12.21 -4.04
C GLU B 13 -9.26 12.82 -4.93
#